data_6X4O
# 
_entry.id   6X4O 
# 
_audit_conform.dict_name       mmcif_pdbx.dic 
_audit_conform.dict_version    5.380 
_audit_conform.dict_location   http://mmcif.pdb.org/dictionaries/ascii/mmcif_pdbx.dic 
# 
loop_
_database_2.database_id 
_database_2.database_code 
_database_2.pdbx_database_accession 
_database_2.pdbx_DOI 
PDB   6X4O         pdb_00006x4o 10.2210/pdb6x4o/pdb 
WWPDB D_1000249575 ?            ?                   
# 
_pdbx_database_status.status_code                     REL 
_pdbx_database_status.status_code_sf                  REL 
_pdbx_database_status.status_code_mr                  ? 
_pdbx_database_status.entry_id                        6X4O 
_pdbx_database_status.recvd_initial_deposition_date   2020-05-22 
_pdbx_database_status.SG_entry                        N 
_pdbx_database_status.deposit_site                    RCSB 
_pdbx_database_status.process_site                    RCSB 
_pdbx_database_status.status_code_cs                  ? 
_pdbx_database_status.status_code_nmr_data            ? 
_pdbx_database_status.methods_development_category    ? 
_pdbx_database_status.pdb_format_compatible           Y 
# 
loop_
_audit_author.name 
_audit_author.pdbx_ordinal 
_audit_author.identifier_ORCID 
'Appleby, T.C.'  1 ? 
'Paulsen, J.L.'  2 ? 
'Schmitz, U.'    3 ? 
'Shivakumar, D.' 4 ? 
# 
_citation.abstract                  ? 
_citation.abstract_id_CAS           ? 
_citation.book_id_ISBN              ? 
_citation.book_publisher            ? 
_citation.book_publisher_city       ? 
_citation.book_title                ? 
_citation.coordinate_linkage        ? 
_citation.country                   US 
_citation.database_id_Medline       ? 
_citation.details                   ? 
_citation.id                        primary 
_citation.journal_abbrev            J.Chem.Inf.Model. 
_citation.journal_id_ASTM           ? 
_citation.journal_id_CSD            ? 
_citation.journal_id_ISSN           1549-960X 
_citation.journal_full              ? 
_citation.journal_issue             ? 
_citation.journal_volume            60 
_citation.language                  ? 
_citation.page_first                3489 
_citation.page_last                 3498 
_citation.title                     'Evaluation of Free Energy Calculations for the Prioritization of Macrocycle Synthesis.' 
_citation.year                      2020 
_citation.database_id_CSD           ? 
_citation.pdbx_database_id_DOI      10.1021/acs.jcim.0c00132 
_citation.pdbx_database_id_PubMed   32539379 
_citation.unpublished_flag          ? 
# 
loop_
_citation_author.citation_id 
_citation_author.name 
_citation_author.ordinal 
_citation_author.identifier_ORCID 
primary 'Paulsen, J.L.'    1 0000-0003-3169-356X 
primary 'Yu, H.S.'         2 ?                   
primary 'Sindhikara, D.'   3 ?                   
primary 'Wang, L.'         4 0000-0002-8170-6798 
primary 'Appleby, T.'      5 ?                   
primary 'Villasenor, A.G.' 6 ?                   
primary 'Schmitz, U.'      7 ?                   
primary 'Shivakumar, D.'   8 ?                   
# 
_cell.angle_alpha                  90.000 
_cell.angle_alpha_esd              ? 
_cell.angle_beta                   90.000 
_cell.angle_beta_esd               ? 
_cell.angle_gamma                  90.000 
_cell.angle_gamma_esd              ? 
_cell.entry_id                     6X4O 
_cell.details                      ? 
_cell.formula_units_Z              ? 
_cell.length_a                     43.216 
_cell.length_a_esd                 ? 
_cell.length_b                     51.893 
_cell.length_b_esd                 ? 
_cell.length_c                     89.260 
_cell.length_c_esd                 ? 
_cell.volume                       200175.180 
_cell.volume_esd                   ? 
_cell.Z_PDB                        4 
_cell.reciprocal_angle_alpha       ? 
_cell.reciprocal_angle_beta        ? 
_cell.reciprocal_angle_gamma       ? 
_cell.reciprocal_angle_alpha_esd   ? 
_cell.reciprocal_angle_beta_esd    ? 
_cell.reciprocal_angle_gamma_esd   ? 
_cell.reciprocal_length_a          ? 
_cell.reciprocal_length_b          ? 
_cell.reciprocal_length_c          ? 
_cell.reciprocal_length_a_esd      ? 
_cell.reciprocal_length_b_esd      ? 
_cell.reciprocal_length_c_esd      ? 
_cell.pdbx_unique_axis             ? 
# 
_symmetry.entry_id                         6X4O 
_symmetry.cell_setting                     ? 
_symmetry.Int_Tables_number                19 
_symmetry.space_group_name_Hall            'P 2ac 2ab' 
_symmetry.space_group_name_H-M             'P 21 21 21' 
_symmetry.pdbx_full_space_group_name_H-M   ? 
# 
loop_
_entity.id 
_entity.type 
_entity.src_method 
_entity.pdbx_description 
_entity.formula_weight 
_entity.pdbx_number_of_molecules 
_entity.pdbx_ec 
_entity.pdbx_mutation 
_entity.pdbx_fragment 
_entity.details 
1 polymer     man 'Peptidyl-prolyl cis-trans isomerase A' 18231.701 1   5.2.1.8 ? ? ? 
2 non-polymer syn 
;(2R,5S,11S,14S,18E)-2,11-dimethyl-14-(propan-2-yl)-3-oxa-9,12,15,21,29-pentaazatetracyclo[18.5.3.1~5,9~.0~23,27~]nonacosa-1(26),18,20,22,24,27-hexaene-4,10,13,16-tetrone
;
521.608   1   ?       ? ? ? 
3 water       nat water 18.015    205 ?       ? ? ? 
# 
_entity_name_com.entity_id   1 
_entity_name_com.name        'PPIase A,Cyclophilin A,Cyclosporin A-binding protein,Rotamase A' 
# 
_entity_poly.entity_id                      1 
_entity_poly.type                           'polypeptide(L)' 
_entity_poly.nstd_linkage                   no 
_entity_poly.nstd_monomer                   no 
_entity_poly.pdbx_seq_one_letter_code       
;GHMVNPTVFFDIAVDGEPLGRVSFELFADKVPKTAENFRALSTGEKGFGYKGSCFHRIIPGFMCQGGDFTRHNGTGGKSI
YGEKFEDENFILKHTGPGILSMANAGPNTNGSQFFICTAKTEWLDGKHVVFGKVKEGMNIVEAMERFGSRNGKTSKKITI
ADCGQLE
;
_entity_poly.pdbx_seq_one_letter_code_can   
;GHMVNPTVFFDIAVDGEPLGRVSFELFADKVPKTAENFRALSTGEKGFGYKGSCFHRIIPGFMCQGGDFTRHNGTGGKSI
YGEKFEDENFILKHTGPGILSMANAGPNTNGSQFFICTAKTEWLDGKHVVFGKVKEGMNIVEAMERFGSRNGKTSKKITI
ADCGQLE
;
_entity_poly.pdbx_strand_id                 A 
_entity_poly.pdbx_target_identifier         ? 
# 
loop_
_entity_poly_seq.entity_id 
_entity_poly_seq.num 
_entity_poly_seq.mon_id 
_entity_poly_seq.hetero 
1 1   GLY n 
1 2   HIS n 
1 3   MET n 
1 4   VAL n 
1 5   ASN n 
1 6   PRO n 
1 7   THR n 
1 8   VAL n 
1 9   PHE n 
1 10  PHE n 
1 11  ASP n 
1 12  ILE n 
1 13  ALA n 
1 14  VAL n 
1 15  ASP n 
1 16  GLY n 
1 17  GLU n 
1 18  PRO n 
1 19  LEU n 
1 20  GLY n 
1 21  ARG n 
1 22  VAL n 
1 23  SER n 
1 24  PHE n 
1 25  GLU n 
1 26  LEU n 
1 27  PHE n 
1 28  ALA n 
1 29  ASP n 
1 30  LYS n 
1 31  VAL n 
1 32  PRO n 
1 33  LYS n 
1 34  THR n 
1 35  ALA n 
1 36  GLU n 
1 37  ASN n 
1 38  PHE n 
1 39  ARG n 
1 40  ALA n 
1 41  LEU n 
1 42  SER n 
1 43  THR n 
1 44  GLY n 
1 45  GLU n 
1 46  LYS n 
1 47  GLY n 
1 48  PHE n 
1 49  GLY n 
1 50  TYR n 
1 51  LYS n 
1 52  GLY n 
1 53  SER n 
1 54  CYS n 
1 55  PHE n 
1 56  HIS n 
1 57  ARG n 
1 58  ILE n 
1 59  ILE n 
1 60  PRO n 
1 61  GLY n 
1 62  PHE n 
1 63  MET n 
1 64  CYS n 
1 65  GLN n 
1 66  GLY n 
1 67  GLY n 
1 68  ASP n 
1 69  PHE n 
1 70  THR n 
1 71  ARG n 
1 72  HIS n 
1 73  ASN n 
1 74  GLY n 
1 75  THR n 
1 76  GLY n 
1 77  GLY n 
1 78  LYS n 
1 79  SER n 
1 80  ILE n 
1 81  TYR n 
1 82  GLY n 
1 83  GLU n 
1 84  LYS n 
1 85  PHE n 
1 86  GLU n 
1 87  ASP n 
1 88  GLU n 
1 89  ASN n 
1 90  PHE n 
1 91  ILE n 
1 92  LEU n 
1 93  LYS n 
1 94  HIS n 
1 95  THR n 
1 96  GLY n 
1 97  PRO n 
1 98  GLY n 
1 99  ILE n 
1 100 LEU n 
1 101 SER n 
1 102 MET n 
1 103 ALA n 
1 104 ASN n 
1 105 ALA n 
1 106 GLY n 
1 107 PRO n 
1 108 ASN n 
1 109 THR n 
1 110 ASN n 
1 111 GLY n 
1 112 SER n 
1 113 GLN n 
1 114 PHE n 
1 115 PHE n 
1 116 ILE n 
1 117 CYS n 
1 118 THR n 
1 119 ALA n 
1 120 LYS n 
1 121 THR n 
1 122 GLU n 
1 123 TRP n 
1 124 LEU n 
1 125 ASP n 
1 126 GLY n 
1 127 LYS n 
1 128 HIS n 
1 129 VAL n 
1 130 VAL n 
1 131 PHE n 
1 132 GLY n 
1 133 LYS n 
1 134 VAL n 
1 135 LYS n 
1 136 GLU n 
1 137 GLY n 
1 138 MET n 
1 139 ASN n 
1 140 ILE n 
1 141 VAL n 
1 142 GLU n 
1 143 ALA n 
1 144 MET n 
1 145 GLU n 
1 146 ARG n 
1 147 PHE n 
1 148 GLY n 
1 149 SER n 
1 150 ARG n 
1 151 ASN n 
1 152 GLY n 
1 153 LYS n 
1 154 THR n 
1 155 SER n 
1 156 LYS n 
1 157 LYS n 
1 158 ILE n 
1 159 THR n 
1 160 ILE n 
1 161 ALA n 
1 162 ASP n 
1 163 CYS n 
1 164 GLY n 
1 165 GLN n 
1 166 LEU n 
1 167 GLU n 
# 
_entity_src_gen.entity_id                          1 
_entity_src_gen.pdbx_src_id                        1 
_entity_src_gen.pdbx_alt_source_flag               sample 
_entity_src_gen.pdbx_seq_type                      'Biological sequence' 
_entity_src_gen.pdbx_beg_seq_num                   1 
_entity_src_gen.pdbx_end_seq_num                   167 
_entity_src_gen.gene_src_common_name               Human 
_entity_src_gen.gene_src_genus                     ? 
_entity_src_gen.pdbx_gene_src_gene                 'PPIA, CYPA' 
_entity_src_gen.gene_src_species                   ? 
_entity_src_gen.gene_src_strain                    ? 
_entity_src_gen.gene_src_tissue                    ? 
_entity_src_gen.gene_src_tissue_fraction           ? 
_entity_src_gen.gene_src_details                   ? 
_entity_src_gen.pdbx_gene_src_fragment             ? 
_entity_src_gen.pdbx_gene_src_scientific_name      'Homo sapiens' 
_entity_src_gen.pdbx_gene_src_ncbi_taxonomy_id     9606 
_entity_src_gen.pdbx_gene_src_variant              ? 
_entity_src_gen.pdbx_gene_src_cell_line            ? 
_entity_src_gen.pdbx_gene_src_atcc                 ? 
_entity_src_gen.pdbx_gene_src_organ                ? 
_entity_src_gen.pdbx_gene_src_organelle            ? 
_entity_src_gen.pdbx_gene_src_cell                 ? 
_entity_src_gen.pdbx_gene_src_cellular_location    ? 
_entity_src_gen.host_org_common_name               ? 
_entity_src_gen.pdbx_host_org_scientific_name      'Escherichia coli' 
_entity_src_gen.pdbx_host_org_ncbi_taxonomy_id     562 
_entity_src_gen.host_org_genus                     ? 
_entity_src_gen.pdbx_host_org_gene                 ? 
_entity_src_gen.pdbx_host_org_organ                ? 
_entity_src_gen.host_org_species                   ? 
_entity_src_gen.pdbx_host_org_tissue               ? 
_entity_src_gen.pdbx_host_org_tissue_fraction      ? 
_entity_src_gen.pdbx_host_org_strain               ? 
_entity_src_gen.pdbx_host_org_variant              ? 
_entity_src_gen.pdbx_host_org_cell_line            ? 
_entity_src_gen.pdbx_host_org_atcc                 ? 
_entity_src_gen.pdbx_host_org_culture_collection   ? 
_entity_src_gen.pdbx_host_org_cell                 ? 
_entity_src_gen.pdbx_host_org_organelle            ? 
_entity_src_gen.pdbx_host_org_cellular_location    ? 
_entity_src_gen.pdbx_host_org_vector_type          ? 
_entity_src_gen.pdbx_host_org_vector               ? 
_entity_src_gen.host_org_details                   ? 
_entity_src_gen.expression_system_id               ? 
_entity_src_gen.plasmid_name                       ? 
_entity_src_gen.plasmid_details                    ? 
_entity_src_gen.pdbx_description                   ? 
# 
_struct_ref.id                         1 
_struct_ref.db_name                    UNP 
_struct_ref.db_code                    PPIA_HUMAN 
_struct_ref.pdbx_db_accession          P62937 
_struct_ref.pdbx_db_isoform            ? 
_struct_ref.entity_id                  1 
_struct_ref.pdbx_seq_one_letter_code   
;MVNPTVFFDIAVDGEPLGRVSFELFADKVPKTAENFRALSTGEKGFGYKGSCFHRIIPGFMCQGGDFTRHNGTGGKSIYG
EKFEDENFILKHTGPGILSMANAGPNTNGSQFFICTAKTEWLDGKHVVFGKVKEGMNIVEAMERFGSRNGKTSKKITIAD
CGQLE
;
_struct_ref.pdbx_align_begin           1 
# 
_struct_ref_seq.align_id                      1 
_struct_ref_seq.ref_id                        1 
_struct_ref_seq.pdbx_PDB_id_code              6X4O 
_struct_ref_seq.pdbx_strand_id                A 
_struct_ref_seq.seq_align_beg                 3 
_struct_ref_seq.pdbx_seq_align_beg_ins_code   ? 
_struct_ref_seq.seq_align_end                 167 
_struct_ref_seq.pdbx_seq_align_end_ins_code   ? 
_struct_ref_seq.pdbx_db_accession             P62937 
_struct_ref_seq.db_align_beg                  1 
_struct_ref_seq.pdbx_db_align_beg_ins_code    ? 
_struct_ref_seq.db_align_end                  165 
_struct_ref_seq.pdbx_db_align_end_ins_code    ? 
_struct_ref_seq.pdbx_auth_seq_align_beg       1 
_struct_ref_seq.pdbx_auth_seq_align_end       165 
# 
loop_
_struct_ref_seq_dif.align_id 
_struct_ref_seq_dif.pdbx_pdb_id_code 
_struct_ref_seq_dif.mon_id 
_struct_ref_seq_dif.pdbx_pdb_strand_id 
_struct_ref_seq_dif.seq_num 
_struct_ref_seq_dif.pdbx_pdb_ins_code 
_struct_ref_seq_dif.pdbx_seq_db_name 
_struct_ref_seq_dif.pdbx_seq_db_accession_code 
_struct_ref_seq_dif.db_mon_id 
_struct_ref_seq_dif.pdbx_seq_db_seq_num 
_struct_ref_seq_dif.details 
_struct_ref_seq_dif.pdbx_auth_seq_num 
_struct_ref_seq_dif.pdbx_ordinal 
1 6X4O GLY A 1 ? UNP P62937 ? ? 'expression tag' -1 1 
1 6X4O HIS A 2 ? UNP P62937 ? ? 'expression tag' 0  2 
# 
loop_
_chem_comp.id 
_chem_comp.type 
_chem_comp.mon_nstd_flag 
_chem_comp.name 
_chem_comp.pdbx_synonyms 
_chem_comp.formula 
_chem_comp.formula_weight 
ALA 'L-peptide linking' y ALANINE ? 'C3 H7 N O2'     89.093  
ARG 'L-peptide linking' y ARGININE ? 'C6 H15 N4 O2 1' 175.209 
ASN 'L-peptide linking' y ASPARAGINE ? 'C4 H8 N2 O3'    132.118 
ASP 'L-peptide linking' y 'ASPARTIC ACID' ? 'C4 H7 N O4'     133.103 
CYS 'L-peptide linking' y CYSTEINE ? 'C3 H7 N O2 S'   121.158 
GLN 'L-peptide linking' y GLUTAMINE ? 'C5 H10 N2 O3'   146.144 
GLU 'L-peptide linking' y 'GLUTAMIC ACID' ? 'C5 H9 N O4'     147.129 
GLY 'peptide linking'   y GLYCINE ? 'C2 H5 N O2'     75.067  
HIS 'L-peptide linking' y HISTIDINE ? 'C6 H10 N3 O2 1' 156.162 
HOH non-polymer         . WATER ? 'H2 O'           18.015  
ILE 'L-peptide linking' y ISOLEUCINE ? 'C6 H13 N O2'    131.173 
LEU 'L-peptide linking' y LEUCINE ? 'C6 H13 N O2'    131.173 
LYS 'L-peptide linking' y LYSINE ? 'C6 H15 N2 O2 1' 147.195 
MET 'L-peptide linking' y METHIONINE ? 'C5 H11 N O2 S'  149.211 
PHE 'L-peptide linking' y PHENYLALANINE ? 'C9 H11 N O2'    165.189 
PRO 'L-peptide linking' y PROLINE ? 'C5 H9 N O2'     115.130 
SER 'L-peptide linking' y SERINE ? 'C3 H7 N O3'     105.093 
THR 'L-peptide linking' y THREONINE ? 'C4 H9 N O3'     119.119 
TRP 'L-peptide linking' y TRYPTOPHAN ? 'C11 H12 N2 O2'  204.225 
TYR 'L-peptide linking' y TYROSINE ? 'C9 H11 N O3'    181.189 
UO7 non-polymer         . 
;(2R,5S,11S,14S,18E)-2,11-dimethyl-14-(propan-2-yl)-3-oxa-9,12,15,21,29-pentaazatetracyclo[18.5.3.1~5,9~.0~23,27~]nonacosa-1(26),18,20,22,24,27-hexaene-4,10,13,16-tetrone
;
? 'C28 H35 N5 O5'  521.608 
VAL 'L-peptide linking' y VALINE ? 'C5 H11 N O2'    117.146 
# 
_exptl.absorpt_coefficient_mu     ? 
_exptl.absorpt_correction_T_max   ? 
_exptl.absorpt_correction_T_min   ? 
_exptl.absorpt_correction_type    ? 
_exptl.absorpt_process_details    ? 
_exptl.entry_id                   6X4O 
_exptl.crystals_number            1 
_exptl.details                    ? 
_exptl.method                     'X-RAY DIFFRACTION' 
_exptl.method_details             ? 
# 
_exptl_crystal.colour                      ? 
_exptl_crystal.density_diffrn              ? 
_exptl_crystal.density_Matthews            2.74 
_exptl_crystal.density_method              ? 
_exptl_crystal.density_percent_sol         55.19 
_exptl_crystal.description                 ? 
_exptl_crystal.F_000                       ? 
_exptl_crystal.id                          1 
_exptl_crystal.preparation                 ? 
_exptl_crystal.size_max                    ? 
_exptl_crystal.size_mid                    ? 
_exptl_crystal.size_min                    ? 
_exptl_crystal.size_rad                    ? 
_exptl_crystal.colour_lustre               ? 
_exptl_crystal.colour_modifier             ? 
_exptl_crystal.colour_primary              ? 
_exptl_crystal.density_meas                ? 
_exptl_crystal.density_meas_esd            ? 
_exptl_crystal.density_meas_gt             ? 
_exptl_crystal.density_meas_lt             ? 
_exptl_crystal.density_meas_temp           ? 
_exptl_crystal.density_meas_temp_esd       ? 
_exptl_crystal.density_meas_temp_gt        ? 
_exptl_crystal.density_meas_temp_lt        ? 
_exptl_crystal.pdbx_crystal_image_url      ? 
_exptl_crystal.pdbx_crystal_image_format   ? 
_exptl_crystal.pdbx_mosaicity              ? 
_exptl_crystal.pdbx_mosaicity_esd          ? 
# 
_exptl_crystal_grow.apparatus       ? 
_exptl_crystal_grow.atmosphere      ? 
_exptl_crystal_grow.crystal_id      1 
_exptl_crystal_grow.details         ? 
_exptl_crystal_grow.method          'VAPOR DIFFUSION, HANGING DROP' 
_exptl_crystal_grow.method_ref      ? 
_exptl_crystal_grow.pH              8.5 
_exptl_crystal_grow.pressure        ? 
_exptl_crystal_grow.pressure_esd    ? 
_exptl_crystal_grow.seeding         ? 
_exptl_crystal_grow.seeding_ref     ? 
_exptl_crystal_grow.temp            277 
_exptl_crystal_grow.temp_details    ? 
_exptl_crystal_grow.temp_esd        ? 
_exptl_crystal_grow.time            ? 
_exptl_crystal_grow.pdbx_details    '20 mM Tris-HCl, pH 8.5, 2 mM DTT, 2 mM EDTA, 20-35% PEG3350, 5% ethanol' 
_exptl_crystal_grow.pdbx_pH_range   ? 
# 
_diffrn.ambient_environment              ? 
_diffrn.ambient_temp                     100 
_diffrn.ambient_temp_details             ? 
_diffrn.ambient_temp_esd                 ? 
_diffrn.crystal_id                       1 
_diffrn.crystal_support                  ? 
_diffrn.crystal_treatment                ? 
_diffrn.details                          ? 
_diffrn.id                               1 
_diffrn.ambient_pressure                 ? 
_diffrn.ambient_pressure_esd             ? 
_diffrn.ambient_pressure_gt              ? 
_diffrn.ambient_pressure_lt              ? 
_diffrn.ambient_temp_gt                  ? 
_diffrn.ambient_temp_lt                  ? 
_diffrn.pdbx_serial_crystal_experiment   N 
# 
_diffrn_detector.details                      ? 
_diffrn_detector.detector                     CCD 
_diffrn_detector.diffrn_id                    1 
_diffrn_detector.type                         'ADSC QUANTUM 315r' 
_diffrn_detector.area_resol_mean              ? 
_diffrn_detector.dtime                        ? 
_diffrn_detector.pdbx_frames_total            ? 
_diffrn_detector.pdbx_collection_time_total   ? 
_diffrn_detector.pdbx_collection_date         2011-09-29 
_diffrn_detector.pdbx_frequency               ? 
# 
_diffrn_radiation.collimation                      ? 
_diffrn_radiation.diffrn_id                        1 
_diffrn_radiation.filter_edge                      ? 
_diffrn_radiation.inhomogeneity                    ? 
_diffrn_radiation.monochromator                    'Si(111)' 
_diffrn_radiation.polarisn_norm                    ? 
_diffrn_radiation.polarisn_ratio                   ? 
_diffrn_radiation.probe                            ? 
_diffrn_radiation.type                             ? 
_diffrn_radiation.xray_symbol                      ? 
_diffrn_radiation.wavelength_id                    1 
_diffrn_radiation.pdbx_monochromatic_or_laue_m_l   M 
_diffrn_radiation.pdbx_wavelength_list             ? 
_diffrn_radiation.pdbx_wavelength                  ? 
_diffrn_radiation.pdbx_diffrn_protocol             'SINGLE WAVELENGTH' 
_diffrn_radiation.pdbx_analyzer                    ? 
_diffrn_radiation.pdbx_scattering_type             x-ray 
# 
_diffrn_radiation_wavelength.id           1 
_diffrn_radiation_wavelength.wavelength   0.976 
_diffrn_radiation_wavelength.wt           1.0 
# 
_diffrn_source.current                     ? 
_diffrn_source.details                     ? 
_diffrn_source.diffrn_id                   1 
_diffrn_source.power                       ? 
_diffrn_source.size                        ? 
_diffrn_source.source                      SYNCHROTRON 
_diffrn_source.target                      ? 
_diffrn_source.type                        'ALS BEAMLINE 5.0.2' 
_diffrn_source.voltage                     ? 
_diffrn_source.take-off_angle              ? 
_diffrn_source.pdbx_wavelength_list        0.976 
_diffrn_source.pdbx_wavelength             ? 
_diffrn_source.pdbx_synchrotron_beamline   5.0.2 
_diffrn_source.pdbx_synchrotron_site       ALS 
# 
_reflns.B_iso_Wilson_estimate            18.74 
_reflns.entry_id                         6X4O 
_reflns.data_reduction_details           ? 
_reflns.data_reduction_method            ? 
_reflns.d_resolution_high                1.5 
_reflns.d_resolution_low                 33.84 
_reflns.details                          ? 
_reflns.limit_h_max                      ? 
_reflns.limit_h_min                      ? 
_reflns.limit_k_max                      ? 
_reflns.limit_k_min                      ? 
_reflns.limit_l_max                      ? 
_reflns.limit_l_min                      ? 
_reflns.number_all                       ? 
_reflns.number_obs                       32538 
_reflns.observed_criterion               ? 
_reflns.observed_criterion_F_max         ? 
_reflns.observed_criterion_F_min         ? 
_reflns.observed_criterion_I_max         ? 
_reflns.observed_criterion_I_min         ? 
_reflns.observed_criterion_sigma_F       ? 
_reflns.observed_criterion_sigma_I       ? 
_reflns.percent_possible_obs             97.7 
_reflns.R_free_details                   ? 
_reflns.Rmerge_F_all                     ? 
_reflns.Rmerge_F_obs                     ? 
_reflns.Friedel_coverage                 ? 
_reflns.number_gt                        ? 
_reflns.threshold_expression             ? 
_reflns.pdbx_redundancy                  4.1 
_reflns.pdbx_Rmerge_I_obs                ? 
_reflns.pdbx_Rmerge_I_all                ? 
_reflns.pdbx_Rsym_value                  0.050 
_reflns.pdbx_netI_over_av_sigmaI         ? 
_reflns.pdbx_netI_over_sigmaI            23.75 
_reflns.pdbx_res_netI_over_av_sigmaI_2   ? 
_reflns.pdbx_res_netI_over_sigmaI_2      ? 
_reflns.pdbx_chi_squared                 ? 
_reflns.pdbx_scaling_rejects             ? 
_reflns.pdbx_d_res_high_opt              ? 
_reflns.pdbx_d_res_low_opt               ? 
_reflns.pdbx_d_res_opt_method            ? 
_reflns.phase_calculation_details        ? 
_reflns.pdbx_Rrim_I_all                  ? 
_reflns.pdbx_Rpim_I_all                  ? 
_reflns.pdbx_d_opt                       ? 
_reflns.pdbx_number_measured_all         ? 
_reflns.pdbx_diffrn_id                   1 
_reflns.pdbx_ordinal                     1 
_reflns.pdbx_CC_half                     ? 
_reflns.pdbx_CC_star                     ? 
_reflns.pdbx_R_split                     ? 
# 
_reflns_shell.d_res_high                  1.5 
_reflns_shell.d_res_low                   1.54 
_reflns_shell.meanI_over_sigI_all         ? 
_reflns_shell.meanI_over_sigI_obs         ? 
_reflns_shell.number_measured_all         ? 
_reflns_shell.number_measured_obs         ? 
_reflns_shell.number_possible             ? 
_reflns_shell.number_unique_all           ? 
_reflns_shell.number_unique_obs           1878 
_reflns_shell.percent_possible_all        80.3 
_reflns_shell.percent_possible_obs        ? 
_reflns_shell.Rmerge_F_all                ? 
_reflns_shell.Rmerge_F_obs                ? 
_reflns_shell.Rmerge_I_all                ? 
_reflns_shell.Rmerge_I_obs                ? 
_reflns_shell.meanI_over_sigI_gt          ? 
_reflns_shell.meanI_over_uI_all           ? 
_reflns_shell.meanI_over_uI_gt            ? 
_reflns_shell.number_measured_gt          ? 
_reflns_shell.number_unique_gt            ? 
_reflns_shell.percent_possible_gt         ? 
_reflns_shell.Rmerge_F_gt                 ? 
_reflns_shell.Rmerge_I_gt                 ? 
_reflns_shell.pdbx_redundancy             ? 
_reflns_shell.pdbx_Rsym_value             0.376 
_reflns_shell.pdbx_chi_squared            ? 
_reflns_shell.pdbx_netI_over_sigmaI_all   ? 
_reflns_shell.pdbx_netI_over_sigmaI_obs   ? 
_reflns_shell.pdbx_Rrim_I_all             ? 
_reflns_shell.pdbx_Rpim_I_all             ? 
_reflns_shell.pdbx_rejects                ? 
_reflns_shell.pdbx_ordinal                1 
_reflns_shell.pdbx_diffrn_id              1 
_reflns_shell.pdbx_CC_half                ? 
_reflns_shell.pdbx_CC_star                ? 
_reflns_shell.pdbx_R_split                ? 
# 
_refine.aniso_B[1][1]                            ? 
_refine.aniso_B[1][2]                            ? 
_refine.aniso_B[1][3]                            ? 
_refine.aniso_B[2][2]                            ? 
_refine.aniso_B[2][3]                            ? 
_refine.aniso_B[3][3]                            ? 
_refine.B_iso_max                                ? 
_refine.B_iso_mean                               22.39 
_refine.B_iso_min                                ? 
_refine.correlation_coeff_Fo_to_Fc               ? 
_refine.correlation_coeff_Fo_to_Fc_free          ? 
_refine.details                                  ? 
_refine.diff_density_max                         ? 
_refine.diff_density_max_esd                     ? 
_refine.diff_density_min                         ? 
_refine.diff_density_min_esd                     ? 
_refine.diff_density_rms                         ? 
_refine.diff_density_rms_esd                     ? 
_refine.entry_id                                 6X4O 
_refine.pdbx_refine_id                           'X-RAY DIFFRACTION' 
_refine.ls_abs_structure_details                 ? 
_refine.ls_abs_structure_Flack                   ? 
_refine.ls_abs_structure_Flack_esd               ? 
_refine.ls_abs_structure_Rogers                  ? 
_refine.ls_abs_structure_Rogers_esd              ? 
_refine.ls_d_res_high                            1.50 
_refine.ls_d_res_low                             33.84 
_refine.ls_extinction_coef                       ? 
_refine.ls_extinction_coef_esd                   ? 
_refine.ls_extinction_expression                 ? 
_refine.ls_extinction_method                     ? 
_refine.ls_goodness_of_fit_all                   ? 
_refine.ls_goodness_of_fit_all_esd               ? 
_refine.ls_goodness_of_fit_obs                   ? 
_refine.ls_goodness_of_fit_obs_esd               ? 
_refine.ls_hydrogen_treatment                    ? 
_refine.ls_matrix_type                           ? 
_refine.ls_number_constraints                    ? 
_refine.ls_number_parameters                     ? 
_refine.ls_number_reflns_all                     ? 
_refine.ls_number_reflns_obs                     32480 
_refine.ls_number_reflns_R_free                  2000 
_refine.ls_number_reflns_R_work                  30480 
_refine.ls_number_restraints                     ? 
_refine.ls_percent_reflns_obs                    97.46 
_refine.ls_percent_reflns_R_free                 6.16 
_refine.ls_R_factor_all                          ? 
_refine.ls_R_factor_obs                          0.1793 
_refine.ls_R_factor_R_free                       0.1984 
_refine.ls_R_factor_R_free_error                 ? 
_refine.ls_R_factor_R_free_error_details         ? 
_refine.ls_R_factor_R_work                       0.1780 
_refine.ls_R_Fsqd_factor_obs                     ? 
_refine.ls_R_I_factor_obs                        ? 
_refine.ls_redundancy_reflns_all                 ? 
_refine.ls_redundancy_reflns_obs                 ? 
_refine.ls_restrained_S_all                      ? 
_refine.ls_restrained_S_obs                      ? 
_refine.ls_shift_over_esd_max                    ? 
_refine.ls_shift_over_esd_mean                   ? 
_refine.ls_structure_factor_coef                 ? 
_refine.ls_weighting_details                     ? 
_refine.ls_weighting_scheme                      ? 
_refine.ls_wR_factor_all                         ? 
_refine.ls_wR_factor_obs                         ? 
_refine.ls_wR_factor_R_free                      ? 
_refine.ls_wR_factor_R_work                      ? 
_refine.occupancy_max                            ? 
_refine.occupancy_min                            ? 
_refine.solvent_model_details                    'FLAT BULK SOLVENT MODEL' 
_refine.solvent_model_param_bsol                 ? 
_refine.solvent_model_param_ksol                 ? 
_refine.pdbx_R_complete                          ? 
_refine.ls_R_factor_gt                           ? 
_refine.ls_goodness_of_fit_gt                    ? 
_refine.ls_goodness_of_fit_ref                   ? 
_refine.ls_shift_over_su_max                     ? 
_refine.ls_shift_over_su_max_lt                  ? 
_refine.ls_shift_over_su_mean                    ? 
_refine.ls_shift_over_su_mean_lt                 ? 
_refine.pdbx_ls_sigma_I                          ? 
_refine.pdbx_ls_sigma_F                          1.34 
_refine.pdbx_ls_sigma_Fsqd                       ? 
_refine.pdbx_data_cutoff_high_absF               ? 
_refine.pdbx_data_cutoff_high_rms_absF           ? 
_refine.pdbx_data_cutoff_low_absF                ? 
_refine.pdbx_isotropic_thermal_model             ? 
_refine.pdbx_ls_cross_valid_method               'FREE R-VALUE' 
_refine.pdbx_method_to_determine_struct          'MOLECULAR REPLACEMENT' 
_refine.pdbx_starting_model                      'PDB entry 2CPL' 
_refine.pdbx_stereochemistry_target_values       'GeoStd + Monomer Library + CDL v1.2' 
_refine.pdbx_R_Free_selection_details            ? 
_refine.pdbx_stereochem_target_val_spec_case     ? 
_refine.pdbx_overall_ESU_R                       ? 
_refine.pdbx_overall_ESU_R_Free                  ? 
_refine.pdbx_solvent_vdw_probe_radii             1.1100 
_refine.pdbx_solvent_ion_probe_radii             ? 
_refine.pdbx_solvent_shrinkage_radii             0.9000 
_refine.pdbx_real_space_R                        ? 
_refine.pdbx_density_correlation                 ? 
_refine.pdbx_pd_number_of_powder_patterns        ? 
_refine.pdbx_pd_number_of_points                 ? 
_refine.pdbx_pd_meas_number_of_points            ? 
_refine.pdbx_pd_proc_ls_prof_R_factor            ? 
_refine.pdbx_pd_proc_ls_prof_wR_factor           ? 
_refine.pdbx_pd_Marquardt_correlation_coeff      ? 
_refine.pdbx_pd_Fsqrd_R_factor                   ? 
_refine.pdbx_pd_ls_matrix_band_width             ? 
_refine.pdbx_overall_phase_error                 21.1692 
_refine.pdbx_overall_SU_R_free_Cruickshank_DPI   ? 
_refine.pdbx_overall_SU_R_free_Blow_DPI          ? 
_refine.pdbx_overall_SU_R_Blow_DPI               ? 
_refine.pdbx_TLS_residual_ADP_flag               ? 
_refine.pdbx_diffrn_id                           1 
_refine.overall_SU_B                             ? 
_refine.overall_SU_ML                            0.1423 
_refine.overall_SU_R_Cruickshank_DPI             ? 
_refine.overall_SU_R_free                        ? 
_refine.overall_FOM_free_R_set                   ? 
_refine.overall_FOM_work_R_set                   ? 
_refine.pdbx_average_fsc_overall                 ? 
_refine.pdbx_average_fsc_work                    ? 
_refine.pdbx_average_fsc_free                    ? 
# 
_refine_hist.pdbx_refine_id                   'X-RAY DIFFRACTION' 
_refine_hist.cycle_id                         LAST 
_refine_hist.details                          ? 
_refine_hist.d_res_high                       1.50 
_refine_hist.d_res_low                        33.84 
_refine_hist.number_atoms_solvent             205 
_refine_hist.number_atoms_total               1465 
_refine_hist.number_reflns_all                ? 
_refine_hist.number_reflns_obs                ? 
_refine_hist.number_reflns_R_free             ? 
_refine_hist.number_reflns_R_work             ? 
_refine_hist.R_factor_all                     ? 
_refine_hist.R_factor_obs                     ? 
_refine_hist.R_factor_R_free                  ? 
_refine_hist.R_factor_R_work                  ? 
_refine_hist.pdbx_number_residues_total       ? 
_refine_hist.pdbx_B_iso_mean_ligand           ? 
_refine_hist.pdbx_B_iso_mean_solvent          ? 
_refine_hist.pdbx_number_atoms_protein        1222 
_refine_hist.pdbx_number_atoms_nucleic_acid   0 
_refine_hist.pdbx_number_atoms_ligand         38 
_refine_hist.pdbx_number_atoms_lipid          ? 
_refine_hist.pdbx_number_atoms_carb           ? 
_refine_hist.pdbx_pseudo_atom_details         ? 
# 
loop_
_refine_ls_restr.pdbx_refine_id 
_refine_ls_restr.criterion 
_refine_ls_restr.dev_ideal 
_refine_ls_restr.dev_ideal_target 
_refine_ls_restr.number 
_refine_ls_restr.rejects 
_refine_ls_restr.type 
_refine_ls_restr.weight 
_refine_ls_restr.pdbx_restraint_function 
'X-RAY DIFFRACTION' ? 0.0096  ? 1291 ? f_bond_d           ? ? 
'X-RAY DIFFRACTION' ? 1.0753  ? 1740 ? f_angle_d          ? ? 
'X-RAY DIFFRACTION' ? 0.0929  ? 181  ? f_chiral_restr     ? ? 
'X-RAY DIFFRACTION' ? 0.0073  ? 229  ? f_plane_restr      ? ? 
'X-RAY DIFFRACTION' ? 11.6913 ? 176  ? f_dihedral_angle_d ? ? 
# 
loop_
_refine_ls_shell.pdbx_refine_id 
_refine_ls_shell.d_res_high 
_refine_ls_shell.d_res_low 
_refine_ls_shell.number_reflns_all 
_refine_ls_shell.number_reflns_obs 
_refine_ls_shell.number_reflns_R_free 
_refine_ls_shell.number_reflns_R_work 
_refine_ls_shell.percent_reflns_obs 
_refine_ls_shell.percent_reflns_R_free 
_refine_ls_shell.R_factor_all 
_refine_ls_shell.R_factor_obs 
_refine_ls_shell.R_factor_R_free 
_refine_ls_shell.R_factor_R_free_error 
_refine_ls_shell.R_factor_R_work 
_refine_ls_shell.redundancy_reflns_all 
_refine_ls_shell.redundancy_reflns_obs 
_refine_ls_shell.wR_factor_all 
_refine_ls_shell.wR_factor_obs 
_refine_ls_shell.wR_factor_R_free 
_refine_ls_shell.wR_factor_R_work 
_refine_ls_shell.pdbx_R_complete 
_refine_ls_shell.pdbx_total_number_of_bins_used 
_refine_ls_shell.pdbx_phase_error 
_refine_ls_shell.pdbx_fsc_work 
_refine_ls_shell.pdbx_fsc_free 
'X-RAY DIFFRACTION' 1.49 1.53  . . 109 1672 76.37 . . . 0.2526 . 0.2436 . . . . . . . . . . . 
'X-RAY DIFFRACTION' 1.53 1.57  . . 137 2067 94.07 . . . 0.2518 . 0.2276 . . . . . . . . . . . 
'X-RAY DIFFRACTION' 1.57 1.62  . . 142 2171 99.14 . . . 0.2805 . 0.2131 . . . . . . . . . . . 
'X-RAY DIFFRACTION' 1.62 1.67  . . 145 2215 99.75 . . . 0.2219 . 0.2002 . . . . . . . . . . . 
'X-RAY DIFFRACTION' 1.67 1.73  . . 145 2212 99.92 . . . 0.2332 . 0.2026 . . . . . . . . . . . 
'X-RAY DIFFRACTION' 1.73 1.80  . . 145 2211 99.75 . . . 0.2271 . 0.1949 . . . . . . . . . . . 
'X-RAY DIFFRACTION' 1.80 1.88  . . 144 2194 99.83 . . . 0.2390 . 0.1873 . . . . . . . . . . . 
'X-RAY DIFFRACTION' 1.88 1.98  . . 145 2197 99.66 . . . 0.2213 . 0.1883 . . . . . . . . . . . 
'X-RAY DIFFRACTION' 1.98 2.10  . . 145 2217 99.92 . . . 0.2028 . 0.1830 . . . . . . . . . . . 
'X-RAY DIFFRACTION' 2.10 2.27  . . 146 2234 99.79 . . . 0.2228 . 0.1780 . . . . . . . . . . . 
'X-RAY DIFFRACTION' 2.27 2.50  . . 148 2243 99.79 . . . 0.2175 . 0.1796 . . . . . . . . . . . 
'X-RAY DIFFRACTION' 2.50 2.86  . . 147 2238 99.71 . . . 0.1949 . 0.1828 . . . . . . . . . . . 
'X-RAY DIFFRACTION' 2.86 3.60  . . 149 2281 99.22 . . . 0.2016 . 0.1779 . . . . . . . . . . . 
'X-RAY DIFFRACTION' 3.60 33.84 . . 153 2328 97.29 . . . 0.1504 . 0.1527 . . . . . . . . . . . 
# 
_struct.entry_id                     6X4O 
_struct.title                        
;Human cyclophilin A bound to a series of acylcic and macrocyclic inhibitors: (2R,5S,11S,14S,18E)-2,11-dimethyl-14-(propan-2-yl)-3-oxa-9,12,15,21,29-pentaazatetracyclo[18.5.3.1~5,9~.0~23,27~]nonacosa-1(26),18,20,22,24,27-hexaene-4,10,13,16-tetrone (compound 21)
;
_struct.pdbx_model_details           ? 
_struct.pdbx_formula_weight          ? 
_struct.pdbx_formula_weight_method   ? 
_struct.pdbx_model_type_details      ? 
_struct.pdbx_CASP_flag               N 
# 
_struct_keywords.entry_id        6X4O 
_struct_keywords.text            
'Cyclophilin A, Sanglifehrin A, prolyl isomerase, macrocylcic inhibitor, peptidomimetic, ISOMERASE-ISOMERASE INHIBITOR complex' 
_struct_keywords.pdbx_keywords   'ISOMERASE/ISOMERASE INHIBITOR' 
# 
loop_
_struct_asym.id 
_struct_asym.pdbx_blank_PDB_chainid_flag 
_struct_asym.pdbx_modified 
_struct_asym.entity_id 
_struct_asym.details 
A N N 1 ? 
B N N 2 ? 
C N N 3 ? 
# 
loop_
_struct_conf.conf_type_id 
_struct_conf.id 
_struct_conf.pdbx_PDB_helix_id 
_struct_conf.beg_label_comp_id 
_struct_conf.beg_label_asym_id 
_struct_conf.beg_label_seq_id 
_struct_conf.pdbx_beg_PDB_ins_code 
_struct_conf.end_label_comp_id 
_struct_conf.end_label_asym_id 
_struct_conf.end_label_seq_id 
_struct_conf.pdbx_end_PDB_ins_code 
_struct_conf.beg_auth_comp_id 
_struct_conf.beg_auth_asym_id 
_struct_conf.beg_auth_seq_id 
_struct_conf.end_auth_comp_id 
_struct_conf.end_auth_asym_id 
_struct_conf.end_auth_seq_id 
_struct_conf.pdbx_PDB_helix_class 
_struct_conf.details 
_struct_conf.pdbx_PDB_helix_length 
HELX_P HELX_P1 AA1 VAL A 31  ? GLY A 44  ? VAL A 29  GLY A 42  1 ? 14 
HELX_P HELX_P2 AA2 THR A 121 ? ASP A 125 ? THR A 119 ASP A 123 5 ? 5  
HELX_P HELX_P3 AA3 GLY A 137 ? ARG A 146 ? GLY A 135 ARG A 144 1 ? 10 
# 
_struct_conf_type.id          HELX_P 
_struct_conf_type.criteria    ? 
_struct_conf_type.reference   ? 
# 
_struct_sheet.id               AA1 
_struct_sheet.type             ? 
_struct_sheet.number_strands   8 
_struct_sheet.details          ? 
# 
loop_
_struct_sheet_order.sheet_id 
_struct_sheet_order.range_id_1 
_struct_sheet_order.range_id_2 
_struct_sheet_order.offset 
_struct_sheet_order.sense 
AA1 1 2 ? anti-parallel 
AA1 2 3 ? anti-parallel 
AA1 3 4 ? anti-parallel 
AA1 4 5 ? anti-parallel 
AA1 5 6 ? anti-parallel 
AA1 6 7 ? anti-parallel 
AA1 7 8 ? anti-parallel 
# 
loop_
_struct_sheet_range.sheet_id 
_struct_sheet_range.id 
_struct_sheet_range.beg_label_comp_id 
_struct_sheet_range.beg_label_asym_id 
_struct_sheet_range.beg_label_seq_id 
_struct_sheet_range.pdbx_beg_PDB_ins_code 
_struct_sheet_range.end_label_comp_id 
_struct_sheet_range.end_label_asym_id 
_struct_sheet_range.end_label_seq_id 
_struct_sheet_range.pdbx_end_PDB_ins_code 
_struct_sheet_range.beg_auth_comp_id 
_struct_sheet_range.beg_auth_asym_id 
_struct_sheet_range.beg_auth_seq_id 
_struct_sheet_range.end_auth_comp_id 
_struct_sheet_range.end_auth_asym_id 
_struct_sheet_range.end_auth_seq_id 
AA1 1 PHE A 55  ? ILE A 59  ? PHE A 53  ILE A 57  
AA1 2 MET A 63  ? GLY A 66  ? MET A 61  GLY A 64  
AA1 3 PHE A 114 ? CYS A 117 ? PHE A 112 CYS A 115 
AA1 4 ILE A 99  ? MET A 102 ? ILE A 97  MET A 100 
AA1 5 VAL A 130 ? VAL A 134 ? VAL A 128 VAL A 132 
AA1 6 GLU A 17  ? LEU A 26  ? GLU A 15  LEU A 24  
AA1 7 THR A 7   ? VAL A 14  ? THR A 5   VAL A 12  
AA1 8 ILE A 158 ? LEU A 166 ? ILE A 156 LEU A 164 
# 
loop_
_pdbx_struct_sheet_hbond.sheet_id 
_pdbx_struct_sheet_hbond.range_id_1 
_pdbx_struct_sheet_hbond.range_id_2 
_pdbx_struct_sheet_hbond.range_1_label_atom_id 
_pdbx_struct_sheet_hbond.range_1_label_comp_id 
_pdbx_struct_sheet_hbond.range_1_label_asym_id 
_pdbx_struct_sheet_hbond.range_1_label_seq_id 
_pdbx_struct_sheet_hbond.range_1_PDB_ins_code 
_pdbx_struct_sheet_hbond.range_1_auth_atom_id 
_pdbx_struct_sheet_hbond.range_1_auth_comp_id 
_pdbx_struct_sheet_hbond.range_1_auth_asym_id 
_pdbx_struct_sheet_hbond.range_1_auth_seq_id 
_pdbx_struct_sheet_hbond.range_2_label_atom_id 
_pdbx_struct_sheet_hbond.range_2_label_comp_id 
_pdbx_struct_sheet_hbond.range_2_label_asym_id 
_pdbx_struct_sheet_hbond.range_2_label_seq_id 
_pdbx_struct_sheet_hbond.range_2_PDB_ins_code 
_pdbx_struct_sheet_hbond.range_2_auth_atom_id 
_pdbx_struct_sheet_hbond.range_2_auth_comp_id 
_pdbx_struct_sheet_hbond.range_2_auth_asym_id 
_pdbx_struct_sheet_hbond.range_2_auth_seq_id 
AA1 1 2 N ARG A 57  ? N ARG A 55  O GLN A 65  ? O GLN A 63  
AA1 2 3 N CYS A 64  ? N CYS A 62  O ILE A 116 ? O ILE A 114 
AA1 3 4 O CYS A 117 ? O CYS A 115 N ILE A 99  ? N ILE A 97  
AA1 4 5 N LEU A 100 ? N LEU A 98  O GLY A 132 ? O GLY A 130 
AA1 5 6 O LYS A 133 ? O LYS A 131 N GLU A 25  ? N GLU A 23  
AA1 6 7 O VAL A 22  ? O VAL A 20  N PHE A 10  ? N PHE A 8   
AA1 7 8 N ASP A 11  ? N ASP A 9   O ASP A 162 ? O ASP A 160 
# 
_struct_site.id                   AC1 
_struct_site.pdbx_evidence_code   Software 
_struct_site.pdbx_auth_asym_id    A 
_struct_site.pdbx_auth_comp_id    UO7 
_struct_site.pdbx_auth_seq_id     400 
_struct_site.pdbx_auth_ins_code   ? 
_struct_site.pdbx_num_residues    16 
_struct_site.details              'binding site for residue UO7 A 400' 
# 
loop_
_struct_site_gen.id 
_struct_site_gen.site_id 
_struct_site_gen.pdbx_num_res 
_struct_site_gen.label_comp_id 
_struct_site_gen.label_asym_id 
_struct_site_gen.label_seq_id 
_struct_site_gen.pdbx_auth_ins_code 
_struct_site_gen.auth_comp_id 
_struct_site_gen.auth_asym_id 
_struct_site_gen.auth_seq_id 
_struct_site_gen.label_atom_id 
_struct_site_gen.label_alt_id 
_struct_site_gen.symmetry 
_struct_site_gen.details 
1  AC1 16 ARG A 57  ? ARG A 55  . ? 1_555 ? 
2  AC1 16 MET A 63  ? MET A 61  . ? 1_555 ? 
3  AC1 16 GLN A 65  ? GLN A 63  . ? 1_555 ? 
4  AC1 16 GLY A 74  ? GLY A 72  . ? 1_555 ? 
5  AC1 16 ASP A 87  ? ASP A 85  . ? 4_455 ? 
6  AC1 16 PHE A 90  ? PHE A 88  . ? 4_455 ? 
7  AC1 16 ALA A 103 ? ALA A 101 . ? 1_555 ? 
8  AC1 16 ASN A 104 ? ASN A 102 . ? 1_555 ? 
9  AC1 16 ALA A 105 ? ALA A 103 . ? 1_555 ? 
10 AC1 16 GLN A 113 ? GLN A 111 . ? 1_555 ? 
11 AC1 16 PHE A 115 ? PHE A 113 . ? 1_555 ? 
12 AC1 16 HIS A 128 ? HIS A 126 . ? 1_555 ? 
13 AC1 16 HOH C .   ? HOH A 515 . ? 1_555 ? 
14 AC1 16 HOH C .   ? HOH A 519 . ? 1_555 ? 
15 AC1 16 HOH C .   ? HOH A 528 . ? 1_555 ? 
16 AC1 16 HOH C .   ? HOH A 547 . ? 1_555 ? 
# 
_atom_sites.entry_id                    6X4O 
_atom_sites.Cartn_transf_matrix[1][1]   ? 
_atom_sites.Cartn_transf_matrix[1][2]   ? 
_atom_sites.Cartn_transf_matrix[1][3]   ? 
_atom_sites.Cartn_transf_matrix[2][1]   ? 
_atom_sites.Cartn_transf_matrix[2][2]   ? 
_atom_sites.Cartn_transf_matrix[2][3]   ? 
_atom_sites.Cartn_transf_matrix[3][1]   ? 
_atom_sites.Cartn_transf_matrix[3][2]   ? 
_atom_sites.Cartn_transf_matrix[3][3]   ? 
_atom_sites.Cartn_transf_vector[1]      ? 
_atom_sites.Cartn_transf_vector[2]      ? 
_atom_sites.Cartn_transf_vector[3]      ? 
_atom_sites.fract_transf_matrix[1][1]   -0.01371162 
_atom_sites.fract_transf_matrix[1][2]   -0.00401751 
_atom_sites.fract_transf_matrix[1][3]   0.01820194 
_atom_sites.fract_transf_matrix[2][1]   -0.00843207 
_atom_sites.fract_transf_matrix[2][2]   -0.01446190 
_atom_sites.fract_transf_matrix[2][3]   -0.00954393 
_atom_sites.fract_transf_matrix[3][1]   0.00757684 
_atom_sites.fract_transf_matrix[3][2]   -0.00714384 
_atom_sites.fract_transf_matrix[3][3]   0.00413090 
_atom_sites.fract_transf_vector[1]      0.091147 
_atom_sites.fract_transf_vector[2]      0.195359 
_atom_sites.fract_transf_vector[3]      0.156051 
_atom_sites.solution_primary            ? 
_atom_sites.solution_secondary          ? 
_atom_sites.solution_hydrogens          ? 
_atom_sites.special_details             ? 
# 
loop_
_atom_type.symbol 
_atom_type.scat_dispersion_real 
_atom_type.scat_dispersion_imag 
_atom_type.scat_Cromer_Mann_a1 
_atom_type.scat_Cromer_Mann_a2 
_atom_type.scat_Cromer_Mann_a3 
_atom_type.scat_Cromer_Mann_a4 
_atom_type.scat_Cromer_Mann_b1 
_atom_type.scat_Cromer_Mann_b2 
_atom_type.scat_Cromer_Mann_b3 
_atom_type.scat_Cromer_Mann_b4 
_atom_type.scat_Cromer_Mann_c 
_atom_type.scat_source 
_atom_type.scat_dispersion_source 
C ? ? 3.54356 2.42580 ? ? 25.62398 1.50364  ? ? 0.0 
;2-Gaussian fit: Grosse-Kunstleve RW, Sauter NK, Adams PD: Newsletter of the IUCr Commission on Crystallographic Computing 2004, 3, 22-31.
;
? 
N ? ? 4.01032 2.96436 ? ? 19.97189 1.75589  ? ? 0.0 
;2-Gaussian fit: Grosse-Kunstleve RW, Sauter NK, Adams PD: Newsletter of the IUCr Commission on Crystallographic Computing 2004, 3, 22-31.
;
? 
O ? ? 4.49882 3.47563 ? ? 15.80542 1.70748  ? ? 0.0 
;2-Gaussian fit: Grosse-Kunstleve RW, Sauter NK, Adams PD: Newsletter of the IUCr Commission on Crystallographic Computing 2004, 3, 22-31.
;
? 
S ? ? 9.55732 6.39887 ? ? 1.23737  29.19336 ? ? 0.0 
;2-Gaussian fit: Grosse-Kunstleve RW, Sauter NK, Adams PD: Newsletter of the IUCr Commission on Crystallographic Computing 2004, 3, 22-31.
;
? 
# 
loop_
_atom_site.group_PDB 
_atom_site.id 
_atom_site.type_symbol 
_atom_site.label_atom_id 
_atom_site.label_alt_id 
_atom_site.label_comp_id 
_atom_site.label_asym_id 
_atom_site.label_entity_id 
_atom_site.label_seq_id 
_atom_site.pdbx_PDB_ins_code 
_atom_site.Cartn_x 
_atom_site.Cartn_y 
_atom_site.Cartn_z 
_atom_site.occupancy 
_atom_site.B_iso_or_equiv 
_atom_site.pdbx_formal_charge 
_atom_site.auth_seq_id 
_atom_site.auth_comp_id 
_atom_site.auth_asym_id 
_atom_site.auth_atom_id 
_atom_site.pdbx_PDB_model_num 
ATOM   1    N N   . VAL A 1 4   ? -0.09864  4.12954   20.31612  1.000 44.98480 ? 2   VAL A N   1 
ATOM   2    C CA  . VAL A 1 4   ? -1.19492  3.20260   20.04822  1.000 40.43305 ? 2   VAL A CA  1 
ATOM   3    C C   . VAL A 1 4   ? -1.23779  2.79415   18.57223  1.000 25.56018 ? 2   VAL A C   1 
ATOM   4    O O   . VAL A 1 4   ? -1.35823  1.60275   18.27741  1.000 38.32481 ? 2   VAL A O   1 
ATOM   5    C CB  . VAL A 1 4   ? -2.58169  3.75020   20.50809  1.000 44.31989 ? 2   VAL A CB  1 
ATOM   6    C CG1 . VAL A 1 4   ? -3.55772  2.60332   20.71714  1.000 42.71278 ? 2   VAL A CG1 1 
ATOM   7    C CG2 . VAL A 1 4   ? -2.47024  4.61331   21.76905  1.000 47.53540 ? 2   VAL A CG2 1 
ATOM   8    N N   . ASN A 1 5   ? -1.17208  3.76469   17.65438  1.000 30.63308 ? 3   ASN A N   1 
ATOM   9    C CA  . ASN A 1 5   ? -1.26248  3.44721   16.23151  1.000 23.64196 ? 3   ASN A CA  1 
ATOM   10   C C   . ASN A 1 5   ? -0.14295  2.48979   15.84353  1.000 26.31770 ? 3   ASN A C   1 
ATOM   11   O O   . ASN A 1 5   ? 1.01355   2.71860   16.21423  1.000 25.25344 ? 3   ASN A O   1 
ATOM   12   C CB  . ASN A 1 5   ? -1.13097  4.70976   15.38690  1.000 21.15252 ? 3   ASN A CB  1 
ATOM   13   C CG  . ASN A 1 5   ? -2.42955  5.47204   15.26928  1.000 23.02934 ? 3   ASN A CG  1 
ATOM   14   O OD1 . ASN A 1 5   ? -3.49261  4.95894   15.61059  1.000 22.69476 ? 3   ASN A OD1 1 
ATOM   15   N ND2 . ASN A 1 5   ? -2.34701  6.69692   14.80151  1.000 26.00921 ? 3   ASN A ND2 1 
ATOM   16   N N   . PRO A 1 6   ? -0.43874  1.41024   15.12884  1.000 23.95861 ? 4   PRO A N   1 
ATOM   17   C CA  . PRO A 1 6   ? 0.60084   0.42597   14.83691  1.000 26.03529 ? 4   PRO A CA  1 
ATOM   18   C C   . PRO A 1 6   ? 1.53760   0.90034   13.74460  1.000 23.49298 ? 4   PRO A C   1 
ATOM   19   O O   . PRO A 1 6   ? 1.21765   1.77250   12.92836  1.000 22.40769 ? 4   PRO A O   1 
ATOM   20   C CB  . PRO A 1 6   ? -0.17964  -0.82006  14.40163  1.000 30.43366 ? 4   PRO A CB  1 
ATOM   21   C CG  . PRO A 1 6   ? -1.47971  -0.31977  13.96559  1.000 32.04764 ? 4   PRO A CG  1 
ATOM   22   C CD  . PRO A 1 6   ? -1.77227  0.94798   14.70794  1.000 24.54013 ? 4   PRO A CD  1 
ATOM   23   N N   . THR A 1 7   ? 2.73504   0.31314   13.76452  1.000 22.22077 ? 5   THR A N   1 
ATOM   24   C CA  . THR A 1 7   ? 3.77122   0.57071   12.77047  1.000 23.06433 ? 5   THR A CA  1 
ATOM   25   C C   . THR A 1 7   ? 4.04285   -0.73501  12.04626  1.000 23.50764 ? 5   THR A C   1 
ATOM   26   O O   . THR A 1 7   ? 4.24109   -1.77123  12.67833  1.000 23.07523 ? 5   THR A O   1 
ATOM   27   C CB  . THR A 1 7   ? 5.06197   1.05753   13.43880  1.000 25.45669 ? 5   THR A CB  1 
ATOM   28   O OG1 . THR A 1 7   ? 4.80769   2.28215   14.12726  1.000 28.40084 ? 5   THR A OG1 1 
ATOM   29   C CG2 . THR A 1 7   ? 6.17599   1.28966   12.38876  1.000 28.85195 ? 5   THR A CG2 1 
ATOM   30   N N   . VAL A 1 8   ? 4.04745   -0.69649  10.71956  1.000 19.90874 ? 6   VAL A N   1 
ATOM   31   C CA  . VAL A 1 8   ? 4.40375   -1.88699  9.97131   1.000 19.81444 ? 6   VAL A CA  1 
ATOM   32   C C   . VAL A 1 8   ? 5.54289   -1.52127  9.03741   1.000 20.70669 ? 6   VAL A C   1 
ATOM   33   O O   . VAL A 1 8   ? 5.77549   -0.34767  8.74177   1.000 20.10499 ? 6   VAL A O   1 
ATOM   34   C CB  . VAL A 1 8   ? 3.21736   -2.51639  9.21399   1.000 29.58290 ? 6   VAL A CB  1 
ATOM   35   C CG1 . VAL A 1 8   ? 2.12154   -2.95814  10.21903  1.000 27.73573 ? 6   VAL A CG1 1 
ATOM   36   C CG2 . VAL A 1 8   ? 2.68305   -1.55069  8.22614   1.000 25.96158 ? 6   VAL A CG2 1 
ATOM   37   N N   . PHE A 1 9   ? 6.28342   -2.54316  8.61047   1.000 20.53684 ? 7   PHE A N   1 
ATOM   38   C CA  . PHE A 1 9   ? 7.40177   -2.32618  7.70386   1.000 20.55965 ? 7   PHE A CA  1 
ATOM   39   C C   . PHE A 1 9   ? 7.27578   -3.20490  6.47351   1.000 17.20436 ? 7   PHE A C   1 
ATOM   40   O O   . PHE A 1 9   ? 6.76271   -4.32847  6.53667   1.000 18.19092 ? 7   PHE A O   1 
ATOM   41   C CB  . PHE A 1 9   ? 8.77812   -2.62961  8.39332   1.000 19.58842 ? 7   PHE A CB  1 
ATOM   42   C CG  . PHE A 1 9   ? 9.04432   -4.09492  8.61298   1.000 23.39447 ? 7   PHE A CG  1 
ATOM   43   C CD1 . PHE A 1 9   ? 8.64323   -4.71683  9.79127   1.000 22.42782 ? 7   PHE A CD1 1 
ATOM   44   C CD2 . PHE A 1 9   ? 9.71085   -4.85659  7.65148   1.000 21.64888 ? 7   PHE A CD2 1 
ATOM   45   C CE1 . PHE A 1 9   ? 8.87760   -6.05702  9.99925   1.000 24.26024 ? 7   PHE A CE1 1 
ATOM   46   C CE2 . PHE A 1 9   ? 9.93621   -6.19959  7.85534   1.000 23.79120 ? 7   PHE A CE2 1 
ATOM   47   C CZ  . PHE A 1 9   ? 9.51586   -6.80010  9.04013   1.000 24.46576 ? 7   PHE A CZ  1 
ATOM   48   N N   . PHE A 1 10  ? 7.81370   -2.69961  5.35896   1.000 17.91729 ? 8   PHE A N   1 
ATOM   49   C CA  . PHE A 1 10  ? 8.09113   -3.50711  4.17472   1.000 19.13448 ? 8   PHE A CA  1 
ATOM   50   C C   . PHE A 1 10  ? 9.58684   -3.45751  3.90915   1.000 20.96820 ? 8   PHE A C   1 
ATOM   51   O O   . PHE A 1 10  ? 10.18405  -2.37241  3.90337   1.000 18.78152 ? 8   PHE A O   1 
ATOM   52   C CB  . PHE A 1 10  ? 7.45876   -2.91379  2.88952   1.000 18.43352 ? 8   PHE A CB  1 
ATOM   53   C CG  . PHE A 1 10  ? 5.91889   -2.95285  2.82323   1.000 16.96662 ? 8   PHE A CG  1 
ATOM   54   C CD1 . PHE A 1 10  ? 5.13589   -3.67651  3.72600   1.000 19.15701 ? 8   PHE A CD1 1 
ATOM   55   C CD2 . PHE A 1 10  ? 5.28085   -2.26329  1.80675   1.000 20.33602 ? 8   PHE A CD2 1 
ATOM   56   C CE1 . PHE A 1 10  ? 3.73420   -3.69375  3.60396   1.000 18.27434 ? 8   PHE A CE1 1 
ATOM   57   C CE2 . PHE A 1 10  ? 3.89659   -2.27173  1.68391   1.000 19.43344 ? 8   PHE A CE2 1 
ATOM   58   C CZ  . PHE A 1 10  ? 3.12296   -2.98926  2.57267   1.000 17.86433 ? 8   PHE A CZ  1 
ATOM   59   N N   . ASP A 1 11  ? 10.16621  -4.60888  3.60712   1.000 16.17320 ? 9   ASP A N   1 
ATOM   60   C CA  . ASP A 1 11  ? 11.52680  -4.68721  3.10070   1.000 18.57321 ? 9   ASP A CA  1 
ATOM   61   C C   . ASP A 1 11  ? 11.38684  -4.89793  1.60553   1.000 17.77256 ? 9   ASP A C   1 
ATOM   62   O O   . ASP A 1 11  ? 10.83552  -5.91119  1.16728   1.000 21.02282 ? 9   ASP A O   1 
ATOM   63   C CB  . ASP A 1 11  ? 12.28831  -5.82875  3.76776   1.000 21.71241 ? 9   ASP A CB  1 
ATOM   64   C CG  . ASP A 1 11  ? 12.71736  -5.47423  5.18610   1.000 24.70750 ? 9   ASP A CG  1 
ATOM   65   O OD1 . ASP A 1 11  ? 12.91772  -4.26039  5.45257   1.000 24.84790 ? 9   ASP A OD1 1 
ATOM   66   O OD2 . ASP A 1 11  ? 12.84904  -6.39484  6.02302   1.000 30.31747 ? 9   ASP A OD2 1 
ATOM   67   N N   . ILE A 1 12  ? 11.84886  -3.92251  0.83336   1.000 18.82993 ? 10  ILE A N   1 
ATOM   68   C CA  . ILE A 1 12  ? 11.65658  -3.87273  -0.61418  1.000 17.94804 ? 10  ILE A CA  1 
ATOM   69   C C   . ILE A 1 12  ? 12.88604  -4.43696  -1.30885  1.000 20.55244 ? 10  ILE A C   1 
ATOM   70   O O   . ILE A 1 12  ? 14.03397  -4.18397  -0.89611  1.000 20.91287 ? 10  ILE A O   1 
ATOM   71   C CB  . ILE A 1 12  ? 11.39771  -2.41923  -1.06736  1.000 17.32445 ? 10  ILE A CB  1 
ATOM   72   C CG1 . ILE A 1 12  ? 10.18763  -1.80118  -0.33823  1.000 19.21014 ? 10  ILE A CG1 1 
ATOM   73   C CG2 . ILE A 1 12  ? 11.19068  -2.33654  -2.56867  1.000 17.94038 ? 10  ILE A CG2 1 
ATOM   74   C CD1 . ILE A 1 12  ? 8.84160   -2.46282  -0.68233  1.000 21.52839 ? 10  ILE A CD1 1 
ATOM   75   N N   . ALA A 1 13  ? 12.64945  -5.20719  -2.36324  1.000 17.48348 ? 11  ALA A N   1 
ATOM   76   C CA  . ALA A 1 13  ? 13.70241  -5.73964  -3.22267  1.000 18.80112 ? 11  ALA A CA  1 
ATOM   77   C C   . ALA A 1 13  ? 13.43942  -5.33166  -4.67078  1.000 19.89041 ? 11  ALA A C   1 
ATOM   78   O O   . ALA A 1 13  ? 12.28277  -5.13572  -5.08644  1.000 19.70620 ? 11  ALA A O   1 
ATOM   79   C CB  . ALA A 1 13  ? 13.75620  -7.26687  -3.13079  1.000 21.50527 ? 11  ALA A CB  1 
ATOM   80   N N   . VAL A 1 14  ? 14.51987  -5.24845  -5.44706  1.000 21.34735 ? 12  VAL A N   1 
ATOM   81   C CA  . VAL A 1 14  ? 14.48599  -4.85858  -6.84853  1.000 19.74349 ? 12  VAL A CA  1 
ATOM   82   C C   . VAL A 1 14  ? 15.17471  -5.99359  -7.59615  1.000 24.89330 ? 12  VAL A C   1 
ATOM   83   O O   . VAL A 1 14  ? 16.37923  -6.21756  -7.40948  1.000 22.58999 ? 12  VAL A O   1 
ATOM   84   C CB  . VAL A 1 14  ? 15.21904  -3.52961  -7.07939  1.000 20.21618 ? 12  VAL A CB  1 
ATOM   85   C CG1 . VAL A 1 14  ? 15.19829  -3.13011  -8.55999  1.000 23.95361 ? 12  VAL A CG1 1 
ATOM   86   C CG2 . VAL A 1 14  ? 14.60348  -2.43046  -6.23354  1.000 20.69898 ? 12  VAL A CG2 1 
ATOM   87   N N   . ASP A 1 15  ? 14.40842  -6.74481  -8.39281  1.000 23.90483 ? 13  ASP A N   1 
ATOM   88   C CA  . ASP A 1 15  ? 14.92011  -7.95731  -9.04087  1.000 23.78650 ? 13  ASP A CA  1 
ATOM   89   C C   . ASP A 1 15  ? 15.57615  -8.89864  -8.02964  1.000 25.85641 ? 13  ASP A C   1 
ATOM   90   O O   . ASP A 1 15  ? 16.60177  -9.53161  -8.29952  1.000 26.16485 ? 13  ASP A O   1 
ATOM   91   C CB  . ASP A 1 15  ? 15.82467  -7.62363  -10.23230 1.000 24.91753 ? 13  ASP A CB  1 
ATOM   92   C CG  . ASP A 1 15  ? 15.02335  -7.28667  -11.48434 1.000 29.97496 ? 13  ASP A CG  1 
ATOM   93   O OD1 . ASP A 1 15  ? 13.79779  -7.56630  -11.49856 1.000 31.01181 ? 13  ASP A OD1 1 
ATOM   94   O OD2 . ASP A 1 15  ? 15.60882  -6.74588  -12.45231 1.000 34.93012 ? 13  ASP A OD2 1 
ATOM   95   N N   . GLY A 1 16  ? 14.97567  -8.99412  -6.83966  1.000 24.07862 ? 14  GLY A N   1 
ATOM   96   C CA  . GLY A 1 16  ? 15.49033  -9.83879  -5.78295  1.000 26.93349 ? 14  GLY A CA  1 
ATOM   97   C C   . GLY A 1 16  ? 16.64645  -9.27305  -4.98340  1.000 26.69671 ? 14  GLY A C   1 
ATOM   98   O O   . GLY A 1 16  ? 17.10369  -9.93627  -4.04051  1.000 34.34726 ? 14  GLY A O   1 
ATOM   99   N N   . GLU A 1 17  ? 17.13575  -8.10086  -5.32262  1.000 24.62515 ? 15  GLU A N   1 
ATOM   100  C CA  . GLU A 1 17  ? 18.23898  -7.50439  -4.57889  1.000 28.21949 ? 15  GLU A CA  1 
ATOM   101  C C   . GLU A 1 17  ? 17.67475  -6.55438  -3.54546  1.000 25.02126 ? 15  GLU A C   1 
ATOM   102  O O   . GLU A 1 17  ? 16.82539  -5.72605  -3.88321  1.000 22.40145 ? 15  GLU A O   1 
ATOM   103  C CB  . GLU A 1 17  ? 19.15156  -6.73313  -5.52515  1.000 26.84980 ? 15  GLU A CB  1 
ATOM   104  N N   . PRO A 1 18  ? 18.09466  -6.61838  -2.29398  1.000 21.07988 ? 16  PRO A N   1 
ATOM   105  C CA  . PRO A 1 18  ? 17.53250  -5.71292  -1.29058  1.000 21.94871 ? 16  PRO A CA  1 
ATOM   106  C C   . PRO A 1 18  ? 17.76293  -4.24793  -1.62535  1.000 20.80426 ? 16  PRO A C   1 
ATOM   107  O O   . PRO A 1 18  ? 18.83370  -3.85212  -2.07960  1.000 25.42248 ? 16  PRO A O   1 
ATOM   108  C CB  . PRO A 1 18  ? 18.25395  -6.11629  0.00109   1.000 23.88533 ? 16  PRO A CB  1 
ATOM   109  C CG  . PRO A 1 18  ? 19.40508  -6.93466  -0.41788  1.000 36.26152 ? 16  PRO A CG  1 
ATOM   110  C CD  . PRO A 1 18  ? 19.02125  -7.59447  -1.69252  1.000 25.81113 ? 16  PRO A CD  1 
ATOM   111  N N   . LEU A 1 19  ? 16.70533  -3.44255  -1.45718  1.000 20.46369 ? 17  LEU A N   1 
ATOM   112  C CA  . LEU A 1 19  ? 16.76279  -2.00030  -1.65812  1.000 20.38407 ? 17  LEU A CA  1 
ATOM   113  C C   . LEU A 1 19  ? 16.76939  -1.24970  -0.33976  1.000 19.79578 ? 17  LEU A C   1 
ATOM   114  O O   . LEU A 1 19  ? 17.64693  -0.41945  -0.09548  1.000 25.15033 ? 17  LEU A O   1 
ATOM   115  C CB  . LEU A 1 19  ? 15.55528  -1.52236  -2.49227  1.000 19.99175 ? 17  LEU A CB  1 
ATOM   116  C CG  . LEU A 1 19  ? 15.44191  -0.03335  -2.86885  1.000 21.98171 ? 17  LEU A CG  1 
ATOM   117  C CD1 . LEU A 1 19  ? 16.65294  0.43904   -3.65706  1.000 25.11386 ? 17  LEU A CD1 1 
ATOM   118  C CD2 . LEU A 1 19  ? 14.15973  0.23142   -3.62535  1.000 19.18536 ? 17  LEU A CD2 1 
ATOM   119  N N   . GLY A 1 20  ? 15.79671  -1.52345  0.51993   1.000 18.31132 ? 18  GLY A N   1 
ATOM   120  C CA  . GLY A 1 20  ? 15.66067  -0.77910  1.75451   1.000 18.83953 ? 18  GLY A CA  1 
ATOM   121  C C   . GLY A 1 20  ? 14.31641  -1.06605  2.38590   1.000 18.41728 ? 18  GLY A C   1 
ATOM   122  O O   . GLY A 1 20  ? 13.51775  -1.84466  1.86565   1.000 21.41473 ? 18  GLY A O   1 
ATOM   123  N N   . ARG A 1 21  ? 14.10197  -0.46060  3.54625   1.000 17.98131 ? 19  ARG A N   1 
ATOM   124  C CA  . ARG A 1 21  ? 12.89646  -0.68852  4.33606   1.000 17.13912 ? 19  ARG A CA  1 
ATOM   125  C C   . ARG A 1 21  ? 12.03956  0.56777   4.33954   1.000 20.75594 ? 19  ARG A C   1 
ATOM   126  O O   . ARG A 1 21  ? 12.54466  1.67627   4.53322   1.000 19.96978 ? 19  ARG A O   1 
ATOM   127  C CB  . ARG A 1 21  ? 13.28544  -1.04480  5.77439   1.000 19.51913 ? 19  ARG A CB  1 
ATOM   128  C CG  . ARG A 1 21  ? 12.09561  -1.10803  6.71078   1.000 20.70399 ? 19  ARG A CG  1 
ATOM   129  C CD  . ARG A 1 21  ? 12.52785  -1.70089  8.04426   1.000 21.35175 ? 19  ARG A CD  1 
ATOM   130  N NE  . ARG A 1 21  ? 12.71464  -3.14204  7.95437   1.000 20.81599 ? 19  ARG A NE  1 
ATOM   131  C CZ  . ARG A 1 21  ? 12.91746  -3.92441  9.01287   1.000 22.28859 ? 19  ARG A CZ  1 
ATOM   132  N NH1 . ARG A 1 21  ? 12.94585  -3.37622  10.21262  1.000 21.49096 ? 19  ARG A NH1 1 
ATOM   133  N NH2 . ARG A 1 21  ? 13.08467  -5.23580  8.86547   1.000 23.03474 ? 19  ARG A NH2 1 
ATOM   134  N N   . VAL A 1 22  ? 10.73108  0.38499   4.15881   1.000 16.71510 ? 20  VAL A N   1 
ATOM   135  C CA  . VAL A 1 22  ? 9.75561   1.46166   4.30478   1.000 20.51033 ? 20  VAL A CA  1 
ATOM   136  C C   . VAL A 1 22  ? 8.90922   1.10491   5.52034   1.000 17.01071 ? 20  VAL A C   1 
ATOM   137  O O   . VAL A 1 22  ? 8.47154   -0.04931  5.66734   1.000 18.11731 ? 20  VAL A O   1 
ATOM   138  C CB  . VAL A 1 22  ? 8.86316   1.61071   3.05596   1.000 18.95915 ? 20  VAL A CB  1 
ATOM   139  C CG1 . VAL A 1 22  ? 7.82449   2.71425   3.26165   1.000 20.58789 ? 20  VAL A CG1 1 
ATOM   140  C CG2 . VAL A 1 22  ? 9.68368   1.90982   1.80692   1.000 20.68132 ? 20  VAL A CG2 1 
ATOM   141  N N   . SER A 1 23  ? 8.69487   2.07213   6.40958   1.000 17.45154 ? 21  SER A N   1 
ATOM   142  C CA  . SER A 1 23  ? 7.79483   1.86145   7.53237   1.000 18.78121 ? 21  SER A CA  1 
ATOM   143  C C   . SER A 1 23  ? 6.61443   2.82861   7.45435   1.000 20.56693 ? 21  SER A C   1 
ATOM   144  O O   . SER A 1 23  ? 6.72246   3.94003   6.92277   1.000 21.00372 ? 21  SER A O   1 
ATOM   145  C CB  . SER A 1 23  ? 8.50411   1.94903   8.90208   1.000 24.66359 ? 21  SER A CB  1 
ATOM   146  O OG  . SER A 1 23  ? 8.96445   3.26278   9.14321   1.000 31.90034 ? 21  SER A OG  1 
ATOM   147  N N   . PHE A 1 24  ? 5.46977   2.37847   7.97627   1.000 19.44524 ? 22  PHE A N   1 
ATOM   148  C CA  . PHE A 1 24  ? 4.22309   3.13445   7.91634   1.000 18.30317 ? 22  PHE A CA  1 
ATOM   149  C C   . PHE A 1 24  ? 3.59753   3.20650   9.29422   1.000 19.02948 ? 22  PHE A C   1 
ATOM   150  O O   . PHE A 1 24  ? 3.59945   2.22075   10.03547  1.000 21.53736 ? 22  PHE A O   1 
ATOM   151  C CB  . PHE A 1 24  ? 3.16437   2.43169   7.03920   1.000 20.47891 ? 22  PHE A CB  1 
ATOM   152  C CG  . PHE A 1 24  ? 3.66250   2.01406   5.69589   1.000 18.14983 ? 22  PHE A CG  1 
ATOM   153  C CD1 . PHE A 1 24  ? 4.22268   0.75069   5.50451   1.000 21.16100 ? 22  PHE A CD1 1 
ATOM   154  C CD2 . PHE A 1 24  ? 3.57404   2.88119   4.61909   1.000 20.03738 ? 22  PHE A CD2 1 
ATOM   155  C CE1 . PHE A 1 24  ? 4.68261   0.36493   4.27470   1.000 20.63678 ? 22  PHE A CE1 1 
ATOM   156  C CE2 . PHE A 1 24  ? 4.01516   2.50036   3.37612   1.000 21.32297 ? 22  PHE A CE2 1 
ATOM   157  C CZ  . PHE A 1 24  ? 4.56554   1.24541   3.19126   1.000 18.15246 ? 22  PHE A CZ  1 
ATOM   158  N N   . GLU A 1 25  ? 3.06232   4.37240   9.62377   1.000 19.66813 ? 23  GLU A N   1 
ATOM   159  C CA  . GLU A 1 25  ? 2.10273   4.49668   10.71616  1.000 20.91063 ? 23  GLU A CA  1 
ATOM   160  C C   . GLU A 1 25  ? 0.70029   4.23384   10.17016  1.000 17.81585 ? 23  GLU A C   1 
ATOM   161  O O   . GLU A 1 25  ? 0.32526   4.78386   9.13199   1.000 19.55340 ? 23  GLU A O   1 
ATOM   162  C CB  . GLU A 1 25  ? 2.15549   5.90617   11.30735  1.000 21.81881 ? 23  GLU A CB  1 
ATOM   163  C CG  . GLU A 1 25  ? 1.02333   6.13980   12.33644  1.000 25.16713 ? 23  GLU A CG  1 
ATOM   164  C CD  . GLU A 1 25  ? 1.04633   7.52355   12.95633  1.000 34.25305 ? 23  GLU A CD  1 
ATOM   165  O OE1 . GLU A 1 25  ? 1.91906   8.34272   12.58366  1.000 32.10508 ? 23  GLU A OE1 1 
ATOM   166  O OE2 . GLU A 1 25  ? 0.16873   7.79325   13.80957  1.000 29.56251 ? 23  GLU A OE2 1 
ATOM   167  N N   . LEU A 1 26  ? -0.05826  3.38417   10.84902  1.000 18.23337 ? 24  LEU A N   1 
ATOM   168  C CA  . LEU A 1 26  ? -1.42405  3.10341   10.43182  1.000 15.53865 ? 24  LEU A CA  1 
ATOM   169  C C   . LEU A 1 26  ? -2.36567  3.82618   11.37998  1.000 18.95154 ? 24  LEU A C   1 
ATOM   170  O O   . LEU A 1 26  ? -2.24929  3.66668   12.59074  1.000 20.21887 ? 24  LEU A O   1 
ATOM   171  C CB  . LEU A 1 26  ? -1.70793  1.59986   10.44159  1.000 18.07668 ? 24  LEU A CB  1 
ATOM   172  C CG  . LEU A 1 26  ? -0.70017  0.71531   9.72364   1.000 17.75863 ? 24  LEU A CG  1 
ATOM   173  C CD1 . LEU A 1 26  ? -1.12887  -0.73843  9.75386   1.000 19.43778 ? 24  LEU A CD1 1 
ATOM   174  C CD2 . LEU A 1 26  ? -0.51146  1.20441   8.27448   1.000 19.29910 ? 24  LEU A CD2 1 
ATOM   175  N N   . PHE A 1 27  ? -3.27129  4.63575   10.82944  1.000 20.46910 ? 25  PHE A N   1 
ATOM   176  C CA  . PHE A 1 27  ? -4.13554  5.52442   11.61855  1.000 21.66692 ? 25  PHE A CA  1 
ATOM   177  C C   . PHE A 1 27  ? -5.33540  4.75671   12.17160  1.000 21.66215 ? 25  PHE A C   1 
ATOM   178  O O   . PHE A 1 27  ? -6.49087  5.02861   11.84287  1.000 20.27440 ? 25  PHE A O   1 
ATOM   179  C CB  . PHE A 1 27  ? -4.57049  6.73162   10.78297  1.000 20.04740 ? 25  PHE A CB  1 
ATOM   180  C CG  . PHE A 1 27  ? -3.41154  7.57735   10.29094  1.000 22.48783 ? 25  PHE A CG  1 
ATOM   181  C CD1 . PHE A 1 27  ? -2.41103  7.99216   11.16307  1.000 25.86248 ? 25  PHE A CD1 1 
ATOM   182  C CD2 . PHE A 1 27  ? -3.32105  7.95723   8.94556   1.000 25.65961 ? 25  PHE A CD2 1 
ATOM   183  C CE1 . PHE A 1 27  ? -1.32522  8.75773   10.68055  1.000 29.55428 ? 25  PHE A CE1 1 
ATOM   184  C CE2 . PHE A 1 27  ? -2.24969  8.73986   8.46595   1.000 28.50907 ? 25  PHE A CE2 1 
ATOM   185  C CZ  . PHE A 1 27  ? -1.26005  9.13620   9.33910   1.000 27.63398 ? 25  PHE A CZ  1 
ATOM   186  N N   . ALA A 1 28  ? -5.03795  3.80758   13.06336  1.000 19.38487 ? 26  ALA A N   1 
ATOM   187  C CA  . ALA A 1 28  ? -6.09030  3.02688   13.69429  1.000 18.18162 ? 26  ALA A CA  1 
ATOM   188  C C   . ALA A 1 28  ? -6.97729  3.90453   14.55104  1.000 22.12099 ? 26  ALA A C   1 
ATOM   189  O O   . ALA A 1 28  ? -8.11761  3.51932   14.83780  1.000 24.04194 ? 26  ALA A O   1 
ATOM   190  C CB  . ALA A 1 28  ? -5.47176  1.94059   14.57236  1.000 20.62370 ? 26  ALA A CB  1 
ATOM   191  N N   . ASP A 1 29  ? -6.47464  5.06785   14.96865  1.000 22.80337 ? 27  ASP A N   1 
ATOM   192  C CA  . ASP A 1 29  ? -7.30254  5.95209   15.78120  1.000 29.39459 ? 27  ASP A CA  1 
ATOM   193  C C   . ASP A 1 29  ? -8.42628  6.56430   14.96536  1.000 24.92590 ? 27  ASP A C   1 
ATOM   194  O O   . ASP A 1 29  ? -9.46824  6.92129   15.52833  1.000 30.04408 ? 27  ASP A O   1 
ATOM   195  C CB  . ASP A 1 29  ? -6.44404  7.04934   16.42602  1.000 26.98090 ? 27  ASP A CB  1 
ATOM   196  C CG  . ASP A 1 29  ? -5.66695  7.85493   15.41179  1.000 34.01261 ? 27  ASP A CG  1 
ATOM   197  O OD1 . ASP A 1 29  ? -5.39611  7.32956   14.30791  1.000 28.30910 ? 27  ASP A OD1 1 
ATOM   198  O OD2 . ASP A 1 29  ? -5.32382  9.02408   15.71051  1.000 40.28648 ? 27  ASP A OD2 1 
ATOM   199  N N   . LYS A 1 30  ? -8.24943  6.68569   13.65195  1.000 23.11279 ? 28  LYS A N   1 
ATOM   200  C CA  . LYS A 1 30  ? -9.26886  7.26458   12.78931  1.000 20.29541 ? 28  LYS A CA  1 
ATOM   201  C C   . LYS A 1 30  ? -9.91781  6.26001   11.85573  1.000 22.54826 ? 28  LYS A C   1 
ATOM   202  O O   . LYS A 1 30  ? -11.09981 6.42145   11.53609  1.000 21.44991 ? 28  LYS A O   1 
ATOM   203  C CB  . LYS A 1 30  ? -8.68324  8.42763   11.99109  1.000 28.79509 ? 28  LYS A CB  1 
ATOM   204  C CG  . LYS A 1 30  ? -8.22016  9.55153   12.92806  1.000 33.03791 ? 28  LYS A CG  1 
ATOM   205  C CD  . LYS A 1 30  ? -8.00264  10.84466  12.19185  1.000 36.77911 ? 28  LYS A CD  1 
ATOM   206  C CE  . LYS A 1 30  ? -7.79126  11.98830  13.17225  1.000 36.14059 ? 28  LYS A CE  1 
ATOM   207  N NZ  . LYS A 1 30  ? -6.59099  11.77125  14.01033  1.000 41.38648 ? 28  LYS A NZ  1 
ATOM   208  N N   . VAL A 1 31  ? -9.20164  5.21162   11.44455  1.000 19.30411 ? 29  VAL A N   1 
ATOM   209  C CA  . VAL A 1 31  ? -9.77859  4.19778   10.55184  1.000 22.17940 ? 29  VAL A CA  1 
ATOM   210  C C   . VAL A 1 31  ? -9.39957  2.80898   11.05322  1.000 18.45190 ? 29  VAL A C   1 
ATOM   211  O O   . VAL A 1 31  ? -8.62237  2.08995   10.41226  1.000 18.47384 ? 29  VAL A O   1 
ATOM   212  C CB  . VAL A 1 31  ? -9.38422  4.40416   9.07483   1.000 19.21453 ? 29  VAL A CB  1 
ATOM   213  C CG1 . VAL A 1 31  ? -10.28226 5.44756   8.41115   1.000 19.79839 ? 29  VAL A CG1 1 
ATOM   214  C CG2 . VAL A 1 31  ? -7.94642  4.82307   8.95711   1.000 23.26395 ? 29  VAL A CG2 1 
ATOM   215  N N   . PRO A 1 32  ? -9.92895  2.38030   12.19449  1.000 20.01102 ? 30  PRO A N   1 
ATOM   216  C CA  . PRO A 1 32  ? -9.43988  1.11644   12.78626  1.000 19.63881 ? 30  PRO A CA  1 
ATOM   217  C C   . PRO A 1 32  ? -9.65617  -0.12203  11.92963  1.000 18.33487 ? 30  PRO A C   1 
ATOM   218  O O   . PRO A 1 32  ? -8.79560  -1.01556  11.90532  1.000 19.15038 ? 30  PRO A O   1 
ATOM   219  C CB  . PRO A 1 32  ? -10.22178 1.02970   14.10563  1.000 19.27802 ? 30  PRO A CB  1 
ATOM   220  C CG  . PRO A 1 32  ? -11.41745 1.92750   13.88166  1.000 18.14465 ? 30  PRO A CG  1 
ATOM   221  C CD  . PRO A 1 32  ? -10.91794 3.06505   13.04607  1.000 20.60800 ? 30  PRO A CD  1 
ATOM   222  N N   . LYS A 1 33  ? -10.79443 -0.22241  11.24563  1.000 16.96484 ? 31  LYS A N   1 
ATOM   223  C CA  . LYS A 1 33  ? -11.04800 -1.42491  10.47291  1.000 18.36206 ? 31  LYS A CA  1 
ATOM   224  C C   . LYS A 1 33  ? -10.08289 -1.51749  9.29477   1.000 18.79794 ? 31  LYS A C   1 
ATOM   225  O O   . LYS A 1 33  ? -9.53912  -2.59185  9.00635   1.000 17.64264 ? 31  LYS A O   1 
ATOM   226  C CB  . LYS A 1 33  ? -12.51397 -1.43101  10.01825  1.000 16.15034 ? 31  LYS A CB  1 
ATOM   227  C CG  . LYS A 1 33  ? -12.92005 -2.73348  9.31960   1.000 19.71368 ? 31  LYS A CG  1 
ATOM   228  C CD  . LYS A 1 33  ? -14.43129 -2.75559  9.04613   1.000 21.21279 ? 31  LYS A CD  1 
ATOM   229  C CE  . LYS A 1 33  ? -14.82755 -4.03703  8.34755   1.000 21.18592 ? 31  LYS A CE  1 
ATOM   230  N NZ  . LYS A 1 33  ? -16.29876 -4.22929  8.33928   1.000 23.66254 ? 31  LYS A NZ  1 
ATOM   231  N N   . THR A 1 34  ? -9.84069  -0.39129  8.62884   1.000 18.99648 ? 32  THR A N   1 
ATOM   232  C CA  . THR A 1 34  ? -8.94038  -0.37508  7.48195   1.000 16.64001 ? 32  THR A CA  1 
ATOM   233  C C   . THR A 1 34  ? -7.50054  -0.55909  7.93488   1.000 15.51672 ? 32  THR A C   1 
ATOM   234  O O   . THR A 1 34  ? -6.71750  -1.26113  7.28033   1.000 16.43355 ? 32  THR A O   1 
ATOM   235  C CB  . THR A 1 34  ? -9.12347  0.94912   6.74495   1.000 14.64630 ? 32  THR A CB  1 
ATOM   236  O OG1 . THR A 1 34  ? -10.51012 1.15633   6.48268   1.000 17.73497 ? 32  THR A OG1 1 
ATOM   237  C CG2 . THR A 1 34  ? -8.41152  0.93581   5.38441   1.000 16.43104 ? 32  THR A CG2 1 
ATOM   238  N N   . ALA A 1 35  ? -7.12127  0.10606   9.02197   1.000 16.46061 ? 33  ALA A N   1 
ATOM   239  C CA  . ALA A 1 35  ? -5.77235  -0.07487  9.53849   1.000 17.97692 ? 33  ALA A CA  1 
ATOM   240  C C   . ALA A 1 35  ? -5.52711  -1.52620  9.94961   1.000 17.39002 ? 33  ALA A C   1 
ATOM   241  O O   . ALA A 1 35  ? -4.45620  -2.08550  9.66955   1.000 17.44675 ? 33  ALA A O   1 
ATOM   242  C CB  . ALA A 1 35  ? -5.50416  0.89271   10.69258  1.000 20.24445 ? 33  ALA A CB  1 
ATOM   243  N N   . GLU A 1 36  ? -6.51758  -2.16985  10.57295  1.000 18.69239 ? 34  GLU A N   1 
ATOM   244  C CA  . GLU A 1 36  ? -6.35333  -3.55354  11.01314  1.000 18.89534 ? 34  GLU A CA  1 
ATOM   245  C C   . GLU A 1 36  ? -6.15876  -4.50823  9.83669   1.000 18.07208 ? 34  GLU A C   1 
ATOM   246  O O   . GLU A 1 36  ? -5.36878  -5.46130  9.91543   1.000 19.98473 ? 34  GLU A O   1 
ATOM   247  C CB  . GLU A 1 36  ? -7.55678  -3.98861  11.85680  1.000 18.27913 ? 34  GLU A CB  1 
ATOM   248  C CG  . GLU A 1 36  ? -7.52162  -5.49589  12.22832  1.000 21.23319 ? 34  GLU A CG  1 
ATOM   249  C CD  . GLU A 1 36  ? -6.31683  -5.90624  13.11204  1.000 22.36980 ? 34  GLU A CD  1 
ATOM   250  O OE1 . GLU A 1 36  ? -5.61360  -5.03303  13.65184  1.000 20.37535 ? 34  GLU A OE1 1 
ATOM   251  O OE2 . GLU A 1 36  ? -6.09755  -7.12211  13.27931  1.000 26.69015 ? 34  GLU A OE2 1 
ATOM   252  N N   . ASN A 1 37  ? -6.88168  -4.28180  8.73704   1.000 17.80209 ? 35  ASN A N   1 
ATOM   253  C CA  . ASN A 1 37  ? -6.70007  -5.12364  7.56227   1.000 16.75138 ? 35  ASN A CA  1 
ATOM   254  C C   . ASN A 1 37  ? -5.25406  -5.06786  7.08103   1.000 17.70869 ? 35  ASN A C   1 
ATOM   255  O O   . ASN A 1 37  ? -4.61999  -6.10292  6.83193   1.000 17.52891 ? 35  ASN A O   1 
ATOM   256  C CB  . ASN A 1 37  ? -7.62420  -4.61353  6.45486   1.000 17.86073 ? 35  ASN A CB  1 
ATOM   257  C CG  . ASN A 1 37  ? -7.53309  -5.42022  5.20043   1.000 16.91937 ? 35  ASN A CG  1 
ATOM   258  O OD1 . ASN A 1 37  ? -7.72361  -6.63812  5.20640   1.000 19.12157 ? 35  ASN A OD1 1 
ATOM   259  N ND2 . ASN A 1 37  ? -7.29975  -4.72472  4.06438   1.000 16.41048 ? 35  ASN A ND2 1 
ATOM   260  N N   . PHE A 1 38  ? -4.72031  -3.84717  6.94809   1.000 16.50139 ? 36  PHE A N   1 
ATOM   261  C CA  . PHE A 1 38  ? -3.35645  -3.69069  6.45477   1.000 16.96996 ? 36  PHE A CA  1 
ATOM   262  C C   . PHE A 1 38  ? -2.35018  -4.28414  7.43495   1.000 19.59735 ? 36  PHE A C   1 
ATOM   263  O O   . PHE A 1 38  ? -1.38784  -4.94522  7.01721   1.000 16.50799 ? 36  PHE A O   1 
ATOM   264  C CB  . PHE A 1 38  ? -3.08581  -2.20892  6.20191   1.000 16.82449 ? 36  PHE A CB  1 
ATOM   265  C CG  . PHE A 1 38  ? -1.80098  -1.93413  5.43834   1.000 17.51933 ? 36  PHE A CG  1 
ATOM   266  C CD1 . PHE A 1 38  ? -1.80689  -1.86906  4.04357   1.000 16.47805 ? 36  PHE A CD1 1 
ATOM   267  C CD2 . PHE A 1 38  ? -0.60193  -1.69914  6.10168   1.000 19.32443 ? 36  PHE A CD2 1 
ATOM   268  C CE1 . PHE A 1 38  ? -0.63435  -1.60332  3.35680   1.000 15.32236 ? 36  PHE A CE1 1 
ATOM   269  C CE2 . PHE A 1 38  ? 0.55801   -1.42081  5.41189   1.000 21.18762 ? 36  PHE A CE2 1 
ATOM   270  C CZ  . PHE A 1 38  ? 0.53590   -1.34872  4.03597   1.000 18.21600 ? 36  PHE A CZ  1 
ATOM   271  N N   . ARG A 1 39  ? -2.57218  -4.07257  8.73940   1.000 19.01239 ? 37  ARG A N   1 
ATOM   272  C CA  . ARG A 1 39  ? -1.66826  -4.61608  9.75120   1.000 17.90562 ? 37  ARG A CA  1 
ATOM   273  C C   . ARG A 1 39  ? -1.60211  -6.13426  9.65525   1.000 18.83172 ? 37  ARG A C   1 
ATOM   274  O O   . ARG A 1 39  ? -0.51232  -6.72831  9.56514   1.000 19.49509 ? 37  ARG A O   1 
ATOM   275  C CB  . ARG A 1 39  ? -2.13671  -4.17701  11.14335  1.000 19.90938 ? 37  ARG A CB  1 
ATOM   276  C CG  . ARG A 1 39  ? -1.13592  -4.47559  12.26975  1.000 20.23060 ? 37  ARG A CG  1 
ATOM   277  C CD  . ARG A 1 39  ? -1.84416  -4.59474  13.65582  1.000 16.98485 ? 37  ARG A CD  1 
ATOM   278  N NE  . ARG A 1 39  ? -2.81510  -5.67803  13.66242  1.000 20.80486 ? 37  ARG A NE  1 
ATOM   279  C CZ  . ARG A 1 39  ? -2.51262  -6.97313  13.73341  1.000 21.04488 ? 37  ARG A CZ  1 
ATOM   280  N NH1 . ARG A 1 39  ? -1.23729  -7.37701  13.82875  1.000 21.74585 ? 37  ARG A NH1 1 
ATOM   281  N NH2 . ARG A 1 39  ? -3.49635  -7.87066  13.68773  1.000 22.65042 ? 37  ARG A NH2 1 
ATOM   282  N N   . ALA A 1 40  ? -2.76644  -6.77955  9.60167   1.000 19.66865 ? 38  ALA A N   1 
ATOM   283  C CA  . ALA A 1 40  ? -2.80070  -8.23856  9.59218   1.000 20.05836 ? 38  ALA A CA  1 
ATOM   284  C C   . ALA A 1 40  ? -2.27405  -8.82324  8.28391   1.000 20.08493 ? 38  ALA A C   1 
ATOM   285  O O   . ALA A 1 40  ? -1.61411  -9.86601  8.29827   1.000 20.28288 ? 38  ALA A O   1 
ATOM   286  C CB  . ALA A 1 40  ? -4.21095  -8.72052  9.91721   1.000 19.41004 ? 38  ALA A CB  1 
ATOM   287  N N   . LEU A 1 41  ? -2.50748  -8.14544  7.14823   1.000 17.57019 ? 39  LEU A N   1 
ATOM   288  C CA  . LEU A 1 41  ? -1.89500  -8.58459  5.89847   1.000 17.99632 ? 39  LEU A CA  1 
ATOM   289  C C   . LEU A 1 41  ? -0.38103  -8.41881  5.93467   1.000 18.31220 ? 39  LEU A C   1 
ATOM   290  O O   . LEU A 1 41  ? 0.34495   -9.19419  5.29110   1.000 18.46692 ? 39  LEU A O   1 
ATOM   291  C CB  . LEU A 1 41  ? -2.49765  -7.77281  4.74125   1.000 17.12378 ? 39  LEU A CB  1 
ATOM   292  C CG  . LEU A 1 41  ? -3.97402  -8.08996  4.49540   1.000 16.60893 ? 39  LEU A CG  1 
ATOM   293  C CD1 . LEU A 1 41  ? -4.56993  -7.12396  3.42641   1.000 18.29829 ? 39  LEU A CD1 1 
ATOM   294  C CD2 . LEU A 1 41  ? -4.15471  -9.56139  4.07355   1.000 19.63297 ? 39  LEU A CD2 1 
ATOM   295  N N   . SER A 1 42  ? 0.11488   -7.39467  6.64139   1.000 17.65879 ? 40  SER A N   1 
ATOM   296  C CA  . SER A 1 42  ? 1.55994   -7.21396  6.77714   1.000 19.05725 ? 40  SER A CA  1 
ATOM   297  C C   . SER A 1 42  ? 2.21163   -8.25445  7.68485   1.000 21.45151 ? 40  SER A C   1 
ATOM   298  O O   . SER A 1 42  ? 3.37630   -8.60176  7.46220   1.000 20.33315 ? 40  SER A O   1 
ATOM   299  C CB  . SER A 1 42  ? 1.89674   -5.80567  7.26962   1.000 17.84442 ? 40  SER A CB  1 
ATOM   300  O OG  . SER A 1 42  ? 1.38121   -4.82427  6.36182   1.000 19.47134 ? 40  SER A OG  1 
ATOM   301  N N   . THR A 1 43  ? 1.52225   -8.72129  8.74087   1.000 18.45888 ? 41  THR A N   1 
ATOM   302  C CA  . THR A 1 43  ? 2.12562   -9.76916  9.56741   1.000 18.86982 ? 41  THR A CA  1 
ATOM   303  C C   . THR A 1 43  ? 1.90616   -11.15022 8.98282   1.000 19.59360 ? 41  THR A C   1 
ATOM   304  O O   . THR A 1 43  ? 2.62813   -12.08490 9.33812   1.000 22.39600 ? 41  THR A O   1 
ATOM   305  C CB  . THR A 1 43  ? 1.51444   -9.79198  10.97961  1.000 19.38649 ? 41  THR A CB  1 
ATOM   306  O OG1 . THR A 1 43  ? 0.15143   -10.21576 10.89835  1.000 21.86931 ? 41  THR A OG1 1 
ATOM   307  C CG2 . THR A 1 43  ? 1.60835   -8.44231  11.65871  1.000 24.12128 ? 41  THR A CG2 1 
ATOM   308  N N   . GLY A 1 44  ? 0.89435   -11.31992 8.14097   1.000 20.90094 ? 42  GLY A N   1 
ATOM   309  C CA  . GLY A 1 44  ? 0.57434   -12.64498 7.63607   1.000 22.33007 ? 42  GLY A CA  1 
ATOM   310  C C   . GLY A 1 44  ? -0.19140  -13.51582 8.60227   1.000 22.87796 ? 42  GLY A C   1 
ATOM   311  O O   . GLY A 1 44  ? -0.40529  -14.69850 8.31910   1.000 25.57901 ? 42  GLY A O   1 
ATOM   312  N N   . GLU A 1 45  ? -0.65758  -12.94814 9.71045   1.000 21.77410 ? 43  GLU A N   1 
ATOM   313  C CA  . GLU A 1 45  ? -1.18104  -13.76548 10.80732  1.000 25.09027 ? 43  GLU A CA  1 
ATOM   314  C C   . GLU A 1 45  ? -2.44234  -14.55516 10.45969  1.000 32.92801 ? 43  GLU A C   1 
ATOM   315  O O   . GLU A 1 45  ? -2.73282  -15.54687 11.14329  1.000 31.00684 ? 43  GLU A O   1 
ATOM   316  C CB  . GLU A 1 45  ? -1.38276  -12.92182 12.05524  1.000 22.39295 ? 43  GLU A CB  1 
ATOM   317  C CG  . GLU A 1 45  ? -2.39327  -11.79228 11.91581  1.000 27.54688 ? 43  GLU A CG  1 
ATOM   318  C CD  . GLU A 1 45  ? -2.28187  -10.80503 13.05875  1.000 27.88472 ? 43  GLU A CD  1 
ATOM   319  O OE1 . GLU A 1 45  ? -1.25290  -10.11163 13.17048  1.000 22.96590 ? 43  GLU A OE1 1 
ATOM   320  O OE2 . GLU A 1 45  ? -3.22953  -10.73951 13.87854  1.000 27.29366 ? 43  GLU A OE2 1 
ATOM   321  N N   . LYS A 1 46  ? -3.21118  -14.15061 9.44867   1.000 27.63618 ? 44  LYS A N   1 
ATOM   322  C CA  . LYS A 1 46  ? -4.37439  -14.92329 9.02321   1.000 21.70410 ? 44  LYS A CA  1 
ATOM   323  C C   . LYS A 1 46  ? -4.02030  -16.05196 8.06093   1.000 23.31081 ? 44  LYS A C   1 
ATOM   324  O O   . LYS A 1 46  ? -4.91312  -16.81050 7.66173   1.000 29.48720 ? 44  LYS A O   1 
ATOM   325  C CB  . LYS A 1 46  ? -5.42255  -14.00188 8.37781   1.000 26.89928 ? 44  LYS A CB  1 
ATOM   326  C CG  . LYS A 1 46  ? -5.72921  -12.75542 9.17397   1.000 29.39776 ? 44  LYS A CG  1 
ATOM   327  C CD  . LYS A 1 46  ? -6.52192  -13.06047 10.42760  1.000 27.81368 ? 44  LYS A CD  1 
ATOM   328  C CE  . LYS A 1 46  ? -6.89515  -11.77458 11.15744  1.000 35.12377 ? 44  LYS A CE  1 
ATOM   329  N NZ  . LYS A 1 46  ? -7.72332  -12.02170 12.37861  1.000 35.37067 ? 44  LYS A NZ  1 
ATOM   330  N N   . GLY A 1 47  ? -2.76299  -16.16710 7.64582   1.000 23.41503 ? 45  GLY A N   1 
ATOM   331  C CA  . GLY A 1 47  ? -2.36961  -17.19151 6.71178   1.000 24.57666 ? 45  GLY A CA  1 
ATOM   332  C C   . GLY A 1 47  ? -2.21477  -16.70833 5.29222   1.000 27.05924 ? 45  GLY A C   1 
ATOM   333  O O   . GLY A 1 47  ? -1.99148  -17.52809 4.39740   1.000 26.63091 ? 45  GLY A O   1 
ATOM   334  N N   . PHE A 1 48  ? -2.37221  -15.40739 5.05880   1.000 23.34275 ? 46  PHE A N   1 
ATOM   335  C CA  . PHE A 1 48  ? -2.13427  -14.79792 3.75714   1.000 21.84502 ? 46  PHE A CA  1 
ATOM   336  C C   . PHE A 1 48  ? -1.76376  -13.33827 3.98744   1.000 21.52455 ? 46  PHE A C   1 
ATOM   337  O O   . PHE A 1 48  ? -2.00683  -12.77895 5.06102   1.000 20.91893 ? 46  PHE A O   1 
ATOM   338  C CB  . PHE A 1 48  ? -3.36963  -14.90434 2.85120   1.000 23.39143 ? 46  PHE A CB  1 
ATOM   339  C CG  . PHE A 1 48  ? -4.66201  -14.41997 3.49615   1.000 22.70285 ? 46  PHE A CG  1 
ATOM   340  C CD1 . PHE A 1 48  ? -5.03997  -13.08073 3.43374   1.000 22.03415 ? 46  PHE A CD1 1 
ATOM   341  C CD2 . PHE A 1 48  ? -5.51169  -15.31295 4.12920   1.000 24.26210 ? 46  PHE A CD2 1 
ATOM   342  C CE1 . PHE A 1 48  ? -6.23532  -12.63475 4.00519   1.000 24.99009 ? 46  PHE A CE1 1 
ATOM   343  C CE2 . PHE A 1 48  ? -6.68996  -14.88508 4.70526   1.000 23.62048 ? 46  PHE A CE2 1 
ATOM   344  C CZ  . PHE A 1 48  ? -7.06031  -13.53709 4.64314   1.000 27.67902 ? 46  PHE A CZ  1 
ATOM   345  N N   . GLY A 1 49  ? -1.17476  -12.71056 2.97523   1.000 21.98642 ? 47  GLY A N   1 
ATOM   346  C CA  . GLY A 1 49  ? -0.78474  -11.32409 3.17332   1.000 20.38494 ? 47  GLY A CA  1 
ATOM   347  C C   . GLY A 1 49  ? 0.22911   -10.88700 2.13382   1.000 19.41983 ? 47  GLY A C   1 
ATOM   348  O O   . GLY A 1 49  ? 0.39132   -11.53025 1.09873   1.000 20.36957 ? 47  GLY A O   1 
ATOM   349  N N   . TYR A 1 50  ? 0.93191   -9.80931  2.47126   1.000 18.00025 ? 48  TYR A N   1 
ATOM   350  C CA  . TYR A 1 50  ? 1.73638   -9.07802  1.50508   1.000 17.43861 ? 48  TYR A CA  1 
ATOM   351  C C   . TYR A 1 50  ? 3.09979   -9.68112  1.25776   1.000 16.35936 ? 48  TYR A C   1 
ATOM   352  O O   . TYR A 1 50  ? 3.72529   -9.34211  0.24821   1.000 18.34352 ? 48  TYR A O   1 
ATOM   353  C CB  . TYR A 1 50  ? 1.92797   -7.63331  1.98009   1.000 18.17305 ? 48  TYR A CB  1 
ATOM   354  C CG  . TYR A 1 50  ? 0.64287   -6.80629  2.01312   1.000 16.29899 ? 48  TYR A CG  1 
ATOM   355  C CD1 . TYR A 1 50  ? -0.29081  -6.84499  0.96701   1.000 17.60066 ? 48  TYR A CD1 1 
ATOM   356  C CD2 . TYR A 1 50  ? 0.36318   -5.98388  3.10391   1.000 17.97211 ? 48  TYR A CD2 1 
ATOM   357  C CE1 . TYR A 1 50  ? -1.45846  -6.07834  1.01409   1.000 18.54698 ? 48  TYR A CE1 1 
ATOM   358  C CE2 . TYR A 1 50  ? -0.79819  -5.20249  3.14313   1.000 16.76628 ? 48  TYR A CE2 1 
ATOM   359  C CZ  . TYR A 1 50  ? -1.68927  -5.25974  2.09637   1.000 16.43470 ? 48  TYR A CZ  1 
ATOM   360  O OH  . TYR A 1 50  ? -2.83411  -4.49173  2.16961   1.000 15.89154 ? 48  TYR A OH  1 
ATOM   361  N N   . LYS A 1 51  ? 3.60177   -10.53735 2.15292   1.000 16.67461 ? 49  LYS A N   1 
ATOM   362  C CA  . LYS A 1 51  ? 4.96845   -11.01968 1.97086   1.000 17.48413 ? 49  LYS A CA  1 
ATOM   363  C C   . LYS A 1 51  ? 5.12492   -11.76333 0.65341   1.000 19.70347 ? 49  LYS A C   1 
ATOM   364  O O   . LYS A 1 51  ? 4.37874   -12.70492 0.36499   1.000 22.14304 ? 49  LYS A O   1 
ATOM   365  C CB  . LYS A 1 51  ? 5.37442   -11.92043 3.14246   1.000 18.88827 ? 49  LYS A CB  1 
ATOM   366  C CG  . LYS A 1 51  ? 6.81257   -12.37545 3.04445   1.000 21.39245 ? 49  LYS A CG  1 
ATOM   367  C CD  . LYS A 1 51  ? 7.24926   -13.15208 4.28898   1.000 23.97609 ? 49  LYS A CD  1 
ATOM   368  C CE  . LYS A 1 51  ? 8.69636   -13.63339 4.13539   1.000 26.63262 ? 49  LYS A CE  1 
ATOM   369  N NZ  . LYS A 1 51  ? 9.10782   -14.47055 5.31846   1.000 29.60719 ? 49  LYS A NZ  1 
ATOM   370  N N   . GLY A 1 52  ? 6.10778   -11.32676 -0.14256  1.000 18.01840 ? 50  GLY A N   1 
ATOM   371  C CA  . GLY A 1 52  ? 6.39234   -11.89938 -1.43878  1.000 18.27410 ? 50  GLY A CA  1 
ATOM   372  C C   . GLY A 1 52  ? 5.66104   -11.25028 -2.58961  1.000 18.29402 ? 50  GLY A C   1 
ATOM   373  O O   . GLY A 1 52  ? 5.90033   -11.62321 -3.74346  1.000 23.63426 ? 50  GLY A O   1 
ATOM   374  N N   . SER A 1 53  ? 4.75953   -10.30465 -2.31387  1.000 16.62972 ? 51  SER A N   1 
ATOM   375  C CA  . SER A 1 53  ? 3.96838   -9.70293  -3.37321  1.000 16.26999 ? 51  SER A CA  1 
ATOM   376  C C   . SER A 1 53  ? 4.70765   -8.53516  -4.01367  1.000 17.96319 ? 51  SER A C   1 
ATOM   377  O O   . SER A 1 53  ? 5.72695   -8.04367  -3.50584  1.000 20.52869 ? 51  SER A O   1 
ATOM   378  C CB  . SER A 1 53  ? 2.61379   -9.23407  -2.83389  1.000 18.83348 ? 51  SER A CB  1 
ATOM   379  O OG  . SER A 1 53  ? 2.73326   -8.17754  -1.87991  1.000 18.85380 ? 51  SER A OG  1 
ATOM   380  N N   . CYS A 1 54  ? 4.19716   -8.10950  -5.16079  1.000 17.80281 ? 52  CYS A N   1 
ATOM   381  C CA  . CYS A 1 54  ? 4.88400   -7.08534  -5.94245  1.000 20.40784 ? 52  CYS A CA  1 
ATOM   382  C C   . CYS A 1 54  ? 4.10350   -5.77921  -6.01116  1.000 19.04997 ? 52  CYS A C   1 
ATOM   383  O O   . CYS A 1 54  ? 2.91587   -5.71597  -5.68019  1.000 20.15172 ? 52  CYS A O   1 
ATOM   384  C CB  . CYS A 1 54  ? 5.21750   -7.56932  -7.35472  1.000 21.22422 ? 52  CYS A CB  1 
ATOM   385  S SG  . CYS A 1 54  ? 3.79611   -7.62466  -8.49238  1.000 26.71284 ? 52  CYS A SG  1 
ATOM   386  N N   . PHE A 1 55  ? 4.81188   -4.72480  -6.41356  1.000 15.65205 ? 53  PHE A N   1 
ATOM   387  C CA  . PHE A 1 55  ? 4.17795   -3.45845  -6.78685  1.000 16.24551 ? 53  PHE A CA  1 
ATOM   388  C C   . PHE A 1 55  ? 3.95098   -3.49643  -8.28751  1.000 18.21170 ? 53  PHE A C   1 
ATOM   389  O O   . PHE A 1 55  ? 4.90937   -3.45391  -9.06036  1.000 20.82690 ? 53  PHE A O   1 
ATOM   390  C CB  . PHE A 1 55  ? 5.06166   -2.28208  -6.38495  1.000 17.95991 ? 53  PHE A CB  1 
ATOM   391  C CG  . PHE A 1 55  ? 4.94938   -1.93429  -4.92158  1.000 15.87503 ? 53  PHE A CG  1 
ATOM   392  C CD1 . PHE A 1 55  ? 5.65001   -2.64945  -3.95183  1.000 16.69620 ? 53  PHE A CD1 1 
ATOM   393  C CD2 . PHE A 1 55  ? 4.09874   -0.90927  -4.51444  1.000 17.27936 ? 53  PHE A CD2 1 
ATOM   394  C CE1 . PHE A 1 55  ? 5.52763   -2.31242  -2.59361  1.000 18.84013 ? 53  PHE A CE1 1 
ATOM   395  C CE2 . PHE A 1 55  ? 3.97449   -0.57502  -3.18010  1.000 18.42737 ? 53  PHE A CE2 1 
ATOM   396  C CZ  . PHE A 1 55  ? 4.67499   -1.28713  -2.21476  1.000 18.11925 ? 53  PHE A CZ  1 
ATOM   397  N N   . HIS A 1 56  ? 2.69499   -3.64191  -8.69435  1.000 15.57356 ? 54  HIS A N   1 
ATOM   398  C CA  . HIS A 1 56  ? 2.39559   -3.86987  -10.09824 1.000 16.56162 ? 54  HIS A CA  1 
ATOM   399  C C   . HIS A 1 56  ? 2.32839   -2.59201  -10.92126 1.000 19.77879 ? 54  HIS A C   1 
ATOM   400  O O   . HIS A 1 56  ? 2.40783   -2.66579  -12.14564 1.000 18.07999 ? 54  HIS A O   1 
ATOM   401  C CB  . HIS A 1 56  ? 1.12478   -4.71087  -10.27661 1.000 17.36559 ? 54  HIS A CB  1 
ATOM   402  C CG  . HIS A 1 56  ? -0.11521  -4.07111  -9.73866  1.000 16.68442 ? 54  HIS A CG  1 
ATOM   403  N ND1 . HIS A 1 56  ? -0.48302  -4.13712  -8.41011  1.000 20.35129 ? 54  HIS A ND1 1 
ATOM   404  C CD2 . HIS A 1 56  ? -1.08924  -3.36392  -10.36732 1.000 17.62156 ? 54  HIS A CD2 1 
ATOM   405  C CE1 . HIS A 1 56  ? -1.62477  -3.49159  -8.24340  1.000 16.67875 ? 54  HIS A CE1 1 
ATOM   406  N NE2 . HIS A 1 56  ? -2.01588  -3.01905  -9.41777  1.000 18.69324 ? 54  HIS A NE2 1 
ATOM   407  N N   . ARG A 1 57  ? 2.18610   -1.42583  -10.29853 1.000 17.32826 ? 55  ARG A N   1 
ATOM   408  C CA  . ARG A 1 57  ? 2.06334   -0.19005  -11.06768 1.000 17.15117 ? 55  ARG A CA  1 
ATOM   409  C C   . ARG A 1 57  ? 2.77808   0.90718   -10.31522 1.000 15.25666 ? 55  ARG A C   1 
ATOM   410  O O   . ARG A 1 57  ? 2.45339   1.16733   -9.15201  1.000 18.22908 ? 55  ARG A O   1 
ATOM   411  C CB  . ARG A 1 57  ? 0.59258   0.18894   -11.22221 1.000 17.11791 ? 55  ARG A CB  1 
ATOM   412  C CG  . ARG A 1 57  ? 0.35316   1.51920   -11.98198 1.000 16.10150 ? 55  ARG A CG  1 
ATOM   413  C CD  . ARG A 1 57  ? -1.14594  1.68680   -12.31263 1.000 18.39834 ? 55  ARG A CD  1 
ATOM   414  N NE  . ARG A 1 57  ? -1.61244  0.52859   -13.06759 1.000 23.69478 ? 55  ARG A NE  1 
ATOM   415  C CZ  . ARG A 1 57  ? -2.52805  -0.33895  -12.64353 1.000 20.97682 ? 55  ARG A CZ  1 
ATOM   416  N NH1 . ARG A 1 57  ? -3.16142  -0.15210  -11.49020 1.000 21.83285 ? 55  ARG A NH1 1 
ATOM   417  N NH2 . ARG A 1 57  ? -2.80428  -1.39832  -13.39904 1.000 24.30389 ? 55  ARG A NH2 1 
ATOM   418  N N   . ILE A 1 58  ? 3.76275   1.53830   -10.96364 1.000 19.90689 ? 56  ILE A N   1 
ATOM   419  C CA  . ILE A 1 58  ? 4.48472   2.64397   -10.36114 1.000 15.26948 ? 56  ILE A CA  1 
ATOM   420  C C   . ILE A 1 58  ? 4.53142   3.75213   -11.38828 1.000 17.05057 ? 56  ILE A C   1 
ATOM   421  O O   . ILE A 1 58  ? 5.17030   3.60332   -12.44401 1.000 17.41179 ? 56  ILE A O   1 
ATOM   422  C CB  . ILE A 1 58  ? 5.89726   2.24946   -9.93224  1.000 17.11347 ? 56  ILE A CB  1 
ATOM   423  C CG1 . ILE A 1 58  ? 5.81726   1.17237   -8.83975  1.000 17.70064 ? 56  ILE A CG1 1 
ATOM   424  C CG2 . ILE A 1 58  ? 6.60415   3.44264   -9.39390  1.000 19.40995 ? 56  ILE A CG2 1 
ATOM   425  C CD1 . ILE A 1 58  ? 7.22533   0.70874   -8.40521  1.000 20.09948 ? 56  ILE A CD1 1 
ATOM   426  N N   . ILE A 1 59  ? 3.84757   4.84754   -11.09485 1.000 16.30861 ? 57  ILE A N   1 
ATOM   427  C CA  . ILE A 1 59  ? 3.82468   6.01030   -11.97543 1.000 16.68636 ? 57  ILE A CA  1 
ATOM   428  C C   . ILE A 1 59  ? 4.57202   7.11861   -11.25471 1.000 18.39726 ? 57  ILE A C   1 
ATOM   429  O O   . ILE A 1 59  ? 4.07221   7.62991   -10.25547 1.000 17.61691 ? 57  ILE A O   1 
ATOM   430  C CB  . ILE A 1 59  ? 2.39784   6.44509   -12.31664 1.000 13.33111 ? 57  ILE A CB  1 
ATOM   431  C CG1 . ILE A 1 59  ? 1.66663   5.32883   -13.04450 1.000 19.20691 ? 57  ILE A CG1 1 
ATOM   432  C CG2 . ILE A 1 59  ? 2.46576   7.71126   -13.22905 1.000 16.44403 ? 57  ILE A CG2 1 
ATOM   433  C CD1 . ILE A 1 59  ? 0.14867   5.53078   -13.14050 1.000 16.43055 ? 57  ILE A CD1 1 
ATOM   434  N N   . PRO A 1 60  ? 5.78582   7.49042   -11.69266 1.000 18.07026 ? 58  PRO A N   1 
ATOM   435  C CA  . PRO A 1 60  ? 6.53722   8.53603   -10.99392 1.000 19.13172 ? 58  PRO A CA  1 
ATOM   436  C C   . PRO A 1 60  ? 5.76644   9.83943   -10.97686 1.000 19.83175 ? 58  PRO A C   1 
ATOM   437  O O   . PRO A 1 60  ? 5.06578   10.17648  -11.93239 1.000 22.68389 ? 58  PRO A O   1 
ATOM   438  C CB  . PRO A 1 60  ? 7.82561   8.66861   -11.83198 1.000 21.48560 ? 58  PRO A CB  1 
ATOM   439  C CG  . PRO A 1 60  ? 7.95203   7.36228   -12.53161 1.000 20.44636 ? 58  PRO A CG  1 
ATOM   440  C CD  . PRO A 1 60  ? 6.53777   6.96197   -12.84715 1.000 20.32920 ? 58  PRO A CD  1 
ATOM   441  N N   . GLY A 1 61  ? 5.88309   10.55933  -9.86249  1.000 22.28168 ? 59  GLY A N   1 
ATOM   442  C CA  . GLY A 1 61  ? 5.12090   11.77818  -9.69465  1.000 21.25865 ? 59  GLY A CA  1 
ATOM   443  C C   . GLY A 1 61  ? 3.64516   11.55075  -9.47683  1.000 18.76466 ? 59  GLY A C   1 
ATOM   444  O O   . GLY A 1 61  ? 2.85394   12.46451  -9.70054  1.000 20.19637 ? 59  GLY A O   1 
ATOM   445  N N   . PHE A 1 62  ? 3.25408   10.35238  -9.04715  1.000 19.53164 ? 60  PHE A N   1 
ATOM   446  C CA  . PHE A 1 62  ? 1.85170   10.02345  -8.81543  1.000 15.57819 ? 60  PHE A CA  1 
ATOM   447  C C   . PHE A 1 62  ? 1.77873   9.04399   -7.63891  1.000 16.82019 ? 60  PHE A C   1 
ATOM   448  O O   . PHE A 1 62  ? 1.50999   9.47329   -6.51289  1.000 18.64478 ? 60  PHE A O   1 
ATOM   449  C CB  . PHE A 1 62  ? 1.23455   9.49576   -10.11832 1.000 17.53964 ? 60  PHE A CB  1 
ATOM   450  C CG  . PHE A 1 62  ? -0.25336  9.19112   -10.05897 1.000 13.81573 ? 60  PHE A CG  1 
ATOM   451  C CD1 . PHE A 1 62  ? -1.03750  9.44092   -8.91788  1.000 14.46962 ? 60  PHE A CD1 1 
ATOM   452  C CD2 . PHE A 1 62  ? -0.85906  8.65425   -11.18717 1.000 15.13775 ? 60  PHE A CD2 1 
ATOM   453  C CE1 . PHE A 1 62  ? -2.41089  9.13185   -8.91311  1.000 15.42988 ? 60  PHE A CE1 1 
ATOM   454  C CE2 . PHE A 1 62  ? -2.23357  8.33676   -11.17144 1.000 16.65800 ? 60  PHE A CE2 1 
ATOM   455  C CZ  . PHE A 1 62  ? -2.98987  8.59160   -10.05534 1.000 14.97196 ? 60  PHE A CZ  1 
ATOM   456  N N   . MET A 1 63  ? 2.01363   7.75344   -7.86545  1.000 18.11358 ? 61  MET A N   1 
ATOM   457  C CA  . MET A 1 63  ? 1.89725   6.81577   -6.75303  1.000 15.42654 ? 61  MET A CA  1 
ATOM   458  C C   . MET A 1 63  ? 2.49883   5.46319   -7.11190  1.000 16.56531 ? 61  MET A C   1 
ATOM   459  O O   . MET A 1 63  ? 2.75609   5.14772   -8.27926  1.000 16.87647 ? 61  MET A O   1 
ATOM   460  C CB  . MET A 1 63  ? 0.43017   6.65453   -6.32080  1.000 16.12379 ? 61  MET A CB  1 
ATOM   461  C CG  . MET A 1 63  ? -0.48267  6.14412   -7.43976  1.000 16.62506 ? 61  MET A CG  1 
ATOM   462  S SD  . MET A 1 63  ? -0.47674  4.33396   -7.63099  1.000 17.29474 ? 61  MET A SD  1 
ATOM   463  C CE  . MET A 1 63  ? -0.16211  4.12859   -9.40098  1.000 19.89327 ? 61  MET A CE  1 
ATOM   464  N N   . CYS A 1 64  ? 2.70032   4.64775   -6.08332  1.000 16.13543 ? 62  CYS A N   1 
ATOM   465  C CA  . CYS A 1 64  ? 3.10319   3.25468   -6.25278  1.000 16.99679 ? 62  CYS A CA  1 
ATOM   466  C C   . CYS A 1 64  ? 1.96562   2.38465   -5.72930  1.000 17.26137 ? 62  CYS A C   1 
ATOM   467  O O   . CYS A 1 64  ? 1.52800   2.57802   -4.58882  1.000 17.39769 ? 62  CYS A O   1 
ATOM   468  C CB  . CYS A 1 64  ? 4.30949   2.96247   -5.35348  1.000 16.28242 ? 62  CYS A CB  1 
ATOM   469  S SG  . CYS A 1 64  ? 5.77859   3.93210   -5.72018  1.000 19.09743 ? 62  CYS A SG  1 
ATOM   470  N N   . GLN A 1 65  ? 1.49996   1.42754   -6.53811  1.000 15.21441 ? 63  GLN A N   1 
ATOM   471  C CA  . GLN A 1 65  ? 0.35666   0.58572   -6.18300  1.000 17.48420 ? 63  GLN A CA  1 
ATOM   472  C C   . GLN A 1 65  ? 0.80479   -0.86071  -6.02264  1.000 16.66793 ? 63  GLN A C   1 
ATOM   473  O O   . GLN A 1 65  ? 1.51451   -1.39851  -6.87891  1.000 16.12988 ? 63  GLN A O   1 
ATOM   474  C CB  . GLN A 1 65  ? -0.75308  0.65527   -7.24152  1.000 18.20192 ? 63  GLN A CB  1 
ATOM   475  C CG  . GLN A 1 65  ? -2.06213  -0.02975  -6.81181  1.000 16.77377 ? 63  GLN A CG  1 
ATOM   476  C CD  . GLN A 1 65  ? -3.14028  0.19531   -7.86118  1.000 16.18387 ? 63  GLN A CD  1 
ATOM   477  O OE1 . GLN A 1 65  ? -3.02657  1.12602   -8.67040  1.000 18.87432 ? 63  GLN A OE1 1 
ATOM   478  N NE2 . GLN A 1 65  ? -4.13881  -0.67881  -7.90187  1.000 16.16186 ? 63  GLN A NE2 1 
ATOM   479  N N   . GLY A 1 66  ? 0.36662   -1.49636  -4.94222  1.000 14.58112 ? 64  GLY A N   1 
ATOM   480  C CA  . GLY A 1 66  ? 0.64324   -2.90645  -4.74158  1.000 15.49404 ? 64  GLY A CA  1 
ATOM   481  C C   . GLY A 1 66  ? -0.46397  -3.59271  -3.96849  1.000 16.57740 ? 64  GLY A C   1 
ATOM   482  O O   . GLY A 1 66  ? -1.62559  -3.12915  -3.93493  1.000 16.09030 ? 64  GLY A O   1 
ATOM   483  N N   . GLY A 1 67  ? -0.11797  -4.72956  -3.36667  1.000 17.18185 ? 65  GLY A N   1 
ATOM   484  C CA  . GLY A 1 67  ? -1.04620  -5.43376  -2.49865  1.000 17.23767 ? 65  GLY A CA  1 
ATOM   485  C C   . GLY A 1 67  ? -1.86554  -6.53420  -3.13459  1.000 17.79282 ? 65  GLY A C   1 
ATOM   486  O O   . GLY A 1 67  ? -2.65055  -7.18047  -2.41881  1.000 17.88370 ? 65  GLY A O   1 
ATOM   487  N N   . ASP A 1 68  ? -1.70558  -6.78691  -4.44028  1.000 16.72784 ? 66  ASP A N   1 
ATOM   488  C CA  . ASP A 1 68  ? -2.38412  -7.90034  -5.10180  1.000 21.15200 ? 66  ASP A CA  1 
ATOM   489  C C   . ASP A 1 68  ? -1.52860  -9.14864  -4.91249  1.000 16.95302 ? 66  ASP A C   1 
ATOM   490  O O   . ASP A 1 68  ? -0.71671  -9.52742  -5.76350  1.000 20.20950 ? 66  ASP A O   1 
ATOM   491  C CB  . ASP A 1 68  ? -2.59946  -7.60841  -6.57967  1.000 18.25251 ? 66  ASP A CB  1 
ATOM   492  C CG  . ASP A 1 68  ? -3.25774  -8.78871  -7.30716  1.000 17.37198 ? 66  ASP A CG  1 
ATOM   493  O OD1 . ASP A 1 68  ? -3.53301  -9.82696  -6.63991  1.000 17.64033 ? 66  ASP A OD1 1 
ATOM   494  O OD2 . ASP A 1 68  ? -3.50320  -8.68210  -8.52383  1.000 17.75734 ? 66  ASP A OD2 1 
ATOM   495  N N   . PHE A 1 69  ? -1.71666  -9.79960  -3.77309  1.000 16.11228 ? 67  PHE A N   1 
ATOM   496  C CA  . PHE A 1 69  ? -0.91730  -10.97246 -3.43516  1.000 15.42764 ? 67  PHE A CA  1 
ATOM   497  C C   . PHE A 1 69  ? -1.45814  -12.25870 -4.04065  1.000 19.01225 ? 67  PHE A C   1 
ATOM   498  O O   . PHE A 1 69  ? -0.82702  -13.31421 -3.86451  1.000 20.10738 ? 67  PHE A O   1 
ATOM   499  C CB  . PHE A 1 69  ? -0.73946  -11.09375 -1.91001  1.000 17.26741 ? 67  PHE A CB  1 
ATOM   500  C CG  . PHE A 1 69  ? -2.03595  -11.22462 -1.12826  1.000 19.69039 ? 67  PHE A CG  1 
ATOM   501  C CD1 . PHE A 1 69  ? -2.67452  -12.44901 -1.01890  1.000 18.45150 ? 67  PHE A CD1 1 
ATOM   502  C CD2 . PHE A 1 69  ? -2.59980  -10.11336 -0.48315  1.000 18.03818 ? 67  PHE A CD2 1 
ATOM   503  C CE1 . PHE A 1 69  ? -3.86549  -12.57461 -0.27014  1.000 17.60861 ? 67  PHE A CE1 1 
ATOM   504  C CE2 . PHE A 1 69  ? -3.78164  -10.23477 0.24809   1.000 17.96647 ? 67  PHE A CE2 1 
ATOM   505  C CZ  . PHE A 1 69  ? -4.41218  -11.46599 0.35092   1.000 19.56578 ? 67  PHE A CZ  1 
ATOM   506  N N   . THR A 1 70  ? -2.58966  -12.22182 -4.74556  1.000 17.71102 ? 68  THR A N   1 
ATOM   507  C CA  . THR A 1 70  ? -3.10478  -13.45341 -5.33589  1.000 17.71323 ? 68  THR A CA  1 
ATOM   508  C C   . THR A 1 70  ? -2.88616  -13.54828 -6.83236  1.000 20.67289 ? 68  THR A C   1 
ATOM   509  O O   . THR A 1 70  ? -2.72053  -14.65618 -7.33458  1.000 19.66750 ? 68  THR A O   1 
ATOM   510  C CB  . THR A 1 70  ? -4.59800  -13.67454 -5.02312  1.000 19.23982 ? 68  THR A CB  1 
ATOM   511  O OG1 . THR A 1 70  ? -5.37431  -12.62502 -5.62205  1.000 21.19225 ? 68  THR A OG1 1 
ATOM   512  C CG2 . THR A 1 70  ? -4.87966  -13.73184 -3.51249  1.000 21.70207 ? 68  THR A CG2 1 
ATOM   513  N N   . ARG A 1 71  ? -2.90024  -12.42035 -7.55863  1.000 18.64060 ? 69  ARG A N   1 
ATOM   514  C CA  . ARG A 1 71  ? -2.69933  -12.43383 -9.00645  1.000 17.78567 ? 69  ARG A CA  1 
ATOM   515  C C   . ARG A 1 71  ? -1.55772  -11.55154 -9.47190  1.000 19.88589 ? 69  ARG A C   1 
ATOM   516  O O   . ARG A 1 71  ? -1.18639  -11.62794 -10.65256 1.000 19.42130 ? 69  ARG A O   1 
ATOM   517  C CB  . ARG A 1 71  ? -4.00013  -12.07337 -9.75280  1.000 19.59363 ? 69  ARG A CB  1 
ATOM   518  C CG  . ARG A 1 71  ? -5.15998  -12.99344 -9.29144  1.000 23.21768 ? 69  ARG A CG  1 
ATOM   519  C CD  . ARG A 1 71  ? -6.43433  -12.86850 -10.15691 1.000 23.01393 ? 69  ARG A CD  1 
ATOM   520  N NE  . ARG A 1 71  ? -6.10492  -12.91366 -11.56835 1.000 25.46236 ? 69  ARG A NE  1 
ATOM   521  C CZ  . ARG A 1 71  ? -5.76121  -14.03412 -12.20785 1.000 27.76526 ? 69  ARG A CZ  1 
ATOM   522  N NH1 . ARG A 1 71  ? -5.76569  -15.18938 -11.54751 1.000 26.22237 ? 69  ARG A NH1 1 
ATOM   523  N NH2 . ARG A 1 71  ? -5.43820  -14.00450 -13.49544 1.000 27.37469 ? 69  ARG A NH2 1 
ATOM   524  N N   . HIS A 1 72  ? -0.93168  -10.78577 -8.57790  1.000 17.88974 ? 70  HIS A N   1 
ATOM   525  C CA  . HIS A 1 72  ? 0.31046   -10.05540 -8.86575  1.000 18.52563 ? 70  HIS A CA  1 
ATOM   526  C C   . HIS A 1 72  ? 0.19510   -9.05810  -10.00425 1.000 20.53694 ? 70  HIS A C   1 
ATOM   527  O O   . HIS A 1 72  ? 1.21603   -8.60908  -10.53905 1.000 22.55391 ? 70  HIS A O   1 
ATOM   528  C CB  . HIS A 1 72  ? 1.48391   -11.00911 -9.12172  1.000 19.67430 ? 70  HIS A CB  1 
ATOM   529  C CG  . HIS A 1 72  ? 1.28583   -12.31869 -8.45226  1.000 17.14797 ? 70  HIS A CG  1 
ATOM   530  N ND1 . HIS A 1 72  ? 1.28447   -12.44661 -7.07808  1.000 21.78968 ? 70  HIS A ND1 1 
ATOM   531  C CD2 . HIS A 1 72  ? 0.97046   -13.54021 -8.94846  1.000 18.96813 ? 70  HIS A CD2 1 
ATOM   532  C CE1 . HIS A 1 72  ? 1.01865   -13.70038 -6.75827  1.000 19.94143 ? 70  HIS A CE1 1 
ATOM   533  N NE2 . HIS A 1 72  ? 0.79398   -14.37453 -7.87363  1.000 18.37399 ? 70  HIS A NE2 1 
ATOM   534  N N   . ASN A 1 73  ? -1.02547  -8.66305  -10.38698 1.000 19.92346 ? 71  ASN A N   1 
ATOM   535  C CA  . ASN A 1 73  ? -1.13998  -7.79117  -11.54319 1.000 20.80096 ? 71  ASN A CA  1 
ATOM   536  C C   . ASN A 1 73  ? -2.21027  -6.72453  -11.39002 1.000 20.00876 ? 71  ASN A C   1 
ATOM   537  O O   . ASN A 1 73  ? -2.45782  -5.97291  -12.34197 1.000 20.87873 ? 71  ASN A O   1 
ATOM   538  C CB  . ASN A 1 73  ? -1.35293  -8.60849  -12.82988 1.000 25.08634 ? 71  ASN A CB  1 
ATOM   539  C CG  . ASN A 1 73  ? -2.68146  -9.33168  -12.85463 1.000 22.20157 ? 71  ASN A CG  1 
ATOM   540  O OD1 . ASN A 1 73  ? -3.47614  -9.24252  -11.92353 1.000 20.96862 ? 71  ASN A OD1 1 
ATOM   541  N ND2 . ASN A 1 73  ? -2.93476  -10.05744 -13.94144 1.000 23.48126 ? 71  ASN A ND2 1 
ATOM   542  N N   . GLY A 1 74  ? -2.84995  -6.63361  -10.23250 1.000 18.77366 ? 72  GLY A N   1 
ATOM   543  C CA  . GLY A 1 74  ? -3.91123  -5.67424  -10.03372 1.000 19.22670 ? 72  GLY A CA  1 
ATOM   544  C C   . GLY A 1 74  ? -5.31225  -6.22529  -10.14490 1.000 21.15464 ? 72  GLY A C   1 
ATOM   545  O O   . GLY A 1 74  ? -6.26680  -5.48892  -9.89051  1.000 20.99404 ? 72  GLY A O   1 
ATOM   546  N N   . THR A 1 75  ? -5.47729  -7.49810  -10.49706 1.000 19.15458 ? 73  THR A N   1 
ATOM   547  C CA  . THR A 1 75  ? -6.79590  -8.07601  -10.63237 1.000 17.48440 ? 73  THR A CA  1 
ATOM   548  C C   . THR A 1 75  ? -7.19423  -8.89365  -9.42014  1.000 21.33400 ? 73  THR A C   1 
ATOM   549  O O   . THR A 1 75  ? -8.32308  -9.39866  -9.38381  1.000 23.79960 ? 73  THR A O   1 
ATOM   550  C CB  . THR A 1 75  ? -6.89747  -8.93926  -11.88601 1.000 23.70506 ? 73  THR A CB  1 
ATOM   551  O OG1 . THR A 1 75  ? -6.05577  -10.09210 -11.72862 1.000 22.63097 ? 73  THR A OG1 1 
ATOM   552  C CG2 . THR A 1 75  ? -6.46207  -8.14996  -13.10812 1.000 21.20659 ? 73  THR A CG2 1 
ATOM   553  N N   . GLY A 1 76  ? -6.31445  -9.02305  -8.42422  1.000 17.29592 ? 74  GLY A N   1 
ATOM   554  C CA  . GLY A 1 76  ? -6.61095  -9.88585  -7.29986  1.000 19.29714 ? 74  GLY A CA  1 
ATOM   555  C C   . GLY A 1 76  ? -6.46199  -9.23034  -5.94431  1.000 18.29545 ? 74  GLY A C   1 
ATOM   556  O O   . GLY A 1 76  ? -6.54587  -8.00501  -5.81619  1.000 21.24536 ? 74  GLY A O   1 
ATOM   557  N N   . GLY A 1 77  ? -6.24448  -10.05135 -4.91929  1.000 21.61909 ? 75  GLY A N   1 
ATOM   558  C CA  . GLY A 1 77  ? -6.20367  -9.59917  -3.54823  1.000 24.48648 ? 75  GLY A CA  1 
ATOM   559  C C   . GLY A 1 77  ? -7.52130  -9.83307  -2.82268  1.000 20.02104 ? 75  GLY A C   1 
ATOM   560  O O   . GLY A 1 77  ? -8.57733  -10.04070 -3.42093  1.000 23.21444 ? 75  GLY A O   1 
ATOM   561  N N   . LYS A 1 78  ? -7.43783  -9.80012  -1.50387  1.000 19.32327 ? 76  LYS A N   1 
ATOM   562  C CA  . LYS A 1 78  ? -8.62627  -9.94186  -0.67710  1.000 19.66518 ? 76  LYS A CA  1 
ATOM   563  C C   . LYS A 1 78  ? -8.30690  -9.36954  0.69448   1.000 17.34540 ? 76  LYS A C   1 
ATOM   564  O O   . LYS A 1 78  ? -7.14183  -9.28306  1.09270   1.000 18.68450 ? 76  LYS A O   1 
ATOM   565  C CB  . LYS A 1 78  ? -9.06660  -11.40890 -0.56736  1.000 27.20645 ? 76  LYS A CB  1 
ATOM   566  C CG  . LYS A 1 78  ? -8.06720  -12.29960 0.15005   1.000 25.78005 ? 76  LYS A CG  1 
ATOM   567  C CD  . LYS A 1 78  ? -8.54031  -13.75453 0.16954   1.000 28.27200 ? 76  LYS A CD  1 
ATOM   568  C CE  . LYS A 1 78  ? -7.53365  -14.65202 0.87852   1.000 31.12135 ? 76  LYS A CE  1 
ATOM   569  N NZ  . LYS A 1 78  ? -7.93787  -16.08699 0.82448   1.000 31.40001 ? 76  LYS A NZ  1 
ATOM   570  N N   . SER A 1 79  ? -9.35568  -8.93576  1.39122   1.000 19.20965 ? 77  SER A N   1 
ATOM   571  C CA  . SER A 1 79  ? -9.21120  -8.42366  2.74431   1.000 18.90659 ? 77  SER A CA  1 
ATOM   572  C C   . SER A 1 79  ? -9.29592  -9.53997  3.78791   1.000 20.19468 ? 77  SER A C   1 
ATOM   573  O O   . SER A 1 79  ? -9.66380  -10.67403 3.49403   1.000 21.23079 ? 77  SER A O   1 
ATOM   574  C CB  . SER A 1 79  ? -10.26375 -7.35367  3.03090   1.000 20.73926 ? 77  SER A CB  1 
ATOM   575  O OG  . SER A 1 79  ? -11.49132 -7.91026  3.51185   1.000 19.56731 ? 77  SER A OG  1 
ATOM   576  N N   . ILE A 1 80  ? -8.97763  -9.17992  5.02810   1.000 18.33667 ? 78  ILE A N   1 
ATOM   577  C CA  . ILE A 1 80  ? -9.15832  -10.11629 6.14636   1.000 16.98542 ? 78  ILE A CA  1 
ATOM   578  C C   . ILE A 1 80  ? -10.62292 -10.30437 6.51356   1.000 23.41139 ? 78  ILE A C   1 
ATOM   579  O O   . ILE A 1 80  ? -10.94502 -11.17200 7.34464   1.000 23.58953 ? 78  ILE A O   1 
ATOM   580  C CB  . ILE A 1 80  ? -8.33853  -9.73088  7.39826   1.000 18.97447 ? 78  ILE A CB  1 
ATOM   581  C CG1 . ILE A 1 80  ? -8.84548  -8.41695  7.98996   1.000 18.85561 ? 78  ILE A CG1 1 
ATOM   582  C CG2 . ILE A 1 80  ? -6.83065  -9.69239  7.08151   1.000 19.89397 ? 78  ILE A CG2 1 
ATOM   583  C CD1 . ILE A 1 80  ? -8.28182  -8.07810  9.37476   1.000 19.75999 ? 78  ILE A CD1 1 
ATOM   584  N N   . TYR A 1 81  ? -11.51716 -9.50813  5.93392   1.000 20.25901 ? 79  TYR A N   1 
ATOM   585  C CA  . TYR A 1 81  ? -12.95238 -9.53070  6.22745   1.000 19.08271 ? 79  TYR A CA  1 
ATOM   586  C C   . TYR A 1 81  ? -13.75059 -10.22582 5.13867   1.000 23.44368 ? 79  TYR A C   1 
ATOM   587  O O   . TYR A 1 81  ? -14.98128 -10.27736 5.22639   1.000 31.04941 ? 79  TYR A O   1 
ATOM   588  C CB  . TYR A 1 81  ? -13.50529 -8.10506  6.39405   1.000 22.04844 ? 79  TYR A CB  1 
ATOM   589  C CG  . TYR A 1 81  ? -12.69327 -7.24950  7.31920   1.000 18.33964 ? 79  TYR A CG  1 
ATOM   590  C CD1 . TYR A 1 81  ? -12.58728 -7.57566  8.67850   1.000 18.34947 ? 79  TYR A CD1 1 
ATOM   591  C CD2 . TYR A 1 81  ? -11.97025 -6.15266  6.84669   1.000 21.39956 ? 79  TYR A CD2 1 
ATOM   592  C CE1 . TYR A 1 81  ? -11.81008 -6.81900  9.53356   1.000 22.55891 ? 79  TYR A CE1 1 
ATOM   593  C CE2 . TYR A 1 81  ? -11.20402 -5.39351  7.69381   1.000 18.48654 ? 79  TYR A CE2 1 
ATOM   594  C CZ  . TYR A 1 81  ? -11.11759 -5.73108  9.04212   1.000 19.29967 ? 79  TYR A CZ  1 
ATOM   595  O OH  . TYR A 1 81  ? -10.34967 -4.99266  9.90780   1.000 19.99109 ? 79  TYR A OH  1 
ATOM   596  N N   . GLY A 1 82  ? -13.09085 -10.74207 4.10858   1.000 24.46948 ? 80  GLY A N   1 
ATOM   597  C CA  . GLY A 1 82  ? -13.75752 -11.22610 2.92551   1.000 24.90848 ? 80  GLY A CA  1 
ATOM   598  C C   . GLY A 1 82  ? -13.16721 -10.58409 1.69654   1.000 24.61403 ? 80  GLY A C   1 
ATOM   599  O O   . GLY A 1 82  ? -12.21256 -9.81023  1.76486   1.000 24.14388 ? 80  GLY A O   1 
ATOM   600  N N   . GLU A 1 83  ? -13.74468 -10.93206 0.54309   1.000 23.17854 ? 81  GLU A N   1 
ATOM   601  C CA  . GLU A 1 83  ? -13.20096 -10.42946 -0.71344  1.000 23.29757 ? 81  GLU A CA  1 
ATOM   602  C C   . GLU A 1 83  ? -13.17120 -8.90529  -0.72450  1.000 22.19639 ? 81  GLU A C   1 
ATOM   603  O O   . GLU A 1 83  ? -12.18237 -8.29976  -1.16368  1.000 25.75074 ? 81  GLU A O   1 
ATOM   604  C CB  . GLU A 1 83  ? -14.02838 -10.96866 -1.87076  1.000 29.60587 ? 81  GLU A CB  1 
ATOM   605  N N   . LYS A 1 84  ? -14.23019 -8.26623  -0.22716  1.000 19.93776 ? 82  LYS A N   1 
ATOM   606  C CA  . LYS A 1 84  ? -14.28861 -6.81098  -0.17863  1.000 22.99606 ? 82  LYS A CA  1 
ATOM   607  C C   . LYS A 1 84  ? -14.84611 -6.35572  1.16786   1.000 19.51645 ? 82  LYS A C   1 
ATOM   608  O O   . LYS A 1 84  ? -15.51582 -7.11210  1.87194   1.000 20.78788 ? 82  LYS A O   1 
ATOM   609  C CB  . LYS A 1 84  ? -15.16500 -6.22952  -1.29688  1.000 22.47270 ? 82  LYS A CB  1 
ATOM   610  C CG  . LYS A 1 84  ? -16.59653 -6.70300  -1.29351  1.000 29.90941 ? 82  LYS A CG  1 
ATOM   611  C CD  . LYS A 1 84  ? -17.36466 -6.17268  -2.53045  1.000 31.29314 ? 82  LYS A CD  1 
ATOM   612  N N   . PHE A 1 85  ? -14.53427 -5.10814  1.53156   1.000 18.47523 ? 83  PHE A N   1 
ATOM   613  C CA  . PHE A 1 85  ? -15.17896 -4.43724  2.65675   1.000 15.07276 ? 83  PHE A CA  1 
ATOM   614  C C   . PHE A 1 85  ? -15.41560 -2.96841  2.32352   1.000 14.83448 ? 83  PHE A C   1 
ATOM   615  O O   . PHE A 1 85  ? -14.90414 -2.41894  1.33390   1.000 16.62835 ? 83  PHE A O   1 
ATOM   616  C CB  . PHE A 1 85  ? -14.44835 -4.59801  4.00588   1.000 16.19270 ? 83  PHE A CB  1 
ATOM   617  C CG  . PHE A 1 85  ? -13.10777 -3.89928  4.09205   1.000 14.97452 ? 83  PHE A CG  1 
ATOM   618  C CD1 . PHE A 1 85  ? -11.98617 -4.42376  3.46062   1.000 17.63334 ? 83  PHE A CD1 1 
ATOM   619  C CD2 . PHE A 1 85  ? -12.95743 -2.76353  4.85669   1.000 16.37048 ? 83  PHE A CD2 1 
ATOM   620  C CE1 . PHE A 1 85  ? -10.73478 -3.80135  3.58149   1.000 16.31494 ? 83  PHE A CE1 1 
ATOM   621  C CE2 . PHE A 1 85  ? -11.73940 -2.13874  4.96781   1.000 18.08764 ? 83  PHE A CE2 1 
ATOM   622  C CZ  . PHE A 1 85  ? -10.60769 -2.67646  4.34689   1.000 18.00071 ? 83  PHE A CZ  1 
ATOM   623  N N   . GLU A 1 86  ? -16.25328 -2.35584  3.16065   1.000 16.17488 ? 84  GLU A N   1 
ATOM   624  C CA  . GLU A 1 86  ? -16.78204 -1.03356  2.90549   1.000 18.49873 ? 84  GLU A CA  1 
ATOM   625  C C   . GLU A 1 86  ? -15.72528 0.06063   3.09759   1.000 14.57919 ? 84  GLU A C   1 
ATOM   626  O O   . GLU A 1 86  ? -14.69171 -0.11192  3.76315   1.000 15.25304 ? 84  GLU A O   1 
ATOM   627  C CB  . GLU A 1 86  ? -17.96440 -0.79076  3.85861   1.000 15.41794 ? 84  GLU A CB  1 
ATOM   628  C CG  . GLU A 1 86  ? -17.55463 -0.66504  5.35184   1.000 15.68336 ? 84  GLU A CG  1 
ATOM   629  C CD  . GLU A 1 86  ? -17.48992 -1.99018  6.10260   1.000 18.54690 ? 84  GLU A CD  1 
ATOM   630  O OE1 . GLU A 1 86  ? -17.52666 -3.08389  5.48503   1.000 18.58154 ? 84  GLU A OE1 1 
ATOM   631  O OE2 . GLU A 1 86  ? -17.38424 -1.92642  7.34955   1.000 24.17933 ? 84  GLU A OE2 1 
ATOM   632  N N   . ASP A 1 87  ? -15.97155 1.19378   2.43219   1.000 16.16411 ? 85  ASP A N   1 
ATOM   633  C CA  . ASP A 1 87  ? -15.24439 2.42052   2.72301   1.000 15.06590 ? 85  ASP A CA  1 
ATOM   634  C C   . ASP A 1 87  ? -15.54717 2.86029   4.14669   1.000 16.32760 ? 85  ASP A C   1 
ATOM   635  O O   . ASP A 1 87  ? -16.67403 3.26176   4.44880   1.000 18.75194 ? 85  ASP A O   1 
ATOM   636  C CB  . ASP A 1 87  ? -15.62242 3.52020   1.72165   1.000 14.56205 ? 85  ASP A CB  1 
ATOM   637  C CG  . ASP A 1 87  ? -15.20292 3.19151   0.30117   1.000 14.60132 ? 85  ASP A CG  1 
ATOM   638  O OD1 . ASP A 1 87  ? -14.03007 2.75021   0.12997   1.000 15.54363 ? 85  ASP A OD1 1 
ATOM   639  O OD2 . ASP A 1 87  ? -16.02426 3.38176   -0.62960  1.000 16.35979 ? 85  ASP A OD2 1 
ATOM   640  N N   . GLU A 1 88  ? -14.53724 2.84852   5.01720   1.000 15.24739 ? 86  GLU A N   1 
ATOM   641  C CA  . GLU A 1 88  ? -14.81157 3.03090   6.44397   1.000 16.50575 ? 86  GLU A CA  1 
ATOM   642  C C   . GLU A 1 88  ? -15.25132 4.45360   6.73093   1.000 17.27965 ? 86  GLU A C   1 
ATOM   643  O O   . GLU A 1 88  ? -16.30275 4.68306   7.35573   1.000 17.30180 ? 86  GLU A O   1 
ATOM   644  C CB  . GLU A 1 88  ? -13.57305 2.67480   7.26934   1.000 16.93648 ? 86  GLU A CB  1 
ATOM   645  C CG  . GLU A 1 88  ? -13.79005 2.75105   8.79553   1.000 14.89900 ? 86  GLU A CG  1 
ATOM   646  C CD  . GLU A 1 88  ? -12.61548 2.12167   9.53527   1.000 18.76896 ? 86  GLU A CD  1 
ATOM   647  O OE1 . GLU A 1 88  ? -11.59607 1.79612   8.86684   1.000 18.49020 ? 86  GLU A OE1 1 
ATOM   648  O OE2 . GLU A 1 88  ? -12.71072 1.91521   10.77153  1.000 19.08760 ? 86  GLU A OE2 1 
ATOM   649  N N   . ASN A 1 89  ? -14.47141 5.41836   6.25546   1.000 15.11495 ? 87  ASN A N   1 
ATOM   650  C CA  . ASN A 1 89  ? -14.76756 6.84395   6.30271   1.000 14.19111 ? 87  ASN A CA  1 
ATOM   651  C C   . ASN A 1 89  ? -13.75969 7.51046   5.39073   1.000 16.92785 ? 87  ASN A C   1 
ATOM   652  O O   . ASN A 1 89  ? -12.83515 6.86415   4.88867   1.000 17.54966 ? 87  ASN A O   1 
ATOM   653  C CB  . ASN A 1 89  ? -14.71129 7.41105   7.73096   1.000 18.24547 ? 87  ASN A CB  1 
ATOM   654  C CG  . ASN A 1 89  ? -13.34549 7.30551   8.35849   1.000 18.82231 ? 87  ASN A CG  1 
ATOM   655  O OD1 . ASN A 1 89  ? -12.37649 7.88265   7.85438   1.000 16.97836 ? 87  ASN A OD1 1 
ATOM   656  N ND2 . ASN A 1 89  ? -13.25628 6.58742   9.48415   1.000 19.25593 ? 87  ASN A ND2 1 
ATOM   657  N N   . PHE A 1 90  ? -13.95155 8.79697   5.17993   1.000 18.57085 ? 88  PHE A N   1 
ATOM   658  C CA  . PHE A 1 90  ? -13.01767 9.58761   4.39762   1.000 16.28545 ? 88  PHE A CA  1 
ATOM   659  C C   . PHE A 1 90  ? -12.47264 10.74946  5.20476   1.000 17.10752 ? 88  PHE A C   1 
ATOM   660  O O   . PHE A 1 90  ? -12.29358 11.84799  4.69845   1.000 18.80429 ? 88  PHE A O   1 
ATOM   661  C CB  . PHE A 1 90  ? -13.67197 10.02258  3.09693   1.000 18.82499 ? 88  PHE A CB  1 
ATOM   662  C CG  . PHE A 1 90  ? -14.01578 8.87954   2.20084   1.000 17.30127 ? 88  PHE A CG  1 
ATOM   663  C CD1 . PHE A 1 90  ? -13.01095 8.15358   1.54289   1.000 15.40896 ? 88  PHE A CD1 1 
ATOM   664  C CD2 . PHE A 1 90  ? -15.33737 8.54018   1.96654   1.000 17.94154 ? 88  PHE A CD2 1 
ATOM   665  C CE1 . PHE A 1 90  ? -13.33469 7.10077   0.72721   1.000 14.36454 ? 88  PHE A CE1 1 
ATOM   666  C CE2 . PHE A 1 90  ? -15.66603 7.47702   1.13969   1.000 16.79927 ? 88  PHE A CE2 1 
ATOM   667  C CZ  . PHE A 1 90  ? -14.65670 6.78237   0.48623   1.000 15.40951 ? 88  PHE A CZ  1 
ATOM   668  N N   . ILE A 1 91  ? -12.17580 10.50787  6.47990   1.000 17.40127 ? 89  ILE A N   1 
ATOM   669  C CA  . ILE A 1 91  ? -11.72193 11.60821  7.32707   1.000 20.75075 ? 89  ILE A CA  1 
ATOM   670  C C   . ILE A 1 91  ? -10.41075 12.17907  6.79564   1.000 20.52585 ? 89  ILE A C   1 
ATOM   671  O O   . ILE A 1 91  ? -10.21765 13.40231  6.73143   1.000 21.74056 ? 89  ILE A O   1 
ATOM   672  C CB  . ILE A 1 91  ? -11.57819 11.12983  8.78047   1.000 20.85418 ? 89  ILE A CB  1 
ATOM   673  C CG1 . ILE A 1 91  ? -12.94422 10.83825  9.42052   1.000 20.66821 ? 89  ILE A CG1 1 
ATOM   674  C CG2 . ILE A 1 91  ? -10.79799 12.15884  9.59679   1.000 24.61387 ? 89  ILE A CG2 1 
ATOM   675  C CD1 . ILE A 1 91  ? -12.83013 9.99794   10.66836  1.000 21.61254 ? 89  ILE A CD1 1 
ATOM   676  N N   . LEU A 1 92  ? -9.49611  11.30242  6.39077   1.000 18.37537 ? 90  LEU A N   1 
ATOM   677  C CA  . LEU A 1 92  ? -8.16409  11.74523  6.01752   1.000 18.17349 ? 90  LEU A CA  1 
ATOM   678  C C   . LEU A 1 92  ? -8.06023  11.96658  4.51557   1.000 19.80397 ? 90  LEU A C   1 
ATOM   679  O O   . LEU A 1 92  ? -8.71346  11.28908  3.72489   1.000 18.67544 ? 90  LEU A O   1 
ATOM   680  C CB  . LEU A 1 92  ? -7.13732  10.70195  6.45649   1.000 18.27266 ? 90  LEU A CB  1 
ATOM   681  C CG  . LEU A 1 92  ? -7.15406  10.47686  7.96852   1.000 22.62164 ? 90  LEU A CG  1 
ATOM   682  C CD1 . LEU A 1 92  ? -6.32099  9.26825   8.31921   1.000 23.28178 ? 90  LEU A CD1 1 
ATOM   683  C CD2 . LEU A 1 92  ? -6.64767  11.71816  8.66725   1.000 24.60947 ? 90  LEU A CD2 1 
ATOM   684  N N   . LYS A 1 93  ? -7.23344  12.92909  4.14133   1.000 18.63285 ? 91  LYS A N   1 
ATOM   685  C CA  . LYS A 1 93  ? -7.10968  13.36614  2.75708   1.000 17.88645 ? 91  LYS A CA  1 
ATOM   686  C C   . LYS A 1 93  ? -5.74407  12.99234  2.19205   1.000 18.11019 ? 91  LYS A C   1 
ATOM   687  O O   . LYS A 1 93  ? -4.79701  12.68805  2.92139   1.000 20.18974 ? 91  LYS A O   1 
ATOM   688  C CB  . LYS A 1 93  ? -7.30442  14.87879  2.60421   1.000 22.49317 ? 91  LYS A CB  1 
ATOM   689  C CG  . LYS A 1 93  ? -8.53753  15.44439  3.31312   1.000 21.34765 ? 91  LYS A CG  1 
ATOM   690  C CD  . LYS A 1 93  ? -9.81683  14.77227  2.88482   1.000 23.34530 ? 91  LYS A CD  1 
ATOM   691  C CE  . LYS A 1 93  ? -10.93305 15.10874  3.89129   1.000 26.68887 ? 91  LYS A CE  1 
ATOM   692  N NZ  . LYS A 1 93  ? -12.23634 14.47395  3.52438   1.000 27.50144 ? 91  LYS A NZ  1 
ATOM   693  N N   . HIS A 1 94  ? -5.67374  13.02105  0.86260   1.000 17.38238 ? 92  HIS A N   1 
ATOM   694  C CA  . HIS A 1 94  ? -4.44294  12.73144  0.12599   1.000 20.18820 ? 92  HIS A CA  1 
ATOM   695  C C   . HIS A 1 94  ? -3.65279  14.02514  0.08987   1.000 20.16348 ? 92  HIS A C   1 
ATOM   696  O O   . HIS A 1 94  ? -3.79538  14.83812  -0.82303  1.000 24.23746 ? 92  HIS A O   1 
ATOM   697  C CB  . HIS A 1 94  ? -4.76260  12.19507  -1.26797  1.000 17.98666 ? 92  HIS A CB  1 
ATOM   698  C CG  . HIS A 1 94  ? -5.55395  10.92181  -1.25494  1.000 18.23784 ? 92  HIS A CG  1 
ATOM   699  N ND1 . HIS A 1 94  ? -6.92549  10.91208  -1.10211  1.000 17.48970 ? 92  HIS A ND1 1 
ATOM   700  C CD2 . HIS A 1 94  ? -5.17534  9.61996   -1.37000  1.000 16.61037 ? 92  HIS A CD2 1 
ATOM   701  C CE1 . HIS A 1 94  ? -7.35343  9.65380   -1.09233  1.000 15.67305 ? 92  HIS A CE1 1 
ATOM   702  N NE2 . HIS A 1 94  ? -6.32218  8.85792   -1.32028  1.000 16.56784 ? 92  HIS A NE2 1 
ATOM   703  N N   . THR A 1 95  ? -2.83162  14.24919  1.11332   1.000 20.00575 ? 93  THR A N   1 
ATOM   704  C CA  . THR A 1 95  ? -2.23972  15.57378  1.27673   1.000 21.96743 ? 93  THR A CA  1 
ATOM   705  C C   . THR A 1 95  ? -0.87845  15.74465  0.60210   1.000 25.09996 ? 93  THR A C   1 
ATOM   706  O O   . THR A 1 95  ? -0.42051  16.88317  0.45267   1.000 24.61019 ? 93  THR A O   1 
ATOM   707  C CB  . THR A 1 95  ? -2.12012  15.91118  2.77426   1.000 20.84753 ? 93  THR A CB  1 
ATOM   708  O OG1 . THR A 1 95  ? -1.39494  14.87764  3.45039   1.000 24.69513 ? 93  THR A OG1 1 
ATOM   709  C CG2 . THR A 1 95  ? -3.50761  16.05878  3.42077   1.000 24.95471 ? 93  THR A CG2 1 
ATOM   710  N N   . GLY A 1 96  ? -0.21677  14.66538  0.18821   1.000 21.60205 ? 94  GLY A N   1 
ATOM   711  C CA  . GLY A 1 96  ? 1.11883   14.76770  -0.36848  1.000 24.92875 ? 94  GLY A CA  1 
ATOM   712  C C   . GLY A 1 96  ? 1.81539   13.42415  -0.41972  1.000 21.44988 ? 94  GLY A C   1 
ATOM   713  O O   . GLY A 1 96  ? 1.22643   12.38956  -0.07385  1.000 22.47249 ? 94  GLY A O   1 
ATOM   714  N N   . PRO A 1 97  ? 3.09126   13.41287  -0.84489  1.000 21.65677 ? 95  PRO A N   1 
ATOM   715  C CA  . PRO A 1 97  ? 3.85405   12.15977  -0.87775  1.000 21.52066 ? 95  PRO A CA  1 
ATOM   716  C C   . PRO A 1 97  ? 3.83930   11.47747  0.47647   1.000 17.61501 ? 95  PRO A C   1 
ATOM   717  O O   . PRO A 1 97  ? 3.85700   12.12588  1.52952   1.000 23.57380 ? 95  PRO A O   1 
ATOM   718  C CB  . PRO A 1 97  ? 5.27727   12.61088  -1.24880  1.000 23.66881 ? 95  PRO A CB  1 
ATOM   719  C CG  . PRO A 1 97  ? 5.08908   13.93691  -1.90299  1.000 24.28084 ? 95  PRO A CG  1 
ATOM   720  C CD  . PRO A 1 97  ? 3.91750   14.57216  -1.19305  1.000 22.85921 ? 95  PRO A CD  1 
ATOM   721  N N   . GLY A 1 98  ? 3.81570   10.14659  0.44617   1.000 19.55749 ? 96  GLY A N   1 
ATOM   722  C CA  . GLY A 1 98  ? 3.85724   9.36690   1.65351   1.000 17.75336 ? 96  GLY A CA  1 
ATOM   723  C C   . GLY A 1 98  ? 2.51852   8.86135   2.14515   1.000 16.12732 ? 96  GLY A C   1 
ATOM   724  O O   . GLY A 1 98  ? 2.50341   7.96902   2.99072   1.000 19.07077 ? 96  GLY A O   1 
ATOM   725  N N   . ILE A 1 99  ? 1.40768   9.41919   1.64518   1.000 18.44900 ? 97  ILE A N   1 
ATOM   726  C CA  . ILE A 1 99  ? 0.08022   9.00976   2.09887   1.000 17.34127 ? 97  ILE A CA  1 
ATOM   727  C C   . ILE A 1 99  ? -0.18130  7.57867   1.64779   1.000 18.85659 ? 97  ILE A C   1 
ATOM   728  O O   . ILE A 1 99  ? 0.13602   7.19714   0.50435   1.000 19.22825 ? 97  ILE A O   1 
ATOM   729  C CB  . ILE A 1 99  ? -0.96638  9.98169   1.51919   1.000 17.67482 ? 97  ILE A CB  1 
ATOM   730  C CG1 . ILE A 1 99  ? -0.91985  11.33116  2.25048   1.000 24.34748 ? 97  ILE A CG1 1 
ATOM   731  C CG2 . ILE A 1 99  ? -2.39635  9.36829   1.53715   1.000 18.54665 ? 97  ILE A CG2 1 
ATOM   732  C CD1 . ILE A 1 99  ? -1.30795  11.24103  3.69917   1.000 30.13414 ? 97  ILE A CD1 1 
ATOM   733  N N   . LEU A 1 100 ? -0.73144  6.77526   2.54898   1.000 17.11654 ? 98  LEU A N   1 
ATOM   734  C CA  . LEU A 1 100 ? -1.04106  5.37920   2.28813   1.000 15.88952 ? 98  LEU A CA  1 
ATOM   735  C C   . LEU A 1 100 ? -2.55599  5.25188   2.21862   1.000 16.23371 ? 98  LEU A C   1 
ATOM   736  O O   . LEU A 1 100 ? -3.26574  5.63741   3.16393   1.000 17.70448 ? 98  LEU A O   1 
ATOM   737  C CB  . LEU A 1 100 ? -0.46824  4.48277   3.39578   1.000 15.99298 ? 98  LEU A CB  1 
ATOM   738  C CG  . LEU A 1 100 ? -0.79368  2.99246   3.35419   1.000 16.32364 ? 98  LEU A CG  1 
ATOM   739  C CD1 . LEU A 1 100 ? -0.12889  2.33121   2.14345   1.000 19.60627 ? 98  LEU A CD1 1 
ATOM   740  C CD2 . LEU A 1 100 ? -0.27287  2.33474   4.61385   1.000 15.64743 ? 98  LEU A CD2 1 
ATOM   741  N N   . SER A 1 101 ? -3.04835  4.73100   1.09711   1.000 15.06890 ? 99  SER A N   1 
ATOM   742  C CA  . SER A 1 101 ? -4.47596  4.78612   0.81651   1.000 17.10832 ? 99  SER A CA  1 
ATOM   743  C C   . SER A 1 101 ? -4.93513  3.51665   0.10875   1.000 14.35311 ? 99  SER A C   1 
ATOM   744  O O   . SER A 1 101 ? -4.14884  2.79636   -0.50113  1.000 16.25783 ? 99  SER A O   1 
ATOM   745  C CB  . SER A 1 101 ? -4.76224  6.02203   -0.03006  1.000 17.81607 ? 99  SER A CB  1 
ATOM   746  O OG  . SER A 1 101 ? -6.15669  6.17424   -0.28023  1.000 16.67011 ? 99  SER A OG  1 
ATOM   747  N N   . MET A 1 102 ? -6.23209  3.21038   0.25378   1.000 15.18828 ? 100 MET A N   1 
ATOM   748  C CA  . MET A 1 102 ? -6.75470  1.98587   -0.34878  1.000 14.76999 ? 100 MET A CA  1 
ATOM   749  C C   . MET A 1 102 ? -7.07062  2.15937   -1.83301  1.000 14.79973 ? 100 MET A C   1 
ATOM   750  O O   . MET A 1 102 ? -7.73477  3.11682   -2.24248  1.000 16.71465 ? 100 MET A O   1 
ATOM   751  C CB  . MET A 1 102 ? -8.02457  1.52661   0.37281   1.000 13.39248 ? 100 MET A CB  1 
ATOM   752  C CG  . MET A 1 102 ? -7.78484  1.00753   1.76635   1.000 14.81390 ? 100 MET A CG  1 
ATOM   753  S SD  . MET A 1 102 ? -6.62864  -0.36149  1.86637   1.000 17.07234 ? 100 MET A SD  1 
ATOM   754  C CE  . MET A 1 102 ? -7.64539  -1.67123  1.20335   1.000 21.01844 ? 100 MET A CE  1 
ATOM   755  N N   . ALA A 1 103 ? -6.65396  1.19559   -2.63207  1.000 13.52858 ? 101 ALA A N   1 
ATOM   756  C CA  . ALA A 1 103 ? -7.06876  1.13503   -4.02691  1.000 13.87418 ? 101 ALA A CA  1 
ATOM   757  C C   . ALA A 1 103 ? -8.46314  0.51094   -4.06264  1.000 16.21615 ? 101 ALA A C   1 
ATOM   758  O O   . ALA A 1 103 ? -8.85007  -0.23288  -3.14594  1.000 15.63289 ? 101 ALA A O   1 
ATOM   759  C CB  . ALA A 1 103 ? -6.07397  0.25630   -4.78682  1.000 16.19606 ? 101 ALA A CB  1 
ATOM   760  N N   . ASN A 1 104 ? -9.21496  0.77264   -5.12298  1.000 14.12421 ? 102 ASN A N   1 
ATOM   761  C CA  . ASN A 1 104 ? -10.55192 0.19986   -5.18131  1.000 14.53535 ? 102 ASN A CA  1 
ATOM   762  C C   . ASN A 1 104 ? -11.10088 0.30159   -6.59691  1.000 14.17929 ? 102 ASN A C   1 
ATOM   763  O O   . ASN A 1 104 ? -10.55092 0.99825   -7.45515  1.000 15.87864 ? 102 ASN A O   1 
ATOM   764  C CB  . ASN A 1 104 ? -11.51319 0.83752   -4.15466  1.000 13.02108 ? 102 ASN A CB  1 
ATOM   765  C CG  . ASN A 1 104 ? -11.83315 2.27071   -4.47019  1.000 15.56070 ? 102 ASN A CG  1 
ATOM   766  O OD1 . ASN A 1 104 ? -12.30879 2.57191   -5.56215  1.000 15.13946 ? 102 ASN A OD1 1 
ATOM   767  N ND2 . ASN A 1 104 ? -11.59641 3.17196   -3.50839  1.000 17.11842 ? 102 ASN A ND2 1 
ATOM   768  N N   . ALA A 1 105 ? -12.22752 -0.37588  -6.81238  1.000 15.02687 ? 103 ALA A N   1 
ATOM   769  C CA  . ALA A 1 105 ? -12.87397 -0.41390  -8.12110  1.000 14.57785 ? 103 ALA A CA  1 
ATOM   770  C C   . ALA A 1 105 ? -14.25264 0.24801   -8.11133  1.000 17.84218 ? 103 ALA A C   1 
ATOM   771  O O   . ALA A 1 105 ? -15.07630 -0.03233  -8.99061  1.000 23.02608 ? 103 ALA A O   1 
ATOM   772  C CB  . ALA A 1 105 ? -12.94270 -1.84623  -8.66606  1.000 18.21507 ? 103 ALA A CB  1 
ATOM   773  N N   . GLY A 1 106 ? -14.52858 1.12338   -7.14480  1.000 15.11162 ? 104 GLY A N   1 
ATOM   774  C CA  . GLY A 1 106 ? -15.86826 1.64612   -6.97397  1.000 15.75343 ? 104 GLY A CA  1 
ATOM   775  C C   . GLY A 1 106 ? -16.18449 1.71441   -5.49546  1.000 16.05971 ? 104 GLY A C   1 
ATOM   776  O O   . GLY A 1 106 ? -15.39782 1.26280   -4.67511  1.000 15.71820 ? 104 GLY A O   1 
ATOM   777  N N   . PRO A 1 107 ? -17.34326 2.25213   -5.12758  1.000 15.21903 ? 105 PRO A N   1 
ATOM   778  C CA  . PRO A 1 107 ? -17.68585 2.34909   -3.68908  1.000 15.27341 ? 105 PRO A CA  1 
ATOM   779  C C   . PRO A 1 107 ? -17.67669 0.99115   -3.01358  1.000 15.34431 ? 105 PRO A C   1 
ATOM   780  O O   . PRO A 1 107 ? -18.19067 0.00070   -3.55498  1.000 15.80940 ? 105 PRO A O   1 
ATOM   781  C CB  . PRO A 1 107 ? -19.08920 2.97788   -3.68926  1.000 17.64655 ? 105 PRO A CB  1 
ATOM   782  C CG  . PRO A 1 107 ? -19.56716 2.87349   -5.11472  1.000 23.09415 ? 105 PRO A CG  1 
ATOM   783  C CD  . PRO A 1 107 ? -18.36876 2.81225   -6.01511  1.000 17.50939 ? 105 PRO A CD  1 
ATOM   784  N N   . ASN A 1 108 ? -17.07018 0.95083   -1.81754  1.000 14.99109 ? 106 ASN A N   1 
ATOM   785  C CA  . ASN A 1 108 ? -17.17981 -0.20460  -0.92609  1.000 13.21208 ? 106 ASN A CA  1 
ATOM   786  C C   . ASN A 1 108 ? -16.65085 -1.47677  -1.56838  1.000 18.04449 ? 106 ASN A C   1 
ATOM   787  O O   . ASN A 1 108 ? -17.27762 -2.53426  -1.49297  1.000 17.83108 ? 106 ASN A O   1 
ATOM   788  C CB  . ASN A 1 108 ? -18.63262 -0.36528  -0.46972  1.000 14.87636 ? 106 ASN A CB  1 
ATOM   789  C CG  . ASN A 1 108 ? -19.13736 0.89756   0.14185   1.000 16.34041 ? 106 ASN A CG  1 
ATOM   790  O OD1 . ASN A 1 108 ? -18.54360 1.39602   1.09546   1.000 17.59903 ? 106 ASN A OD1 1 
ATOM   791  N ND2 . ASN A 1 108 ? -20.22142 1.45100   -0.41299  1.000 16.99822 ? 106 ASN A ND2 1 
ATOM   792  N N   . THR A 1 109 ? -15.43484 -1.37857  -2.13645  1.000 15.00799 ? 107 THR A N   1 
ATOM   793  C CA  . THR A 1 109 ? -14.77249 -2.52295  -2.77346  1.000 16.96293 ? 107 THR A CA  1 
ATOM   794  C C   . THR A 1 109 ? -13.33554 -2.69211  -2.28689  1.000 17.34194 ? 107 THR A C   1 
ATOM   795  O O   . THR A 1 109 ? -12.45842 -3.17186  -3.02821  1.000 18.66323 ? 107 THR A O   1 
ATOM   796  C CB  . THR A 1 109 ? -14.80223 -2.43113  -4.30430  1.000 16.71189 ? 107 THR A CB  1 
ATOM   797  O OG1 . THR A 1 109 ? -14.13280 -1.24285  -4.73718  1.000 17.91719 ? 107 THR A OG1 1 
ATOM   798  C CG2 . THR A 1 109 ? -16.22277 -2.46023  -4.87844  1.000 17.37995 ? 107 THR A CG2 1 
ATOM   799  N N   . ASN A 1 110 ? -13.04951 -2.28362  -1.05903  1.000 14.75249 ? 108 ASN A N   1 
ATOM   800  C CA  . ASN A 1 110 ? -11.68761 -2.40121  -0.55554  1.000 15.65523 ? 108 ASN A CA  1 
ATOM   801  C C   . ASN A 1 110 ? -11.32853 -3.86451  -0.36664  1.000 16.11023 ? 108 ASN A C   1 
ATOM   802  O O   . ASN A 1 110 ? -12.12395 -4.65777  0.14034   1.000 18.60473 ? 108 ASN A O   1 
ATOM   803  C CB  . ASN A 1 110 ? -11.56839 -1.70410  0.78701   1.000 15.88007 ? 108 ASN A CB  1 
ATOM   804  C CG  . ASN A 1 110 ? -11.82395 -0.24212  0.67118   1.000 16.29320 ? 108 ASN A CG  1 
ATOM   805  O OD1 . ASN A 1 110 ? -11.00332 0.48026   0.12658   1.000 17.63813 ? 108 ASN A OD1 1 
ATOM   806  N ND2 . ASN A 1 110 ? -13.01934 0.19692   1.12776   1.000 16.85422 ? 108 ASN A ND2 1 
ATOM   807  N N   . GLY A 1 111 ? -10.10605 -4.21351  -0.75878  1.000 16.92829 ? 109 GLY A N   1 
ATOM   808  C CA  . GLY A 1 111 ? -9.61270  -5.56771  -0.58457  1.000 17.74215 ? 109 GLY A CA  1 
ATOM   809  C C   . GLY A 1 111 ? -8.27462  -5.52884  0.11792   1.000 14.45117 ? 109 GLY A C   1 
ATOM   810  O O   . GLY A 1 111 ? -8.20282  -5.19354  1.30467   1.000 16.49500 ? 109 GLY A O   1 
ATOM   811  N N   . SER A 1 112 ? -7.20179  -5.87815  -0.60527  1.000 15.22451 ? 110 SER A N   1 
ATOM   812  C CA  . SER A 1 112 ? -5.86228  -5.74833  -0.07433  1.000 16.50872 ? 110 SER A CA  1 
ATOM   813  C C   . SER A 1 112 ? -5.00947  -4.75235  -0.83984  1.000 14.74179 ? 110 SER A C   1 
ATOM   814  O O   . SER A 1 112 ? -3.98918  -4.30057  -0.30043  1.000 15.71537 ? 110 SER A O   1 
ATOM   815  C CB  . SER A 1 112 ? -5.12726  -7.10275  -0.11842  1.000 18.25818 ? 110 SER A CB  1 
ATOM   816  O OG  . SER A 1 112 ? -5.13773  -7.62824  -1.43252  1.000 16.76307 ? 110 SER A OG  1 
ATOM   817  N N   . GLN A 1 113 ? -5.39542  -4.38072  -2.06354  1.000 14.60996 ? 111 GLN A N   1 
ATOM   818  C CA  . GLN A 1 113 ? -4.56438  -3.44339  -2.80994  1.000 15.54990 ? 111 GLN A CA  1 
ATOM   819  C C   . GLN A 1 113 ? -4.57506  -2.04966  -2.16949  1.000 15.07588 ? 111 GLN A C   1 
ATOM   820  O O   . GLN A 1 113 ? -5.58429  -1.59159  -1.62105  1.000 15.31681 ? 111 GLN A O   1 
ATOM   821  C CB  . GLN A 1 113 ? -5.04137  -3.36887  -4.26136  1.000 15.85262 ? 111 GLN A CB  1 
ATOM   822  C CG  . GLN A 1 113 ? -4.66893  -4.64290  -5.01599  1.000 15.43708 ? 111 GLN A CG  1 
ATOM   823  C CD  . GLN A 1 113 ? -4.98420  -4.50166  -6.47013  1.000 15.55175 ? 111 GLN A CD  1 
ATOM   824  O OE1 . GLN A 1 113 ? -4.54288  -3.53222  -7.09812  1.000 16.58513 ? 111 GLN A OE1 1 
ATOM   825  N NE2 . GLN A 1 113 ? -5.81696  -5.39996  -7.00902  1.000 18.21460 ? 111 GLN A NE2 1 
ATOM   826  N N   . PHE A 1 114 ? -3.42406  -1.36863  -2.27047  1.000 14.69961 ? 112 PHE A N   1 
ATOM   827  C CA  . PHE A 1 114 ? -3.21508  -0.05946  -1.66247  1.000 14.33290 ? 112 PHE A CA  1 
ATOM   828  C C   . PHE A 1 114 ? -2.27768  0.72357   -2.56233  1.000 16.76012 ? 112 PHE A C   1 
ATOM   829  O O   . PHE A 1 114 ? -1.65316  0.17157   -3.47718  1.000 14.59442 ? 112 PHE A O   1 
ATOM   830  C CB  . PHE A 1 114 ? -2.51948  -0.21116  -0.29133  1.000 16.20298 ? 112 PHE A CB  1 
ATOM   831  C CG  . PHE A 1 114 ? -1.19233  -0.91037  -0.38758  1.000 16.79732 ? 112 PHE A CG  1 
ATOM   832  C CD1 . PHE A 1 114 ? -0.02561  -0.19838  -0.62875  1.000 17.27352 ? 112 PHE A CD1 1 
ATOM   833  C CD2 . PHE A 1 114 ? -1.11742  -2.30022  -0.30191  1.000 17.87776 ? 112 PHE A CD2 1 
ATOM   834  C CE1 . PHE A 1 114 ? 1.19694   -0.84495  -0.78887  1.000 16.81390 ? 112 PHE A CE1 1 
ATOM   835  C CE2 . PHE A 1 114 ? 0.10232   -2.94906  -0.44355  1.000 16.71157 ? 112 PHE A CE2 1 
ATOM   836  C CZ  . PHE A 1 114 ? 1.26387   -2.21783  -0.69708  1.000 16.98260 ? 112 PHE A CZ  1 
ATOM   837  N N   . PHE A 1 115 ? -2.14212  2.01364   -2.27635  1.000 15.82256 ? 113 PHE A N   1 
ATOM   838  C CA  . PHE A 1 115 ? -1.13321  2.78678   -2.99111  1.000 13.35368 ? 113 PHE A CA  1 
ATOM   839  C C   . PHE A 1 115 ? -0.42778  3.72037   -2.02270  1.000 16.60375 ? 113 PHE A C   1 
ATOM   840  O O   . PHE A 1 115 ? -0.99881  4.12735   -0.98888  1.000 17.13695 ? 113 PHE A O   1 
ATOM   841  C CB  . PHE A 1 115 ? -1.67574  3.53060   -4.22231  1.000 13.45056 ? 113 PHE A CB  1 
ATOM   842  C CG  . PHE A 1 115 ? -2.77624  4.51906   -3.92400  1.000 16.06002 ? 113 PHE A CG  1 
ATOM   843  C CD1 . PHE A 1 115 ? -4.05244  4.06784   -3.65156  1.000 16.12117 ? 113 PHE A CD1 1 
ATOM   844  C CD2 . PHE A 1 115 ? -2.53726  5.89403   -3.95283  1.000 16.95487 ? 113 PHE A CD2 1 
ATOM   845  C CE1 . PHE A 1 115 ? -5.09845  4.95351   -3.38951  1.000 16.59021 ? 113 PHE A CE1 1 
ATOM   846  C CE2 . PHE A 1 115 ? -3.60189  6.80984   -3.68578  1.000 16.21953 ? 113 PHE A CE2 1 
ATOM   847  C CZ  . PHE A 1 115 ? -4.87583  6.33346   -3.41766  1.000 17.53645 ? 113 PHE A CZ  1 
ATOM   848  N N   . ILE A 1 116 ? 0.83944   4.01198   -2.35559  1.000 16.03065 ? 114 ILE A N   1 
ATOM   849  C CA  . ILE A 1 116 ? 1.62978   5.00595   -1.64221  1.000 16.08967 ? 114 ILE A CA  1 
ATOM   850  C C   . ILE A 1 116 ? 1.76520   6.20900   -2.55534  1.000 17.51004 ? 114 ILE A C   1 
ATOM   851  O O   . ILE A 1 116 ? 2.32084   6.09916   -3.65927  1.000 17.08925 ? 114 ILE A O   1 
ATOM   852  C CB  . ILE A 1 116 ? 3.01046   4.46159   -1.27187  1.000 17.04257 ? 114 ILE A CB  1 
ATOM   853  C CG1 . ILE A 1 116 ? 2.89115   3.11961   -0.53104  1.000 16.45066 ? 114 ILE A CG1 1 
ATOM   854  C CG2 . ILE A 1 116 ? 3.80654   5.53045   -0.50817  1.000 18.20693 ? 114 ILE A CG2 1 
ATOM   855  C CD1 . ILE A 1 116 ? 4.23425   2.37816   -0.42056  1.000 19.09030 ? 114 ILE A CD1 1 
ATOM   856  N N   . CYS A 1 117 ? 1.29784   7.36086   -2.09458  1.000 17.40201 ? 115 CYS A N   1 
ATOM   857  C CA  . CYS A 1 117 ? 1.39284   8.55280   -2.92582  1.000 17.90022 ? 115 CYS A CA  1 
ATOM   858  C C   . CYS A 1 117 ? 2.82882   9.03360   -3.01935  1.000 19.10207 ? 115 CYS A C   1 
ATOM   859  O O   . CYS A 1 117 ? 3.57630   9.01520   -2.03236  1.000 18.80650 ? 115 CYS A O   1 
ATOM   860  C CB  . CYS A 1 117 ? 0.53586   9.66570   -2.34182  1.000 17.46963 ? 115 CYS A CB  1 
ATOM   861  S SG  . CYS A 1 117 ? -1.19852  9.26475   -2.34878  1.000 19.88668 ? 115 CYS A SG  1 
ATOM   862  N N   . THR A 1 118 ? 3.18721   9.52675   -4.20113  1.000 18.38042 ? 116 THR A N   1 
ATOM   863  C CA  . THR A 1 118 ? 4.45699   10.21819  -4.39843  1.000 16.69552 ? 116 THR A CA  1 
ATOM   864  C C   . THR A 1 118 ? 4.22373   11.65087  -4.84626  1.000 19.65055 ? 116 THR A C   1 
ATOM   865  O O   . THR A 1 118 ? 5.16176   12.32680  -5.28631  1.000 25.46063 ? 116 THR A O   1 
ATOM   866  C CB  . THR A 1 118 ? 5.38532   9.45207   -5.35924  1.000 19.45398 ? 116 THR A CB  1 
ATOM   867  O OG1 . THR A 1 118 ? 4.72023   9.16850   -6.59397  1.000 19.24060 ? 116 THR A OG1 1 
ATOM   868  C CG2 . THR A 1 118 ? 5.84979   8.11912   -4.72254  1.000 19.46178 ? 116 THR A CG2 1 
ATOM   869  N N   . ALA A 1 119 ? 2.98409   12.10868  -4.74880  1.000 20.13968 ? 117 ALA A N   1 
ATOM   870  C CA  . ALA A 1 119 ? 2.57869   13.47457  -5.02765  1.000 19.47621 ? 117 ALA A CA  1 
ATOM   871  C C   . ALA A 1 119 ? 1.27850   13.68317  -4.27051  1.000 23.59419 ? 117 ALA A C   1 
ATOM   872  O O   . ALA A 1 119 ? 0.66586   12.72179  -3.79098  1.000 20.51536 ? 117 ALA A O   1 
ATOM   873  C CB  . ALA A 1 119 ? 2.35842   13.70062  -6.52834  1.000 21.22119 ? 117 ALA A CB  1 
ATOM   874  N N   . LYS A 1 120 ? 0.86129   14.94234  -4.15765  1.000 23.04982 ? 118 LYS A N   1 
ATOM   875  C CA  . LYS A 1 120 ? -0.48407  15.22939  -3.67394  1.000 20.69938 ? 118 LYS A CA  1 
ATOM   876  C C   . LYS A 1 120 ? -1.48201  14.74168  -4.71423  1.000 20.80691 ? 118 LYS A C   1 
ATOM   877  O O   . LYS A 1 120 ? -1.36179  15.05427  -5.90541  1.000 21.25629 ? 118 LYS A O   1 
ATOM   878  C CB  . LYS A 1 120 ? -0.64651  16.73763  -3.45048  1.000 20.76671 ? 118 LYS A CB  1 
ATOM   879  C CG  . LYS A 1 120 ? -1.98852  17.16321  -2.90291  1.000 22.59695 ? 118 LYS A CG  1 
ATOM   880  C CD  . LYS A 1 120 ? -1.99841  18.67047  -2.71256  1.000 27.66958 ? 118 LYS A CD  1 
ATOM   881  C CE  . LYS A 1 120 ? -3.13814  19.08605  -1.79394  1.000 38.86279 ? 118 LYS A CE  1 
ATOM   882  N NZ  . LYS A 1 120 ? -3.15108  20.56964  -1.56624  1.000 44.96464 ? 118 LYS A NZ  1 
ATOM   883  N N   . THR A 1 121 ? -2.45710  13.94574  -4.27188  1.000 19.07809 ? 119 THR A N   1 
ATOM   884  C CA  . THR A 1 121 ? -3.45860  13.42080  -5.19493  1.000 17.08630 ? 119 THR A CA  1 
ATOM   885  C C   . THR A 1 121 ? -4.85105  13.80163  -4.69871  1.000 16.98793 ? 119 THR A C   1 
ATOM   886  O O   . THR A 1 121 ? -5.66542  12.92583  -4.38505  1.000 16.87787 ? 119 THR A O   1 
ATOM   887  C CB  . THR A 1 121 ? -3.33036  11.89632  -5.34952  1.000 18.59050 ? 119 THR A CB  1 
ATOM   888  O OG1 . THR A 1 121 ? -3.50731  11.24231  -4.07812  1.000 17.51920 ? 119 THR A OG1 1 
ATOM   889  C CG2 . THR A 1 121 ? -1.93288  11.50369  -5.93408  1.000 20.18671 ? 119 THR A CG2 1 
ATOM   890  N N   . GLU A 1 122 ? -5.11499  15.10376  -4.60142  1.000 18.31881 ? 120 GLU A N   1 
ATOM   891  C CA  . GLU A 1 122 ? -6.31697  15.57133  -3.92364  1.000 17.43754 ? 120 GLU A CA  1 
ATOM   892  C C   . GLU A 1 122 ? -7.61920  15.14121  -4.60546  1.000 17.98339 ? 120 GLU A C   1 
ATOM   893  O O   . GLU A 1 122 ? -8.67265  15.11222  -3.93493  1.000 18.30062 ? 120 GLU A O   1 
ATOM   894  C CB  . GLU A 1 122 ? -6.23604  17.09303  -3.74017  1.000 18.91920 ? 120 GLU A CB  1 
ATOM   895  C CG  . GLU A 1 122 ? -6.46476  17.87669  -5.01788  1.000 26.68040 ? 120 GLU A CG  1 
ATOM   896  C CD  . GLU A 1 122 ? -5.23834  17.97592  -5.95523  1.000 31.44722 ? 120 GLU A CD  1 
ATOM   897  O OE1 . GLU A 1 122 ? -4.13019  17.39888  -5.69957  1.000 26.87681 ? 120 GLU A OE1 1 
ATOM   898  O OE2 . GLU A 1 122 ? -5.39403  18.64590  -6.99479  1.000 33.31906 ? 120 GLU A OE2 1 
ATOM   899  N N   . TRP A 1 123 ? -7.58783  14.83147  -5.91007  1.000 16.52823 ? 121 TRP A N   1 
ATOM   900  C CA  . TRP A 1 123 ? -8.79459  14.41209  -6.62053  1.000 18.26346 ? 121 TRP A CA  1 
ATOM   901  C C   . TRP A 1 123 ? -9.28572  13.04352  -6.17535  1.000 17.72773 ? 121 TRP A C   1 
ATOM   902  O O   . TRP A 1 123 ? -10.38076 12.63346  -6.56755  1.000 18.89272 ? 121 TRP A O   1 
ATOM   903  C CB  . TRP A 1 123 ? -8.59925  14.42987  -8.15036  1.000 17.46372 ? 121 TRP A CB  1 
ATOM   904  C CG  . TRP A 1 123 ? -7.54027  13.46912  -8.61010  1.000 18.31505 ? 121 TRP A CG  1 
ATOM   905  C CD1 . TRP A 1 123 ? -7.71738  12.15774  -8.98434  1.000 17.30003 ? 121 TRP A CD1 1 
ATOM   906  C CD2 . TRP A 1 123 ? -6.13420  13.71472  -8.65701  1.000 16.76812 ? 121 TRP A CD2 1 
ATOM   907  N NE1 . TRP A 1 123 ? -6.49534  11.58945  -9.30205  1.000 18.10488 ? 121 TRP A NE1 1 
ATOM   908  C CE2 . TRP A 1 123 ? -5.51251  12.52315  -9.09813  1.000 16.69094 ? 121 TRP A CE2 1 
ATOM   909  C CE3 . TRP A 1 123 ? -5.33198  14.83786  -8.39814  1.000 15.77537 ? 121 TRP A CE3 1 
ATOM   910  C CZ2 . TRP A 1 123 ? -4.13161  12.43021  -9.28376  1.000 17.40757 ? 121 TRP A CZ2 1 
ATOM   911  C CZ3 . TRP A 1 123 ? -3.95858  14.73537  -8.59377  1.000 19.31959 ? 121 TRP A CZ3 1 
ATOM   912  C CH2 . TRP A 1 123 ? -3.38180  13.54436  -9.01885  1.000 20.05953 ? 121 TRP A CH2 1 
ATOM   913  N N   . LEU A 1 124 ? -8.49017  12.32766  -5.39556  1.000 16.12834 ? 122 LEU A N   1 
ATOM   914  C CA  . LEU A 1 124 ? -8.89693  11.04520  -4.84427  1.000 15.37549 ? 122 LEU A CA  1 
ATOM   915  C C   . LEU A 1 124 ? -9.56633  11.18984  -3.48230  1.000 16.86413 ? 122 LEU A C   1 
ATOM   916  O O   . LEU A 1 124 ? -10.10172 10.20862  -2.97306  1.000 16.40684 ? 122 LEU A O   1 
ATOM   917  C CB  . LEU A 1 124 ? -7.69588  10.08609  -4.76262  1.000 16.29296 ? 122 LEU A CB  1 
ATOM   918  C CG  . LEU A 1 124 ? -7.00325  9.81801   -6.10744  1.000 15.22113 ? 122 LEU A CG  1 
ATOM   919  C CD1 . LEU A 1 124 ? -5.76620  8.92193   -5.86322  1.000 18.25032 ? 122 LEU A CD1 1 
ATOM   920  C CD2 . LEU A 1 124 ? -7.96071  9.19760   -7.13545  1.000 18.14011 ? 122 LEU A CD2 1 
ATOM   921  N N   . ASP A 1 125 ? -9.58243  12.40194  -2.91720  1.000 15.82676 ? 123 ASP A N   1 
ATOM   922  C CA  . ASP A 1 125 ? -10.21285 12.64351  -1.63257  1.000 17.43410 ? 123 ASP A CA  1 
ATOM   923  C C   . ASP A 1 125 ? -11.68382 12.26361  -1.68153  1.000 17.06063 ? 123 ASP A C   1 
ATOM   924  O O   . ASP A 1 125 ? -12.40407 12.61479  -2.61688  1.000 17.49838 ? 123 ASP A O   1 
ATOM   925  C CB  . ASP A 1 125 ? -10.07795 14.11813  -1.24805  1.000 16.76132 ? 123 ASP A CB  1 
ATOM   926  C CG  . ASP A 1 125 ? -8.65614  14.48162  -0.82935  1.000 21.69418 ? 123 ASP A CG  1 
ATOM   927  O OD1 . ASP A 1 125 ? -7.80779  13.56738  -0.72310  1.000 19.67062 ? 123 ASP A OD1 1 
ATOM   928  O OD2 . ASP A 1 125 ? -8.39653  15.68545  -0.61050  1.000 21.11229 ? 123 ASP A OD2 1 
ATOM   929  N N   . GLY A 1 126 ? -12.10928 11.52227  -0.67178  1.000 16.67414 ? 124 GLY A N   1 
ATOM   930  C CA  . GLY A 1 126 ? -13.50114 11.14634  -0.55868  1.000 17.59070 ? 124 GLY A CA  1 
ATOM   931  C C   . GLY A 1 126 ? -13.89162 9.97018   -1.40847  1.000 17.21091 ? 124 GLY A C   1 
ATOM   932  O O   . GLY A 1 126 ? -15.06114 9.55458   -1.36979  1.000 17.75624 ? 124 GLY A O   1 
ATOM   933  N N   . LYS A 1 127 ? -12.93395 9.39291   -2.13542  1.000 16.20764 ? 125 LYS A N   1 
ATOM   934  C CA  . LYS A 1 127 ? -13.14998 8.23084   -2.97969  1.000 17.04233 ? 125 LYS A CA  1 
ATOM   935  C C   . LYS A 1 127 ? -12.24351 7.05353   -2.62424  1.000 16.72682 ? 125 LYS A C   1 
ATOM   936  O O   . LYS A 1 127 ? -12.63212 5.89722   -2.83165  1.000 16.09677 ? 125 LYS A O   1 
ATOM   937  C CB  . LYS A 1 127 ? -12.91399 8.67337   -4.43700  1.000 22.82833 ? 125 LYS A CB  1 
ATOM   938  C CG  . LYS A 1 127 ? -12.84489 7.59294   -5.46960  1.000 33.39075 ? 125 LYS A CG  1 
ATOM   939  C CD  . LYS A 1 127 ? -12.94468 8.15375   -6.88480  1.000 27.61794 ? 125 LYS A CD  1 
ATOM   940  C CE  . LYS A 1 127 ? -11.77620 9.07731   -7.25923  1.000 28.84469 ? 125 LYS A CE  1 
ATOM   941  N NZ  . LYS A 1 127 ? -11.82296 9.54761   -8.71717  1.000 41.63611 ? 125 LYS A NZ  1 
ATOM   942  N N   . HIS A 1 128 ? -11.06119 7.31045   -2.06624  1.000 15.59260 ? 126 HIS A N   1 
ATOM   943  C CA  . HIS A 1 128 ? -10.16129 6.27861   -1.56939  1.000 15.33142 ? 126 HIS A CA  1 
ATOM   944  C C   . HIS A 1 128 ? -9.90607  6.55647   -0.10222  1.000 13.73019 ? 126 HIS A C   1 
ATOM   945  O O   . HIS A 1 128 ? -9.67785  7.71325   0.27717   1.000 15.86766 ? 126 HIS A O   1 
ATOM   946  C CB  . HIS A 1 128 ? -8.83673  6.32042   -2.32986  1.000 15.81729 ? 126 HIS A CB  1 
ATOM   947  C CG  . HIS A 1 128 ? -8.98722  5.96779   -3.77476  1.000 13.92827 ? 126 HIS A CG  1 
ATOM   948  N ND1 . HIS A 1 128 ? -8.75313  4.68959   -4.24272  1.000 16.52659 ? 126 HIS A ND1 1 
ATOM   949  C CD2 . HIS A 1 128 ? -9.42339  6.69151   -4.83745  1.000 15.10398 ? 126 HIS A CD2 1 
ATOM   950  C CE1 . HIS A 1 128 ? -9.02367  4.65165   -5.53898  1.000 13.23635 ? 126 HIS A CE1 1 
ATOM   951  N NE2 . HIS A 1 128 ? -9.41546  5.85233   -5.92505  1.000 16.49657 ? 126 HIS A NE2 1 
ATOM   952  N N   . VAL A 1 129 ? -9.97184  5.50632   0.71460   1.000 15.36860 ? 127 VAL A N   1 
ATOM   953  C CA  . VAL A 1 129 ? -9.81098  5.64462   2.15724   1.000 15.65219 ? 127 VAL A CA  1 
ATOM   954  C C   . VAL A 1 129 ? -8.31730  5.72864   2.46865   1.000 16.32800 ? 127 VAL A C   1 
ATOM   955  O O   . VAL A 1 129 ? -7.58053  4.75219   2.29903   1.000 15.57312 ? 127 VAL A O   1 
ATOM   956  C CB  . VAL A 1 129 ? -10.45326 4.48148   2.91255   1.000 14.27578 ? 127 VAL A CB  1 
ATOM   957  C CG1 . VAL A 1 129 ? -10.19225 4.62475   4.42272   1.000 15.36750 ? 127 VAL A CG1 1 
ATOM   958  C CG2 . VAL A 1 129 ? -11.95782 4.40919   2.64127   1.000 14.99165 ? 127 VAL A CG2 1 
ATOM   959  N N   . VAL A 1 130 ? -7.88380  6.90078   2.92959   1.000 16.13560 ? 128 VAL A N   1 
ATOM   960  C CA  . VAL A 1 130 ? -6.54664  7.11039   3.47308   1.000 16.28789 ? 128 VAL A CA  1 
ATOM   961  C C   . VAL A 1 130 ? -6.48331  6.51256   4.86965   1.000 17.18909 ? 128 VAL A C   1 
ATOM   962  O O   . VAL A 1 130 ? -7.36178  6.76085   5.69008   1.000 16.74849 ? 128 VAL A O   1 
ATOM   963  C CB  . VAL A 1 130 ? -6.25013  8.61557   3.51534   1.000 15.55720 ? 128 VAL A CB  1 
ATOM   964  C CG1 . VAL A 1 130 ? -4.93662  8.87055   4.27952   1.000 16.72340 ? 128 VAL A CG1 1 
ATOM   965  C CG2 . VAL A 1 130 ? -6.22903  9.19852   2.09987   1.000 18.18232 ? 128 VAL A CG2 1 
ATOM   966  N N   . PHE A 1 131 ? -5.44336  5.71740   5.14841   1.000 16.47545 ? 129 PHE A N   1 
ATOM   967  C CA  . PHE A 1 131 ? -5.37531  5.04581   6.43836   1.000 14.78183 ? 129 PHE A CA  1 
ATOM   968  C C   . PHE A 1 131 ? -3.98122  5.00049   7.03308   1.000 15.78803 ? 129 PHE A C   1 
ATOM   969  O O   . PHE A 1 131 ? -3.80776  4.36033   8.07373   1.000 17.00777 ? 129 PHE A O   1 
ATOM   970  C CB  . PHE A 1 131 ? -5.95274  3.61367   6.36407   1.000 17.17298 ? 129 PHE A CB  1 
ATOM   971  C CG  . PHE A 1 131 ? -5.16196  2.69722   5.48794   1.000 16.44008 ? 129 PHE A CG  1 
ATOM   972  C CD1 . PHE A 1 131 ? -5.33033  2.72853   4.10825   1.000 14.62172 ? 129 PHE A CD1 1 
ATOM   973  C CD2 . PHE A 1 131 ? -4.18746  1.86290   6.02781   1.000 17.73851 ? 129 PHE A CD2 1 
ATOM   974  C CE1 . PHE A 1 131 ? -4.59547  1.91840   3.28311   1.000 15.55685 ? 129 PHE A CE1 1 
ATOM   975  C CE2 . PHE A 1 131 ? -3.45451  1.03156   5.20990   1.000 16.94973 ? 129 PHE A CE2 1 
ATOM   976  C CZ  . PHE A 1 131 ? -3.63292  1.07562   3.82316   1.000 15.48245 ? 129 PHE A CZ  1 
ATOM   977  N N   . GLY A 1 132 ? -2.98090  5.61990   6.40663   1.000 18.31431 ? 130 GLY A N   1 
ATOM   978  C CA  . GLY A 1 132 ? -1.65018  5.60949   6.98001   1.000 18.45311 ? 130 GLY A CA  1 
ATOM   979  C C   . GLY A 1 132 ? -0.74229  6.56826   6.25254   1.000 17.72285 ? 130 GLY A C   1 
ATOM   980  O O   . GLY A 1 132 ? -1.15460  7.27283   5.32432   1.000 18.83733 ? 130 GLY A O   1 
ATOM   981  N N   . LYS A 1 133 ? 0.52013   6.57961   6.68793   1.000 19.61390 ? 131 LYS A N   1 
ATOM   982  C CA  . LYS A 1 133 ? 1.54943   7.38654   6.04161   1.000 19.97792 ? 131 LYS A CA  1 
ATOM   983  C C   . LYS A 1 133 ? 2.90519   6.73116   6.26825   1.000 18.11037 ? 131 LYS A C   1 
ATOM   984  O O   . LYS A 1 133 ? 3.11556   6.04202   7.26884   1.000 21.41635 ? 131 LYS A O   1 
ATOM   985  C CB  . LYS A 1 133 ? 1.56285   8.83268   6.56711   1.000 21.65393 ? 131 LYS A CB  1 
ATOM   986  C CG  . LYS A 1 133 ? 2.17238   8.98678   7.98191   1.000 26.36869 ? 131 LYS A CG  1 
ATOM   987  C CD  . LYS A 1 133 ? 2.30230   10.45325  8.42182   1.000 32.09325 ? 131 LYS A CD  1 
ATOM   988  N N   . VAL A 1 134 ? 3.80501   6.91890   5.29298   1.000 19.60147 ? 132 VAL A N   1 
ATOM   989  C CA  . VAL A 1 134 ? 5.19414   6.50972   5.46616   1.000 19.11599 ? 132 VAL A CA  1 
ATOM   990  C C   . VAL A 1 134 ? 5.79084   7.29034   6.62206   1.000 22.46507 ? 132 VAL A C   1 
ATOM   991  O O   . VAL A 1 134 ? 5.67697   8.52362   6.68202   1.000 26.10013 ? 132 VAL A O   1 
ATOM   992  C CB  . VAL A 1 134 ? 5.99409   6.80626   4.19276   1.000 18.78647 ? 132 VAL A CB  1 
ATOM   993  C CG1 . VAL A 1 134 ? 7.47006   6.53636   4.45956   1.000 18.28810 ? 132 VAL A CG1 1 
ATOM   994  C CG2 . VAL A 1 134 ? 5.50991   5.98376   3.02679   1.000 18.99926 ? 132 VAL A CG2 1 
ATOM   995  N N   . LYS A 1 135 ? 6.46233   6.57735   7.52795   1.000 23.25603 ? 133 LYS A N   1 
ATOM   996  C CA  . LYS A 1 135 ? 7.16963   7.17708   8.65331   1.000 27.40013 ? 133 LYS A CA  1 
ATOM   997  C C   . LYS A 1 135 ? 8.63806   7.28181   8.27598   1.000 24.69947 ? 133 LYS A C   1 
ATOM   998  O O   . LYS A 1 135 ? 9.15191   8.38103   8.05208   1.000 36.73479 ? 133 LYS A O   1 
ATOM   999  C CB  . LYS A 1 135 ? 7.00539   6.31637   9.91160   1.000 26.75267 ? 133 LYS A CB  1 
ATOM   1000 C CG  . LYS A 1 135 ? 5.66350   6.46254   10.59395  1.000 37.74731 ? 133 LYS A CG  1 
ATOM   1001 N N   . GLU A 1 136 ? 9.30822   6.14443   8.17239   1.000 27.27360 ? 134 GLU A N   1 
ATOM   1002 C CA  . GLU A 1 136 ? 10.68622  6.11096   7.72470   1.000 24.79546 ? 134 GLU A CA  1 
ATOM   1003 C C   . GLU A 1 136 ? 10.75383  5.46081   6.35651   1.000 22.15728 ? 134 GLU A C   1 
ATOM   1004 O O   . GLU A 1 136 ? 9.91374   4.63802   5.99562   1.000 22.77600 ? 134 GLU A O   1 
ATOM   1005 C CB  . GLU A 1 136 ? 11.56383  5.31239   8.69239   1.000 26.06800 ? 134 GLU A CB  1 
ATOM   1006 C CG  . GLU A 1 136 ? 11.35098  5.69926   10.11713  1.000 35.77360 ? 134 GLU A CG  1 
ATOM   1007 C CD  . GLU A 1 136 ? 12.30133  4.96970   11.01532  1.000 39.11959 ? 134 GLU A CD  1 
ATOM   1008 O OE1 . GLU A 1 136 ? 11.97625  3.82495   11.39371  1.000 34.54610 ? 134 GLU A OE1 1 
ATOM   1009 O OE2 . GLU A 1 136 ? 13.38270  5.53729   11.30629  1.000 39.05354 ? 134 GLU A OE2 1 
ATOM   1010 N N   . GLY A 1 137 ? 11.78708  5.80142   5.60823   1.000 20.78648 ? 135 GLY A N   1 
ATOM   1011 C CA  . GLY A 1 137 ? 11.98094  5.17011   4.33565   1.000 17.87290 ? 135 GLY A CA  1 
ATOM   1012 C C   . GLY A 1 137 ? 11.27185  5.81477   3.16191   1.000 20.44127 ? 135 GLY A C   1 
ATOM   1013 O O   . GLY A 1 137 ? 11.15827  5.18010   2.11137   1.000 19.77864 ? 135 GLY A O   1 
ATOM   1014 N N   . MET A 1 138 ? 10.81725  7.06448   3.28175   1.000 25.47201 ? 136 MET A N   1 
ATOM   1015 C CA  . MET A 1 138 ? 10.32452  7.73508   2.08362   1.000 22.32199 ? 136 MET A CA  1 
ATOM   1016 C C   . MET A 1 138 ? 11.38255  7.77172   0.98697   1.000 23.26773 ? 136 MET A C   1 
ATOM   1017 O O   . MET A 1 138 ? 11.05498  7.66748   -0.20124  1.000 20.34567 ? 136 MET A O   1 
ATOM   1018 C CB  . MET A 1 138 ? 9.83703   9.14553   2.39558   1.000 29.37191 ? 136 MET A CB  1 
ATOM   1019 C CG  . MET A 1 138 ? 9.05872   9.73376   1.22592   1.000 25.94809 ? 136 MET A CG  1 
ATOM   1020 S SD  . MET A 1 138 ? 7.49620   8.84679   0.92178   1.000 22.71262 ? 136 MET A SD  1 
ATOM   1021 C CE  . MET A 1 138 ? 7.26439   9.20634   -0.81275  1.000 25.21265 ? 136 MET A CE  1 
ATOM   1022 N N   . ASN A 1 139 ? 12.66917  7.87200   1.37009   1.000 22.23981 ? 137 ASN A N   1 
ATOM   1023 C CA  . ASN A 1 139 ? 13.75721  7.79971   0.40787   1.000 21.80846 ? 137 ASN A CA  1 
ATOM   1024 C C   . ASN A 1 139 ? 13.74345  6.49118   -0.37526  1.000 18.77104 ? 137 ASN A C   1 
ATOM   1025 O O   . ASN A 1 139 ? 14.16676  6.46009   -1.54590  1.000 20.90658 ? 137 ASN A O   1 
ATOM   1026 C CB  . ASN A 1 139 ? 15.10042  7.96097   1.14076   1.000 21.22569 ? 137 ASN A CB  1 
ATOM   1027 C CG  . ASN A 1 139 ? 15.30288  6.91213   2.24034   1.000 23.72915 ? 137 ASN A CG  1 
ATOM   1028 O OD1 . ASN A 1 139 ? 14.45379  6.73435   3.10171   1.000 23.78581 ? 137 ASN A OD1 1 
ATOM   1029 N ND2 . ASN A 1 139 ? 16.46266  6.22522   2.21050   1.000 23.00389 ? 137 ASN A ND2 1 
ATOM   1030 N N   . ILE A 1 140 ? 13.29226  5.40152   0.25620   1.000 19.90394 ? 138 ILE A N   1 
ATOM   1031 C CA  . ILE A 1 140 ? 13.20179  4.12029   -0.43832  1.000 19.64663 ? 138 ILE A CA  1 
ATOM   1032 C C   . ILE A 1 140 ? 12.01671  4.12699   -1.39786  1.000 18.54065 ? 138 ILE A C   1 
ATOM   1033 O O   . ILE A 1 140 ? 12.08575  3.55804   -2.49212  1.000 18.43289 ? 138 ILE A O   1 
ATOM   1034 C CB  . ILE A 1 140 ? 13.10666  2.96682   0.57851   1.000 19.83057 ? 138 ILE A CB  1 
ATOM   1035 C CG1 . ILE A 1 140 ? 14.36524  2.94863   1.46774   1.000 22.03511 ? 138 ILE A CG1 1 
ATOM   1036 C CG2 . ILE A 1 140 ? 12.90987  1.61039   -0.12277  1.000 19.42855 ? 138 ILE A CG2 1 
ATOM   1037 C CD1 . ILE A 1 140 ? 15.66691  2.82997   0.71476   1.000 22.30401 ? 138 ILE A CD1 1 
ATOM   1038 N N   . VAL A 1 141 ? 10.91544  4.75258   -0.99471  1.000 19.12993 ? 139 VAL A N   1 
ATOM   1039 C CA  . VAL A 1 141 ? 9.80717   4.90402   -1.93634  1.000 16.89136 ? 139 VAL A CA  1 
ATOM   1040 C C   . VAL A 1 141 ? 10.25231  5.71442   -3.14498  1.000 21.62091 ? 139 VAL A C   1 
ATOM   1041 O O   . VAL A 1 141 ? 9.94086   5.36342   -4.29297  1.000 20.00375 ? 139 VAL A O   1 
ATOM   1042 C CB  . VAL A 1 141 ? 8.56736   5.50247   -1.24261  1.000 18.44667 ? 139 VAL A CB  1 
ATOM   1043 C CG1 . VAL A 1 141 ? 7.45465   5.73681   -2.29167  1.000 20.80784 ? 139 VAL A CG1 1 
ATOM   1044 C CG2 . VAL A 1 141 ? 8.06536   4.59185   -0.12116  1.000 19.82267 ? 139 VAL A CG2 1 
ATOM   1045 N N   . GLU A 1 142 ? 10.98784  6.81047   -2.91106  1.000 20.82305 ? 140 GLU A N   1 
ATOM   1046 C CA  . GLU A 1 142 ? 11.54566  7.59318   -4.01842  1.000 22.87886 ? 140 GLU A CA  1 
ATOM   1047 C C   . GLU A 1 142 ? 12.45171  6.75255   -4.90526  1.000 21.18640 ? 140 GLU A C   1 
ATOM   1048 O O   . GLU A 1 142 ? 12.40834  6.86589   -6.13542  1.000 22.68588 ? 140 GLU A O   1 
ATOM   1049 C CB  . GLU A 1 142 ? 12.27425  8.81892   -3.47215  1.000 26.08284 ? 140 GLU A CB  1 
ATOM   1050 C CG  . GLU A 1 142 ? 11.31259  9.79670   -2.77672  1.000 24.62554 ? 140 GLU A CG  1 
ATOM   1051 C CD  . GLU A 1 142 ? 11.99466  10.85722  -1.92437  1.000 32.98472 ? 140 GLU A CD  1 
ATOM   1052 O OE1 . GLU A 1 142 ? 13.21118  10.72568  -1.61030  1.000 38.21588 ? 140 GLU A OE1 1 
ATOM   1053 O OE2 . GLU A 1 142 ? 11.29662  11.82671  -1.54624  1.000 34.11208 ? 140 GLU A OE2 1 
ATOM   1054 N N   . ALA A 1 143 ? 13.26374  5.87876   -4.30367  1.000 20.50790 ? 141 ALA A N   1 
ATOM   1055 C CA  . ALA A 1 143 ? 14.08803  4.99458   -5.11344  1.000 23.84043 ? 141 ALA A CA  1 
ATOM   1056 C C   . ALA A 1 143 ? 13.23454  4.02202   -5.91534  1.000 21.30726 ? 141 ALA A C   1 
ATOM   1057 O O   . ALA A 1 143 ? 13.53895  3.73751   -7.07930  1.000 23.29492 ? 141 ALA A O   1 
ATOM   1058 C CB  . ALA A 1 143 ? 15.09725  4.26046   -4.23663  1.000 20.33445 ? 141 ALA A CB  1 
ATOM   1059 N N   . MET A 1 144 ? 12.14228  3.51833   -5.31825  1.000 22.67319 ? 142 MET A N   1 
ATOM   1060 C CA  . MET A 1 144 ? 11.23218  2.64604   -6.05634  1.000 22.57967 ? 142 MET A CA  1 
ATOM   1061 C C   . MET A 1 144 ? 10.66682  3.35757   -7.26873  1.000 20.62439 ? 142 MET A C   1 
ATOM   1062 O O   . MET A 1 144 ? 10.41549  2.72805   -8.30237  1.000 22.05194 ? 142 MET A O   1 
ATOM   1063 C CB  . MET A 1 144 ? 10.05206  2.24715   -5.16566  1.000 21.67789 ? 142 MET A CB  1 
ATOM   1064 C CG  . MET A 1 144 ? 10.41534  1.23956   -4.09727  1.000 22.51526 ? 142 MET A CG  1 
ATOM   1065 S SD  . MET A 1 144 ? 9.10088   1.07449   -2.88098  1.000 21.74965 ? 142 MET A SD  1 
ATOM   1066 C CE  . MET A 1 144 ? 7.70238   0.63902   -3.93369  1.000 20.33763 ? 142 MET A CE  1 
ATOM   1067 N N   . GLU A 1 145 ? 10.40566  4.66332   -7.12644  1.000 20.72435 ? 143 GLU A N   1 
ATOM   1068 C CA  . GLU A 1 145 ? 9.76577   5.45105   -8.17158  1.000 24.17507 ? 143 GLU A CA  1 
ATOM   1069 C C   . GLU A 1 145 ? 10.59880  5.47264   -9.43814  1.000 28.73855 ? 143 GLU A C   1 
ATOM   1070 O O   . GLU A 1 145 ? 10.05444  5.55224   -10.54488 1.000 30.00781 ? 143 GLU A O   1 
ATOM   1071 C CB  . GLU A 1 145 ? 9.59178   6.87006   -7.64984  1.000 35.23070 ? 143 GLU A CB  1 
ATOM   1072 C CG  . GLU A 1 145 ? 8.35293   7.49841   -8.05686  1.000 31.74222 ? 143 GLU A CG  1 
ATOM   1073 C CD  . GLU A 1 145 ? 8.21139   8.88759   -7.49504  1.000 28.80047 ? 143 GLU A CD  1 
ATOM   1074 O OE1 . GLU A 1 145 ? 9.01519   9.30709   -6.63686  1.000 30.94623 ? 143 GLU A OE1 1 
ATOM   1075 O OE2 . GLU A 1 145 ? 7.27760   9.56752   -7.92167  1.000 29.96126 ? 143 GLU A OE2 1 
ATOM   1076 N N   . ARG A 1 146 ? 11.91910  5.39909   -9.29928  1.000 25.53671 ? 144 ARG A N   1 
ATOM   1077 C CA  . ARG A 1 146 ? 12.78839  5.40881   -10.46149 1.000 23.88473 ? 144 ARG A CA  1 
ATOM   1078 C C   . ARG A 1 146 ? 12.63870  4.15684   -11.31100 1.000 21.33089 ? 144 ARG A C   1 
ATOM   1079 O O   . ARG A 1 146 ? 13.09094  4.14475   -12.46700 1.000 28.75039 ? 144 ARG A O   1 
ATOM   1080 C CB  . ARG A 1 146 ? 14.23585  5.61223   -10.00304 1.000 29.58685 ? 144 ARG A CB  1 
ATOM   1081 C CG  . ARG A 1 146 ? 14.43333  6.87849   -9.15868  1.000 28.40387 ? 144 ARG A CG  1 
ATOM   1082 C CD  . ARG A 1 146 ? 15.88801  7.34256   -9.16983  1.000 39.19018 ? 144 ARG A CD  1 
ATOM   1083 N N   . PHE A 1 147 ? 12.04125  3.09910   -10.77914 1.000 19.23848 ? 145 PHE A N   1 
ATOM   1084 C CA  . PHE A 1 147 ? 11.76310  1.91756   -11.56836 1.000 19.36253 ? 145 PHE A CA  1 
ATOM   1085 C C   . PHE A 1 147 ? 10.37218  1.93457   -12.18338 1.000 19.54055 ? 145 PHE A C   1 
ATOM   1086 O O   . PHE A 1 147 ? 9.96447   0.94169   -12.79714 1.000 21.80466 ? 145 PHE A O   1 
ATOM   1087 C CB  . PHE A 1 147 ? 12.01580  0.65256   -10.74090 1.000 21.25769 ? 145 PHE A CB  1 
ATOM   1088 C CG  . PHE A 1 147 ? 13.42139  0.56906   -10.22159 1.000 22.51114 ? 145 PHE A CG  1 
ATOM   1089 C CD1 . PHE A 1 147 ? 14.44967  0.15253   -11.06497 1.000 26.47055 ? 145 PHE A CD1 1 
ATOM   1090 C CD2 . PHE A 1 147 ? 13.73041  0.99970   -8.94295  1.000 22.18244 ? 145 PHE A CD2 1 
ATOM   1091 C CE1 . PHE A 1 147 ? 15.74932  0.09638   -10.60909 1.000 24.70981 ? 145 PHE A CE1 1 
ATOM   1092 C CE2 . PHE A 1 147 ? 15.04776  0.95092   -8.48036  1.000 23.08827 ? 145 PHE A CE2 1 
ATOM   1093 C CZ  . PHE A 1 147 ? 16.05443  0.49932   -9.32782  1.000 27.45898 ? 145 PHE A CZ  1 
ATOM   1094 N N   . GLY A 1 148 ? 9.63079   3.03249   -12.04287 1.000 21.44685 ? 146 GLY A N   1 
ATOM   1095 C CA  . GLY A 1 148 ? 8.33069   3.14895   -12.66100 1.000 21.13728 ? 146 GLY A CA  1 
ATOM   1096 C C   . GLY A 1 148 ? 8.42685   3.70249   -14.06775 1.000 22.01834 ? 146 GLY A C   1 
ATOM   1097 O O   . GLY A 1 148 ? 9.50972   3.82322   -14.65253 1.000 24.54064 ? 146 GLY A O   1 
ATOM   1098 N N   . SER A 1 149 ? 7.26174   4.03428   -14.62158 1.000 18.31810 ? 147 SER A N   1 
ATOM   1099 C CA  . SER A 1 149 ? 7.20792   4.62419   -15.95802 1.000 19.30069 ? 147 SER A CA  1 
ATOM   1100 C C   . SER A 1 149 ? 5.91756   5.41797   -16.06088 1.000 21.27178 ? 147 SER A C   1 
ATOM   1101 O O   . SER A 1 149 ? 5.05375   5.33102   -15.18179 1.000 19.77707 ? 147 SER A O   1 
ATOM   1102 C CB  . SER A 1 149 ? 7.28215   3.53359   -17.03061 1.000 23.17980 ? 147 SER A CB  1 
ATOM   1103 O OG  . SER A 1 149 ? 6.16314   2.66464   -17.00491 1.000 24.13250 ? 147 SER A OG  1 
ATOM   1104 N N   . ARG A 1 150 ? 5.77760   6.17940   -17.15837 1.000 20.05934 ? 148 ARG A N   1 
ATOM   1105 C CA  . ARG A 1 150 ? 4.56227   6.98748   -17.30895 1.000 20.74124 ? 148 ARG A CA  1 
ATOM   1106 C C   . ARG A 1 150 ? 3.32379   6.11222   -17.33532 1.000 20.14115 ? 148 ARG A C   1 
ATOM   1107 O O   . ARG A 1 150 ? 2.29062   6.49249   -16.77843 1.000 19.52101 ? 148 ARG A O   1 
ATOM   1108 C CB  . ARG A 1 150 ? 4.58644   7.84870   -18.57396 1.000 17.77989 ? 148 ARG A CB  1 
ATOM   1109 C CG  . ARG A 1 150 ? 5.56066   8.99271   -18.57290 1.000 29.07784 ? 148 ARG A CG  1 
ATOM   1110 C CD  . ARG A 1 150 ? 5.07392   10.25512  -17.88618 1.000 25.98534 ? 148 ARG A CD  1 
ATOM   1111 N NE  . ARG A 1 150 ? 3.69691   10.61632  -18.19765 1.000 21.79247 ? 148 ARG A NE  1 
ATOM   1112 C CZ  . ARG A 1 150 ? 3.30833   11.43004  -19.18039 1.000 20.43800 ? 148 ARG A CZ  1 
ATOM   1113 N NH1 . ARG A 1 150 ? 4.19022   11.99589  -20.01129 1.000 20.27018 ? 148 ARG A NH1 1 
ATOM   1114 N NH2 . ARG A 1 150 ? 2.01666   11.69778  -19.30966 1.000 19.47959 ? 148 ARG A NH2 1 
ATOM   1115 N N   . ASN A 1 151 ? 3.39562   4.93938   -17.98172 1.000 20.13243 ? 149 ASN A N   1 
ATOM   1116 C CA  . ASN A 1 151 ? 2.21662   4.08430   -18.05142 1.000 21.05424 ? 149 ASN A CA  1 
ATOM   1117 C C   . ASN A 1 151 ? 2.09705   3.16276   -16.84074 1.000 22.12942 ? 149 ASN A C   1 
ATOM   1118 O O   . ASN A 1 151 ? 1.09012   2.45778   -16.69682 1.000 24.20652 ? 149 ASN A O   1 
ATOM   1119 C CB  . ASN A 1 151 ? 2.18983   3.26996   -19.35122 1.000 21.94219 ? 149 ASN A CB  1 
ATOM   1120 C CG  . ASN A 1 151 ? 3.32660   2.27356   -19.43224 1.000 27.22164 ? 149 ASN A CG  1 
ATOM   1121 O OD1 . ASN A 1 151 ? 3.43910   1.38292   -18.60791 1.000 26.38627 ? 149 ASN A OD1 1 
ATOM   1122 N ND2 . ASN A 1 151 ? 4.15986   2.40901   -20.45601 1.000 39.30583 ? 149 ASN A ND2 1 
ATOM   1123 N N   . GLY A 1 152 ? 3.09106   3.16556   -15.96626 1.000 16.90323 ? 150 GLY A N   1 
ATOM   1124 C CA  . GLY A 1 152 ? 3.03133   2.44238   -14.71128 1.000 17.68676 ? 150 GLY A CA  1 
ATOM   1125 C C   . GLY A 1 152 ? 3.78185   1.12720   -14.70297 1.000 18.88436 ? 150 GLY A C   1 
ATOM   1126 O O   . GLY A 1 152 ? 4.06122   0.60684   -13.62115 1.000 18.78647 ? 150 GLY A O   1 
ATOM   1127 N N   . LYS A 1 153 ? 4.10990   0.56522   -15.87193 1.000 19.80274 ? 151 LYS A N   1 
ATOM   1128 C CA  . LYS A 1 153 ? 4.84389   -0.69144  -15.91045 1.000 20.00448 ? 151 LYS A CA  1 
ATOM   1129 C C   . LYS A 1 153 ? 6.21019   -0.49354  -15.26587 1.000 21.90040 ? 151 LYS A C   1 
ATOM   1130 O O   . LYS A 1 153 ? 6.88376   0.50773   -15.52034 1.000 20.44499 ? 151 LYS A O   1 
ATOM   1131 C CB  . LYS A 1 153 ? 5.02857   -1.11971  -17.37405 1.000 21.03289 ? 151 LYS A CB  1 
ATOM   1132 C CG  . LYS A 1 153 ? 5.78121   -2.41927  -17.55875 1.000 33.12624 ? 151 LYS A CG  1 
ATOM   1133 N N   . THR A 1 154 ? 6.62002   -1.43099  -14.40659 1.000 22.12370 ? 152 THR A N   1 
ATOM   1134 C CA  . THR A 1 154 ? 7.92633   -1.27659  -13.77751 1.000 21.55261 ? 152 THR A CA  1 
ATOM   1135 C C   . THR A 1 154 ? 9.00361   -1.89360  -14.65888 1.000 22.53864 ? 152 THR A C   1 
ATOM   1136 O O   . THR A 1 154 ? 8.76226   -2.87241  -15.36938 1.000 24.93022 ? 152 THR A O   1 
ATOM   1137 C CB  . THR A 1 154 ? 7.97918   -1.88620  -12.37068 1.000 22.61090 ? 152 THR A CB  1 
ATOM   1138 O OG1 . THR A 1 154 ? 7.63818   -3.27653  -12.43615 1.000 21.67913 ? 152 THR A OG1 1 
ATOM   1139 C CG2 . THR A 1 154 ? 6.98449   -1.17668  -11.45152 1.000 20.11201 ? 152 THR A CG2 1 
ATOM   1140 N N   . SER A 1 155 ? 10.19576  -1.31463  -14.58896 1.000 22.73672 ? 153 SER A N   1 
ATOM   1141 C CA  . SER A 1 155 ? 11.32089  -1.74621  -15.41529 1.000 25.80567 ? 153 SER A CA  1 
ATOM   1142 C C   . SER A 1 155 ? 12.15877  -2.82568  -14.74542 1.000 29.21496 ? 153 SER A C   1 
ATOM   1143 O O   . SER A 1 155 ? 13.04340  -3.39089  -15.39361 1.000 24.98641 ? 153 SER A O   1 
ATOM   1144 C CB  . SER A 1 155 ? 12.20551  -0.55033  -15.76204 1.000 23.68014 ? 153 SER A CB  1 
ATOM   1145 O OG  . SER A 1 155 ? 12.88571  -0.07620  -14.61344 1.000 26.97103 ? 153 SER A OG  1 
ATOM   1146 N N   . LYS A 1 156 ? 11.92755  -3.07631  -13.46261 1.000 24.54433 ? 154 LYS A N   1 
ATOM   1147 C CA  . LYS A 1 156 ? 12.44653  -4.21603  -12.72310 1.000 24.84865 ? 154 LYS A CA  1 
ATOM   1148 C C   . LYS A 1 156 ? 11.34847  -4.64291  -11.75564 1.000 27.20938 ? 154 LYS A C   1 
ATOM   1149 O O   . LYS A 1 156 ? 10.39875  -3.89042  -11.50289 1.000 23.97594 ? 154 LYS A O   1 
ATOM   1150 C CB  . LYS A 1 156 ? 13.72337  -3.84442  -11.95699 1.000 25.61766 ? 154 LYS A CB  1 
ATOM   1151 C CG  . LYS A 1 156 ? 14.93791  -3.53108  -12.86369 1.000 29.26338 ? 154 LYS A CG  1 
ATOM   1152 C CD  . LYS A 1 156 ? 16.18882  -3.22656  -12.06487 1.000 33.95545 ? 154 LYS A CD  1 
ATOM   1153 N N   . LYS A 1 157 ? 11.46033  -5.85680  -11.23122 1.000 23.29218 ? 155 LYS A N   1 
ATOM   1154 C CA  . LYS A 1 157 ? 10.41601  -6.40863  -10.37174 1.000 26.28948 ? 155 LYS A CA  1 
ATOM   1155 C C   . LYS A 1 157 ? 10.60103  -5.83293  -8.97723  1.000 22.56163 ? 155 LYS A C   1 
ATOM   1156 O O   . LYS A 1 157 ? 11.67789  -5.97036  -8.38160  1.000 21.31042 ? 155 LYS A O   1 
ATOM   1157 C CB  . LYS A 1 157 ? 10.49314  -7.93635  -10.35529 1.000 29.44248 ? 155 LYS A CB  1 
ATOM   1158 C CG  . LYS A 1 157 ? 9.48442   -8.63837  -9.46507  1.000 32.89754 ? 155 LYS A CG  1 
ATOM   1159 C CD  . LYS A 1 157 ? 8.08605   -8.70985  -10.06997 1.000 35.65810 ? 155 LYS A CD  1 
ATOM   1160 N N   . ILE A 1 158 ? 9.56940   -5.15300  -8.46868  1.000 18.66919 ? 156 ILE A N   1 
ATOM   1161 C CA  . ILE A 1 158 ? 9.63294   -4.47015  -7.18030  1.000 17.06044 ? 156 ILE A CA  1 
ATOM   1162 C C   . ILE A 1 158 ? 8.80224   -5.29694  -6.20713  1.000 21.10983 ? 156 ILE A C   1 
ATOM   1163 O O   . ILE A 1 158 ? 7.57163   -5.38504  -6.34445  1.000 19.98085 ? 156 ILE A O   1 
ATOM   1164 C CB  . ILE A 1 158 ? 9.12658   -3.01753  -7.27231  1.000 19.20775 ? 156 ILE A CB  1 
ATOM   1165 C CG1 . ILE A 1 158 ? 9.83394   -2.23066  -8.40002  1.000 20.83619 ? 156 ILE A CG1 1 
ATOM   1166 C CG2 . ILE A 1 158 ? 9.21993   -2.33981  -5.89399  1.000 21.97179 ? 156 ILE A CG2 1 
ATOM   1167 C CD1 . ILE A 1 158 ? 11.36560  -2.22742  -8.31862  1.000 23.06692 ? 156 ILE A CD1 1 
ATOM   1168 N N   . THR A 1 159 ? 9.45774   -5.91968  -5.22848  1.000 20.18004 ? 157 THR A N   1 
ATOM   1169 C CA  . THR A 1 159 ? 8.75590   -6.85453  -4.36173  1.000 20.85964 ? 157 THR A CA  1 
ATOM   1170 C C   . THR A 1 159 ? 8.86406   -6.47830  -2.88632  1.000 19.29688 ? 157 THR A C   1 
ATOM   1171 O O   . THR A 1 159 ? 9.80022   -5.78523  -2.46793  1.000 19.63918 ? 157 THR A O   1 
ATOM   1172 C CB  . THR A 1 159 ? 9.24903   -8.30251  -4.54111  1.000 22.55577 ? 157 THR A CB  1 
ATOM   1173 O OG1 . THR A 1 159 ? 10.64900  -8.38829  -4.22549  1.000 25.76925 ? 157 THR A OG1 1 
ATOM   1174 C CG2 . THR A 1 159 ? 9.06329   -8.73226  -5.96173  1.000 23.29894 ? 157 THR A CG2 1 
ATOM   1175 N N   . ILE A 1 160 ? 7.87302   -6.93469  -2.11750  1.000 17.01696 ? 158 ILE A N   1 
ATOM   1176 C CA  . ILE A 1 160 ? 7.90653   -6.89013  -0.65709  1.000 17.71304 ? 158 ILE A CA  1 
ATOM   1177 C C   . ILE A 1 160 ? 8.56418   -8.19987  -0.22611  1.000 19.99273 ? 158 ILE A C   1 
ATOM   1178 O O   . ILE A 1 160 ? 7.91532   -9.23694  -0.12375  1.000 21.75654 ? 158 ILE A O   1 
ATOM   1179 C CB  . ILE A 1 160 ? 6.51192   -6.73159  -0.07605  1.000 16.90881 ? 158 ILE A CB  1 
ATOM   1180 C CG1 . ILE A 1 160 ? 5.86705   -5.47433  -0.63758  1.000 19.30874 ? 158 ILE A CG1 1 
ATOM   1181 C CG2 . ILE A 1 160 ? 6.56058   -6.73538  1.45409   1.000 19.31897 ? 158 ILE A CG2 1 
ATOM   1182 C CD1 . ILE A 1 160 ? 4.38647   -5.34074  -0.21992  1.000 17.89991 ? 158 ILE A CD1 1 
ATOM   1183 N N   . ALA A 1 161 ? 9.89340   -8.16899  -0.06452  1.000 20.66142 ? 159 ALA A N   1 
ATOM   1184 C CA  . ALA A 1 161 ? 10.61715  -9.37884  0.30914   1.000 20.61219 ? 159 ALA A CA  1 
ATOM   1185 C C   . ALA A 1 161 ? 10.26989  -9.84560  1.70990   1.000 22.04396 ? 159 ALA A C   1 
ATOM   1186 O O   . ALA A 1 161 ? 10.28199  -11.04949 1.97547   1.000 21.93734 ? 159 ALA A O   1 
ATOM   1187 C CB  . ALA A 1 161 ? 12.11066  -9.11475  0.19730   1.000 19.94024 ? 159 ALA A CB  1 
ATOM   1188 N N   . ASP A 1 162 ? 9.96505   -8.92117  2.61667   1.000 18.07731 ? 160 ASP A N   1 
ATOM   1189 C CA  . ASP A 1 162 ? 9.53734   -9.27251  3.96538   1.000 19.74839 ? 160 ASP A CA  1 
ATOM   1190 C C   . ASP A 1 162 ? 8.67438   -8.12847  4.45813   1.000 20.58106 ? 160 ASP A C   1 
ATOM   1191 O O   . ASP A 1 162 ? 8.76472   -7.00831  3.96442   1.000 19.66516 ? 160 ASP A O   1 
ATOM   1192 C CB  . ASP A 1 162 ? 10.74886  -9.49054  4.89290   1.000 21.37002 ? 160 ASP A CB  1 
ATOM   1193 C CG  . ASP A 1 162 ? 10.41161  -10.28014 6.14293   1.000 24.14257 ? 160 ASP A CG  1 
ATOM   1194 O OD1 . ASP A 1 162 ? 9.29476   -10.81484 6.24457   1.000 23.19637 ? 160 ASP A OD1 1 
ATOM   1195 O OD2 . ASP A 1 162 ? 11.28777  -10.35932 7.03717   1.000 29.98687 ? 160 ASP A OD2 1 
ATOM   1196 N N   . CYS A 1 163 ? 7.81602   -8.42325  5.41723   1.000 18.65596 ? 161 CYS A N   1 
ATOM   1197 C CA  . CYS A 1 163 ? 6.96111   -7.39944  6.00575   1.000 16.16588 ? 161 CYS A CA  1 
ATOM   1198 C C   . CYS A 1 163 ? 6.54557   -7.90385  7.37212   1.000 19.60184 ? 161 CYS A C   1 
ATOM   1199 O O   . CYS A 1 163 ? 6.58921   -9.10695  7.65750   1.000 20.75509 ? 161 CYS A O   1 
ATOM   1200 C CB  . CYS A 1 163 ? 5.75695   -7.03520  5.12903   1.000 16.06686 ? 161 CYS A CB  1 
ATOM   1201 S SG  . CYS A 1 163 ? 4.86043   -8.39541  4.48561   1.000 19.79888 ? 161 CYS A SG  1 
ATOM   1202 N N   . GLY A 1 164 ? 6.15485   -6.95748  8.20908   1.000 20.30599 ? 162 GLY A N   1 
ATOM   1203 C CA  . GLY A 1 164 ? 5.64751   -7.30492  9.51871   1.000 20.33775 ? 162 GLY A CA  1 
ATOM   1204 C C   . GLY A 1 164 ? 5.39078   -6.06159  10.34282  1.000 20.38173 ? 162 GLY A C   1 
ATOM   1205 O O   . GLY A 1 164 ? 5.33912   -4.94416  9.82951   1.000 20.73561 ? 162 GLY A O   1 
ATOM   1206 N N   . GLN A 1 165 ? 5.21713   -6.27775  11.63544  1.000 23.76781 ? 163 GLN A N   1 
ATOM   1207 C CA  . GLN A 1 165 ? 4.86733   -5.19416  12.53819  1.000 27.09704 ? 163 GLN A CA  1 
ATOM   1208 C C   . GLN A 1 165 ? 6.04886   -4.89296  13.44225  1.000 30.17905 ? 163 GLN A C   1 
ATOM   1209 O O   . GLN A 1 165 ? 6.65128   -5.81481  13.99729  1.000 29.51078 ? 163 GLN A O   1 
ATOM   1210 C CB  . GLN A 1 165 ? 3.65829   -5.57655  13.38953  1.000 23.34855 ? 163 GLN A CB  1 
ATOM   1211 C CG  . GLN A 1 165 ? 3.16452   -4.45822  14.25762  1.000 23.75683 ? 163 GLN A CG  1 
ATOM   1212 C CD  . GLN A 1 165 ? 1.78230   -4.74386  14.84583  1.000 21.87227 ? 163 GLN A CD  1 
ATOM   1213 O OE1 . GLN A 1 165 ? 1.19657   -5.82535  14.63088  1.000 22.39390 ? 163 GLN A OE1 1 
ATOM   1214 N NE2 . GLN A 1 165 ? 1.26522   -3.78539  15.60075  1.000 26.52118 ? 163 GLN A NE2 1 
ATOM   1215 N N   . LEU A 1 166 ? 6.35210   -3.61015  13.61558  1.000 25.95848 ? 164 LEU A N   1 
ATOM   1216 C CA  . LEU A 1 166 ? 7.42651   -3.19352  14.51475  1.000 27.18085 ? 164 LEU A CA  1 
ATOM   1217 C C   . LEU A 1 166 ? 6.85727   -2.95699  15.91127  1.000 35.22502 ? 164 LEU A C   1 
ATOM   1218 O O   . LEU A 1 166 ? 5.77309   -2.38487  16.04452  1.000 32.68144 ? 164 LEU A O   1 
ATOM   1219 C CB  . LEU A 1 166 ? 8.09175   -1.91947  13.98938  1.000 27.47875 ? 164 LEU A CB  1 
ATOM   1220 C CG  . LEU A 1 166 ? 8.86133   -2.05923  12.66445  1.000 32.48232 ? 164 LEU A CG  1 
ATOM   1221 C CD1 . LEU A 1 166 ? 9.29311   -0.70866  12.06303  1.000 35.23824 ? 164 LEU A CD1 1 
ATOM   1222 C CD2 . LEU A 1 166 ? 10.07087  -2.98003  12.85031  1.000 33.85547 ? 164 LEU A CD2 1 
HETATM 1223 C C12 . UO7 B 2 .   ? -8.21887  -2.92275  -8.23021  1.000 14.61528 ? 400 UO7 A C12 1 
HETATM 1224 C C11 . UO7 B 2 .   ? -7.88360  -2.38810  -6.83612  1.000 17.38868 ? 400 UO7 A C11 1 
HETATM 1225 C C01 . UO7 B 2 .   ? -4.90044  5.15832   -7.07475  1.000 16.34610 ? 400 UO7 A C01 1 
HETATM 1226 C C02 . UO7 B 2 .   ? -4.97694  3.65165   -6.91295  1.000 15.50192 ? 400 UO7 A C02 1 
HETATM 1227 C C05 . UO7 B 2 .   ? -4.91396  4.73993   -9.52766  1.000 15.83083 ? 400 UO7 A C05 1 
HETATM 1228 C C06 . UO7 B 2 .   ? -4.15006  5.44441   -8.40068  1.000 18.24324 ? 400 UO7 A C06 1 
HETATM 1229 C C07 . UO7 B 2 .   ? -6.86281  2.33088   -7.99068  1.000 15.24018 ? 400 UO7 A C07 1 
HETATM 1230 C C08 . UO7 B 2 .   ? -7.43623  1.80648   -9.30705  1.000 15.14733 ? 400 UO7 A C08 1 
HETATM 1231 C C13 . UO7 B 2 .   ? -8.78769  -1.79530  -9.10613  1.000 17.36379 ? 400 UO7 A C13 1 
HETATM 1232 C C14 . UO7 B 2 .   ? -7.72296  -0.70285  -9.27281  1.000 16.18635 ? 400 UO7 A C14 1 
HETATM 1233 C C16 . UO7 B 2 .   ? -9.98232  -1.39402  -11.20180 1.000 16.19831 ? 400 UO7 A C16 1 
HETATM 1234 C C17 . UO7 B 2 .   ? -4.14877  4.77340   -10.83624 1.000 14.40051 ? 400 UO7 A C17 1 
HETATM 1235 C C19 . UO7 B 2 .   ? -8.22559  2.87377   -10.04835 1.000 13.93765 ? 400 UO7 A C19 1 
HETATM 1236 C C21 . UO7 B 2 .   ? -9.23505  -4.05092  -8.16409  1.000 17.01429 ? 400 UO7 A C21 1 
HETATM 1237 C C23 . UO7 B 2 .   ? -4.41916  4.15769   -13.66846 1.000 15.32437 ? 400 UO7 A C23 1 
HETATM 1238 C C24 . UO7 B 2 .   ? -5.44736  3.25987   -13.29060 1.000 19.68635 ? 400 UO7 A C24 1 
HETATM 1239 C C25 . UO7 B 2 .   ? -5.54637  1.94409   -13.79616 1.000 15.33238 ? 400 UO7 A C25 1 
HETATM 1240 C C26 . UO7 B 2 .   ? -4.31019  5.57784   -13.08497 1.000 16.57792 ? 400 UO7 A C26 1 
HETATM 1241 C C27 . UO7 B 2 .   ? -4.61258  1.51935   -14.75382 1.000 15.99422 ? 400 UO7 A C27 1 
HETATM 1242 C C28 . UO7 B 2 .   ? -3.58465  2.40215   -15.11867 1.000 15.71229 ? 400 UO7 A C28 1 
HETATM 1243 C C29 . UO7 B 2 .   ? -3.48135  3.69447   -14.60638 1.000 16.80005 ? 400 UO7 A C29 1 
HETATM 1244 C C31 . UO7 B 2 .   ? -5.16315  6.57080   -13.86271 1.000 18.07062 ? 400 UO7 A C31 1 
HETATM 1245 C C32 . UO7 B 2 .   ? -6.58129  1.06996   -13.40553 1.000 17.25818 ? 400 UO7 A C32 1 
HETATM 1246 C C33 . UO7 B 2 .   ? -6.65198  -0.22242  -13.95363 1.000 19.26604 ? 400 UO7 A C33 1 
HETATM 1247 C C35 . UO7 B 2 .   ? -4.76646  0.22228   -15.24246 1.000 18.56132 ? 400 UO7 A C35 1 
HETATM 1248 C C36 . UO7 B 2 .   ? -7.70179  -1.17185  -13.54017 1.000 19.46712 ? 400 UO7 A C36 1 
HETATM 1249 C C37 . UO7 B 2 .   ? -8.96019  -0.81071  -13.19821 1.000 17.85431 ? 400 UO7 A C37 1 
HETATM 1250 C C38 . UO7 B 2 .   ? -10.03290 -1.74099  -12.68588 1.000 19.38630 ? 400 UO7 A C38 1 
HETATM 1251 N N03 . UO7 B 2 .   ? -5.69684  3.07282   -8.04256  1.000 15.07523 ? 400 UO7 A N03 1 
HETATM 1252 N N04 . UO7 B 2 .   ? -5.01755  3.28373   -9.28678  1.000 16.95224 ? 400 UO7 A N04 1 
HETATM 1253 N N09 . UO7 B 2 .   ? -8.22943  0.57833   -9.12251  1.000 15.80571 ? 400 UO7 A N09 1 
HETATM 1254 N N15 . UO7 B 2 .   ? -9.03243  -2.10678  -10.49558 1.000 19.15864 ? 400 UO7 A N15 1 
HETATM 1255 N N34 . UO7 B 2 .   ? -5.73010  -0.64960  -14.85378 1.000 18.96912 ? 400 UO7 A N34 1 
HETATM 1256 O O10 . UO7 B 2 .   ? -7.46104  2.15543   -6.93112  1.000 15.93348 ? 400 UO7 A O10 1 
HETATM 1257 O O18 . UO7 B 2 .   ? -4.86165  5.50231   -11.75020 1.000 15.98280 ? 400 UO7 A O18 1 
HETATM 1258 O O20 . UO7 B 2 .   ? -6.53509  -0.95061  -9.52481  1.000 17.25276 ? 400 UO7 A O20 1 
HETATM 1259 O O22 . UO7 B 2 .   ? -10.72152 -0.55333  -10.67720 1.000 18.60838 ? 400 UO7 A O22 1 
HETATM 1260 O O30 . UO7 B 2 .   ? -3.05611  4.26675   -11.01308 1.000 17.60141 ? 400 UO7 A O30 1 
HETATM 1261 O O   . HOH C 3 .   ? -13.96559 10.61649  -9.14980  1.000 38.60596 ? 501 HOH A O   1 
HETATM 1262 O O   . HOH C 3 .   ? 8.91607   12.47863  -1.78718  1.000 32.99347 ? 502 HOH A O   1 
HETATM 1263 O O   . HOH C 3 .   ? -11.44344 7.66353   -10.30724 1.000 31.81258 ? 503 HOH A O   1 
HETATM 1264 O O   . HOH C 3 .   ? 13.36280  -8.58817  7.13961   1.000 41.36431 ? 504 HOH A O   1 
HETATM 1265 O O   . HOH C 3 .   ? 15.39983  -0.19276  -14.80624 1.000 36.54684 ? 505 HOH A O   1 
HETATM 1266 O O   . HOH C 3 .   ? -1.82439  14.43860  5.91853   1.000 34.53208 ? 506 HOH A O   1 
HETATM 1267 O O   . HOH C 3 .   ? 4.92396   10.51768  5.23068   1.000 39.11809 ? 507 HOH A O   1 
HETATM 1268 O O   . HOH C 3 .   ? -11.95056 15.27804  7.14817   1.000 39.47329 ? 508 HOH A O   1 
HETATM 1269 O O   . HOH C 3 .   ? 7.52340   -10.56783 9.58802   1.000 36.02122 ? 509 HOH A O   1 
HETATM 1270 O O   . HOH C 3 .   ? 3.52292   14.63052  2.14090   1.000 33.76469 ? 510 HOH A O   1 
HETATM 1271 O O   . HOH C 3 .   ? -7.27817  -17.35418 8.63227   1.000 39.47882 ? 511 HOH A O   1 
HETATM 1272 O O   . HOH C 3 .   ? -7.69480  18.10585  -8.11137  1.000 37.86545 ? 512 HOH A O   1 
HETATM 1273 O O   . HOH C 3 .   ? -5.96436  16.61540  -0.32646  1.000 25.99150 ? 513 HOH A O   1 
HETATM 1274 O O   . HOH C 3 .   ? -19.54090 -1.02397  -5.56004  1.000 28.41653 ? 514 HOH A O   1 
HETATM 1275 O O   . HOH C 3 .   ? -4.69570  -2.41849  -10.70937 1.000 19.77081 ? 515 HOH A O   1 
HETATM 1276 O O   . HOH C 3 .   ? 3.44043   14.92424  -10.48419 1.000 32.79544 ? 516 HOH A O   1 
HETATM 1277 O O   . HOH C 3 .   ? -0.30792  6.94982   -16.41302 1.000 20.97104 ? 517 HOH A O   1 
HETATM 1278 O O   . HOH C 3 .   ? -4.93116  -2.48359  14.02169  1.000 24.04851 ? 518 HOH A O   1 
HETATM 1279 O O   . HOH C 3 .   ? -12.53996 0.77476   -12.10331 1.000 24.78681 ? 519 HOH A O   1 
HETATM 1280 O O   . HOH C 3 .   ? 1.91780   -9.80808  -6.11152  1.000 22.29748 ? 520 HOH A O   1 
HETATM 1281 O O   . HOH C 3 .   ? 4.79126   4.99331   -20.73326 1.000 32.79922 ? 521 HOH A O   1 
HETATM 1282 O O   . HOH C 3 .   ? -12.70466 12.31492  -5.25779  1.000 28.26110 ? 522 HOH A O   1 
HETATM 1283 O O   . HOH C 3 .   ? -1.30871  19.30574  1.18248   1.000 40.05009 ? 523 HOH A O   1 
HETATM 1284 O O   . HOH C 3 .   ? 8.19074   -12.91120 -4.27924  1.000 39.50757 ? 524 HOH A O   1 
HETATM 1285 O O   . HOH C 3 .   ? 10.33041  8.98290   5.71259   1.000 37.44962 ? 525 HOH A O   1 
HETATM 1286 O O   . HOH C 3 .   ? -19.06872 2.99840   3.24941   1.000 19.67131 ? 526 HOH A O   1 
HETATM 1287 O O   . HOH C 3 .   ? 11.73068  -10.68428 -3.32630  1.000 33.47613 ? 527 HOH A O   1 
HETATM 1288 O O   . HOH C 3 .   ? -5.68199  -3.08333  -16.01923 1.000 41.67062 ? 528 HOH A O   1 
HETATM 1289 O O   . HOH C 3 .   ? -6.71546  -1.96080  4.67362   1.000 18.04640 ? 529 HOH A O   1 
HETATM 1290 O O   . HOH C 3 .   ? -8.10901  -2.61966  -2.11962  1.000 17.60779 ? 530 HOH A O   1 
HETATM 1291 O O   . HOH C 3 .   ? -11.25723 3.08528   -0.54334  1.000 16.69900 ? 531 HOH A O   1 
HETATM 1292 O O   . HOH C 3 .   ? -11.02077 -12.91787 2.84213   1.000 37.89482 ? 532 HOH A O   1 
HETATM 1293 O O   . HOH C 3 .   ? -2.93772  -12.08432 7.50542   1.000 22.16369 ? 533 HOH A O   1 
HETATM 1294 O O   . HOH C 3 .   ? -0.14860  0.37149   -15.33348 1.000 26.81401 ? 534 HOH A O   1 
HETATM 1295 O O   . HOH C 3 .   ? -1.89085  17.96872  -7.11066  1.000 37.92317 ? 535 HOH A O   1 
HETATM 1296 O O   . HOH C 3 .   ? -11.39907 -3.35453  -5.52284  1.000 19.45056 ? 536 HOH A O   1 
HETATM 1297 O O   . HOH C 3 .   ? 2.41253   -5.64025  -2.98133  1.000 18.06510 ? 537 HOH A O   1 
HETATM 1298 O O   . HOH C 3 .   ? 8.44762   -12.89281 7.77991   1.000 35.07327 ? 538 HOH A O   1 
HETATM 1299 O O   . HOH C 3 .   ? -10.35704 17.53135  -0.21190  1.000 35.61685 ? 539 HOH A O   1 
HETATM 1300 O O   . HOH C 3 .   ? -10.13224 4.00661   16.60317  1.000 36.87186 ? 540 HOH A O   1 
HETATM 1301 O O   . HOH C 3 .   ? 1.79365   9.35164   -16.71742 1.000 21.14936 ? 541 HOH A O   1 
HETATM 1302 O O   . HOH C 3 .   ? -4.65752  4.21459   17.95656  1.000 35.25925 ? 542 HOH A O   1 
HETATM 1303 O O   . HOH C 3 .   ? -14.67485 3.25099   12.11339  1.000 25.89936 ? 543 HOH A O   1 
HETATM 1304 O O   . HOH C 3 .   ? 2.31124   17.01540  -5.18690  1.000 33.11803 ? 544 HOH A O   1 
HETATM 1305 O O   . HOH C 3 .   ? -7.31819  -15.92596 -9.42286  1.000 26.56929 ? 545 HOH A O   1 
HETATM 1306 O O   . HOH C 3 .   ? 5.31587   6.80005   -7.82507  1.000 31.85171 ? 546 HOH A O   1 
HETATM 1307 O O   . HOH C 3 .   ? -7.92385  -4.50967  -11.84177 1.000 22.86207 ? 547 HOH A O   1 
HETATM 1308 O O   . HOH C 3 .   ? 0.29324   -6.02083  -6.42328  1.000 17.74484 ? 548 HOH A O   1 
HETATM 1309 O O   . HOH C 3 .   ? 1.30863   15.34057  3.43250   1.000 34.91558 ? 549 HOH A O   1 
HETATM 1310 O O   . HOH C 3 .   ? -16.49854 0.34427   8.61715   1.000 26.39263 ? 550 HOH A O   1 
HETATM 1311 O O   . HOH C 3 .   ? -19.39640 -3.54649  -2.92003  1.000 32.00030 ? 551 HOH A O   1 
HETATM 1312 O O   . HOH C 3 .   ? -15.10576 4.63318   -2.89788  1.000 18.27260 ? 552 HOH A O   1 
HETATM 1313 O O   . HOH C 3 .   ? 7.17623   -4.66394  -10.03630 1.000 21.59354 ? 553 HOH A O   1 
HETATM 1314 O O   . HOH C 3 .   ? 12.14574  9.33470   -7.31517  1.000 33.61030 ? 554 HOH A O   1 
HETATM 1315 O O   . HOH C 3 .   ? -19.60080 -1.68000  8.95996   1.000 33.64314 ? 555 HOH A O   1 
HETATM 1316 O O   . HOH C 3 .   ? 1.85293   -13.29697 -0.55198  1.000 30.88870 ? 556 HOH A O   1 
HETATM 1317 O O   . HOH C 3 .   ? 13.53713  8.26737   10.98900  1.000 34.39412 ? 557 HOH A O   1 
HETATM 1318 O O   . HOH C 3 .   ? 4.96775   -11.50888 10.68909  1.000 41.46004 ? 558 HOH A O   1 
HETATM 1319 O O   . HOH C 3 .   ? 19.55735  1.33719   -1.04647  1.000 35.65110 ? 559 HOH A O   1 
HETATM 1320 O O   . HOH C 3 .   ? -9.93120  8.80521   3.79070   1.000 16.73027 ? 560 HOH A O   1 
HETATM 1321 O O   . HOH C 3 .   ? 5.82331   10.34421  -14.59601 1.000 29.06609 ? 561 HOH A O   1 
HETATM 1322 O O   . HOH C 3 .   ? 15.16583  -5.01446  1.49807   1.000 23.17656 ? 562 HOH A O   1 
HETATM 1323 O O   . HOH C 3 .   ? 12.06614  2.77338   -14.91352 1.000 33.35865 ? 563 HOH A O   1 
HETATM 1324 O O   . HOH C 3 .   ? 12.19214  -8.08508  -6.52074  1.000 22.80342 ? 564 HOH A O   1 
HETATM 1325 O O   . HOH C 3 .   ? -18.53101 6.32535   7.64051   1.000 20.10363 ? 565 HOH A O   1 
HETATM 1326 O O   . HOH C 3 .   ? -10.14581 5.92582   -8.61705  1.000 19.03334 ? 566 HOH A O   1 
HETATM 1327 O O   . HOH C 3 .   ? -16.73095 -7.42693  4.36911   1.000 25.21363 ? 567 HOH A O   1 
HETATM 1328 O O   . HOH C 3 .   ? -21.92197 0.21083   -2.25271  1.000 18.67506 ? 568 HOH A O   1 
HETATM 1329 O O   . HOH C 3 .   ? -1.47170  3.27380   -17.46511 1.000 20.35986 ? 569 HOH A O   1 
HETATM 1330 O O   . HOH C 3 .   ? 0.92736   -15.54689 6.00551   1.000 34.88164 ? 570 HOH A O   1 
HETATM 1331 O O   . HOH C 3 .   ? 8.03974   6.57980   -18.76576 1.000 23.60424 ? 571 HOH A O   1 
HETATM 1332 O O   . HOH C 3 .   ? 6.76787   1.73030   -19.67858 1.000 31.51022 ? 572 HOH A O   1 
HETATM 1333 O O   . HOH C 3 .   ? 13.70372  7.64549   6.51104   1.000 28.96308 ? 573 HOH A O   1 
HETATM 1334 O O   . HOH C 3 .   ? -0.52458  -5.12540  -14.19478 1.000 36.21952 ? 574 HOH A O   1 
HETATM 1335 O O   . HOH C 3 .   ? 1.93660   -8.35575  15.61102  1.000 39.20914 ? 575 HOH A O   1 
HETATM 1336 O O   . HOH C 3 .   ? -7.22675  -1.03975  14.24045  1.000 23.76351 ? 576 HOH A O   1 
HETATM 1337 O O   . HOH C 3 .   ? 13.06456  -7.31679  10.75904  1.000 36.93775 ? 577 HOH A O   1 
HETATM 1338 O O   . HOH C 3 .   ? -12.74028 7.68080   13.44497  1.000 24.50827 ? 578 HOH A O   1 
HETATM 1339 O O   . HOH C 3 .   ? 18.53294  -5.09719  -8.83771  1.000 29.17540 ? 579 HOH A O   1 
HETATM 1340 O O   . HOH C 3 .   ? -14.04439 1.07843   -2.16978  1.000 16.13249 ? 580 HOH A O   1 
HETATM 1341 O O   . HOH C 3 .   ? -4.11087  12.72173  5.66190   1.000 30.61088 ? 581 HOH A O   1 
HETATM 1342 O O   . HOH C 3 .   ? 4.71550   -3.48533  -13.56517 1.000 24.13536 ? 582 HOH A O   1 
HETATM 1343 O O   . HOH C 3 .   ? -1.22075  -3.82574  16.98227  1.000 36.69289 ? 583 HOH A O   1 
HETATM 1344 O O   . HOH C 3 .   ? -12.17181 1.33346   4.17626   1.000 16.78398 ? 584 HOH A O   1 
HETATM 1345 O O   . HOH C 3 .   ? -13.18261 14.35282  0.83768   1.000 25.67334 ? 585 HOH A O   1 
HETATM 1346 O O   . HOH C 3 .   ? -11.92791 -6.13344  -3.01071  1.000 28.55184 ? 586 HOH A O   1 
HETATM 1347 O O   . HOH C 3 .   ? -4.44526  -4.02119  -12.98549 1.000 24.39190 ? 587 HOH A O   1 
HETATM 1348 O O   . HOH C 3 .   ? 1.90453   -12.72015 -3.26283  1.000 26.33362 ? 588 HOH A O   1 
HETATM 1349 O O   . HOH C 3 .   ? -8.33818  15.18298  7.94747   1.000 36.72971 ? 589 HOH A O   1 
HETATM 1350 O O   . HOH C 3 .   ? 8.72466   0.14515   -17.68828 1.000 29.13057 ? 590 HOH A O   1 
HETATM 1351 O O   . HOH C 3 .   ? -5.26585  -5.85234  16.38486  1.000 31.67975 ? 591 HOH A O   1 
HETATM 1352 O O   . HOH C 3 .   ? 0.54673   -11.70042 -12.94478 1.000 22.75018 ? 592 HOH A O   1 
HETATM 1353 O O   . HOH C 3 .   ? -5.38787  -11.29968 -14.79221 1.000 27.13342 ? 593 HOH A O   1 
HETATM 1354 O O   . HOH C 3 .   ? 7.06345   12.15008  -20.09395 1.000 33.71183 ? 594 HOH A O   1 
HETATM 1355 O O   . HOH C 3 .   ? 9.42552   -13.12346 0.16525   1.000 36.02639 ? 595 HOH A O   1 
HETATM 1356 O O   . HOH C 3 .   ? -5.36636  -12.67885 13.93837  1.000 33.98725 ? 596 HOH A O   1 
HETATM 1357 O O   . HOH C 3 .   ? -7.48154  -6.18134  -3.46573  1.000 20.78608 ? 597 HOH A O   1 
HETATM 1358 O O   . HOH C 3 .   ? -9.97695  10.49657  1.02215   1.000 18.16579 ? 598 HOH A O   1 
HETATM 1359 O O   . HOH C 3 .   ? -8.16425  -9.14311  13.07728  1.000 32.15475 ? 599 HOH A O   1 
HETATM 1360 O O   . HOH C 3 .   ? -18.53945 -4.84848  3.41383   1.000 27.45326 ? 600 HOH A O   1 
HETATM 1361 O O   . HOH C 3 .   ? -15.51993 5.61186   11.03759  1.000 23.72254 ? 601 HOH A O   1 
HETATM 1362 O O   . HOH C 3 .   ? 21.62151  -4.69078  -2.20158  1.000 42.56010 ? 602 HOH A O   1 
HETATM 1363 O O   . HOH C 3 .   ? 2.47749   -11.13251 4.85925   1.000 19.71271 ? 603 HOH A O   1 
HETATM 1364 O O   . HOH C 3 .   ? -9.78591  8.26768   6.57141   1.000 19.23929 ? 604 HOH A O   1 
HETATM 1365 O O   . HOH C 3 .   ? -11.64859 3.48952   -8.50376  1.000 16.79845 ? 605 HOH A O   1 
HETATM 1366 O O   . HOH C 3 .   ? 11.94775  -14.71040 4.66686   1.000 38.74156 ? 606 HOH A O   1 
HETATM 1367 O O   . HOH C 3 .   ? -18.29248 5.21976   -0.46649  1.000 19.59298 ? 607 HOH A O   1 
HETATM 1368 O O   . HOH C 3 .   ? 5.43320   -9.11730  12.32706  1.000 29.26988 ? 608 HOH A O   1 
HETATM 1369 O O   . HOH C 3 .   ? -2.64108  -9.85695  16.61397  1.000 35.31471 ? 609 HOH A O   1 
HETATM 1370 O O   . HOH C 3 .   ? 16.42082  3.99829   -7.58414  1.000 27.19793 ? 610 HOH A O   1 
HETATM 1371 O O   . HOH C 3 .   ? -8.03011  -13.50036 -6.52274  1.000 35.15729 ? 611 HOH A O   1 
HETATM 1372 O O   . HOH C 3 .   ? -0.37824  -14.70458 0.96746   1.000 26.35331 ? 612 HOH A O   1 
HETATM 1373 O O   . HOH C 3 .   ? -11.45736 -4.78842  12.63336  1.000 29.85955 ? 613 HOH A O   1 
HETATM 1374 O O   . HOH C 3 .   ? -7.05174  8.93282   -10.46852 1.000 22.07079 ? 614 HOH A O   1 
HETATM 1375 O O   . HOH C 3 .   ? -14.95965 13.59674  4.26142   1.000 36.26622 ? 615 HOH A O   1 
HETATM 1376 O O   . HOH C 3 .   ? -1.44615  12.39014  -1.75087  1.000 24.46336 ? 616 HOH A O   1 
HETATM 1377 O O   . HOH C 3 .   ? 3.06368   -6.82019  -12.01591 1.000 31.65666 ? 617 HOH A O   1 
HETATM 1378 O O   . HOH C 3 .   ? 16.11211  10.11155  -1.70533  1.000 43.91912 ? 618 HOH A O   1 
HETATM 1379 O O   . HOH C 3 .   ? 8.61387   -5.87777  -13.50749 1.000 37.60152 ? 619 HOH A O   1 
HETATM 1380 O O   . HOH C 3 .   ? 4.95555   -15.57904 -0.16060  1.000 42.13964 ? 620 HOH A O   1 
HETATM 1381 O O   . HOH C 3 .   ? -0.86850  -9.96110  -16.08730 1.000 29.93695 ? 621 HOH A O   1 
HETATM 1382 O O   . HOH C 3 .   ? 18.13258  6.24013   -0.25945  1.000 37.00072 ? 622 HOH A O   1 
HETATM 1383 O O   . HOH C 3 .   ? -15.98507 10.55238  6.48793   1.000 20.74446 ? 623 HOH A O   1 
HETATM 1384 O O   . HOH C 3 .   ? -18.52083 -4.24464  0.63157   1.000 29.63981 ? 624 HOH A O   1 
HETATM 1385 O O   . HOH C 3 .   ? 5.73210   15.20275  -5.95414  1.000 43.44734 ? 625 HOH A O   1 
HETATM 1386 O O   . HOH C 3 .   ? -16.61609 -2.65680  -8.97322  1.000 42.39149 ? 626 HOH A O   1 
HETATM 1387 O O   . HOH C 3 .   ? -6.18402  14.83476  6.27306   1.000 26.40348 ? 627 HOH A O   1 
HETATM 1388 O O   . HOH C 3 .   ? 11.66830  1.01686   10.25246  1.000 36.38392 ? 628 HOH A O   1 
HETATM 1389 O O   . HOH C 3 .   ? 7.75429   11.38069  -3.95886  1.000 32.59631 ? 629 HOH A O   1 
HETATM 1390 O O   . HOH C 3 .   ? -16.01556 -13.01057 0.70299   1.000 34.00294 ? 630 HOH A O   1 
HETATM 1391 O O   . HOH C 3 .   ? -0.39158  15.42232  -8.81169  1.000 36.65171 ? 631 HOH A O   1 
HETATM 1392 O O   . HOH C 3 .   ? 5.79730   -6.75922  16.81452  1.000 43.01552 ? 632 HOH A O   1 
HETATM 1393 O O   . HOH C 3 .   ? -16.99390 -6.73931  6.67244   1.000 40.69574 ? 633 HOH A O   1 
HETATM 1394 O O   . HOH C 3 .   ? -6.10676  19.81850  -1.04115  1.000 42.07687 ? 634 HOH A O   1 
HETATM 1395 O O   . HOH C 3 .   ? -15.10702 -10.97441 8.25616   1.000 42.95359 ? 635 HOH A O   1 
HETATM 1396 O O   . HOH C 3 .   ? 12.69690  9.24085   4.60831   1.000 35.58814 ? 636 HOH A O   1 
HETATM 1397 O O   . HOH C 3 .   ? 4.61111   -11.45563 6.70196   1.000 27.97723 ? 637 HOH A O   1 
HETATM 1398 O O   . HOH C 3 .   ? -11.66588 -2.45916  13.55431  1.000 37.89545 ? 638 HOH A O   1 
HETATM 1399 O O   . HOH C 3 .   ? -4.91943  -16.44865 -0.76497  1.000 35.78058 ? 639 HOH A O   1 
HETATM 1400 O O   . HOH C 3 .   ? -8.21901  -11.35146 -14.07772 1.000 34.79320 ? 640 HOH A O   1 
HETATM 1401 O O   . HOH C 3 .   ? -7.89306  6.31033   -10.27899 1.000 18.67777 ? 641 HOH A O   1 
HETATM 1402 O O   . HOH C 3 .   ? -12.19328 -14.06186 0.67304   1.000 41.80903 ? 642 HOH A O   1 
HETATM 1403 O O   . HOH C 3 .   ? -18.28384 -1.05767  -8.02883  1.000 40.57443 ? 643 HOH A O   1 
HETATM 1404 O O   . HOH C 3 .   ? -5.19155  -20.23311 6.95821   1.000 36.46674 ? 644 HOH A O   1 
HETATM 1405 O O   . HOH C 3 .   ? 1.83443   -13.82129 4.39834   1.000 28.53905 ? 645 HOH A O   1 
HETATM 1406 O O   . HOH C 3 .   ? 11.84210  -10.48592 -7.49129  1.000 36.09928 ? 646 HOH A O   1 
HETATM 1407 O O   . HOH C 3 .   ? -7.92722  -0.12434  -17.58810 1.000 38.93795 ? 647 HOH A O   1 
HETATM 1408 O O   . HOH C 3 .   ? -12.70068 5.43246   15.28561  1.000 31.91140 ? 648 HOH A O   1 
HETATM 1409 O O   . HOH C 3 .   ? 15.82915  -9.35028  -0.70882  1.000 42.46426 ? 649 HOH A O   1 
HETATM 1410 O O   . HOH C 3 .   ? 14.20889  -10.96533 -2.13093  1.000 34.33827 ? 650 HOH A O   1 
HETATM 1411 O O   . HOH C 3 .   ? -9.24640  -4.63987  -4.34048  1.000 28.47864 ? 651 HOH A O   1 
HETATM 1412 O O   . HOH C 3 .   ? 10.69664  8.78338   11.41842  1.000 40.16086 ? 652 HOH A O   1 
HETATM 1413 O O   . HOH C 3 .   ? 14.25026  -8.91627  3.65053   1.000 40.52860 ? 653 HOH A O   1 
HETATM 1414 O O   . HOH C 3 .   ? 6.10131   14.80260  -21.60006 1.000 29.80038 ? 654 HOH A O   1 
HETATM 1415 O O   . HOH C 3 .   ? 9.70569   -1.97761  -18.90402 1.000 36.11893 ? 655 HOH A O   1 
HETATM 1416 O O   . HOH C 3 .   ? -9.70677  17.88050  -6.59652  1.000 37.52098 ? 656 HOH A O   1 
HETATM 1417 O O   . HOH C 3 .   ? 5.70815   -6.45399  -11.64595 1.000 43.36731 ? 657 HOH A O   1 
HETATM 1418 O O   . HOH C 3 .   ? 9.33712   7.55084   -16.79133 1.000 39.11927 ? 658 HOH A O   1 
HETATM 1419 O O   . HOH C 3 .   ? -18.23935 5.62641   10.60159  1.000 24.83398 ? 659 HOH A O   1 
HETATM 1420 O O   . HOH C 3 .   ? -15.34408 9.26994   -10.44833 1.000 38.21854 ? 660 HOH A O   1 
HETATM 1421 O O   . HOH C 3 .   ? -12.24566 -3.91994  -12.03612 1.000 39.86775 ? 661 HOH A O   1 
HETATM 1422 O O   . HOH C 3 .   ? -19.59248 -6.35568  7.79485   1.000 38.05211 ? 662 HOH A O   1 
HETATM 1423 O O   . HOH C 3 .   ? 11.48652  8.63298   -12.58030 1.000 39.38069 ? 663 HOH A O   1 
HETATM 1424 O O   . HOH C 3 .   ? -9.82649  -14.00782 -10.64154 1.000 40.98930 ? 664 HOH A O   1 
HETATM 1425 O O   . HOH C 3 .   ? 5.78637   -13.62932 7.44706   1.000 35.18127 ? 665 HOH A O   1 
HETATM 1426 O O   . HOH C 3 .   ? 7.65069   -15.04478 0.49333   1.000 41.22658 ? 666 HOH A O   1 
HETATM 1427 O O   . HOH C 3 .   ? -16.28752 0.07008   11.09985  1.000 31.77029 ? 667 HOH A O   1 
HETATM 1428 O O   . HOH C 3 .   ? -10.23122 -5.81099  -11.57820 1.000 36.64955 ? 668 HOH A O   1 
HETATM 1429 O O   . HOH C 3 .   ? 10.65894  2.21375   -18.21326 1.000 35.22508 ? 669 HOH A O   1 
HETATM 1430 O O   . HOH C 3 .   ? 11.47737  9.35854   -10.24170 1.000 38.79940 ? 670 HOH A O   1 
HETATM 1431 O O   . HOH C 3 .   ? -7.85459  -13.73565 -16.78988 1.000 41.12976 ? 671 HOH A O   1 
HETATM 1432 O O   . HOH C 3 .   ? -15.49152 7.82812   12.68582  1.000 24.00196 ? 672 HOH A O   1 
HETATM 1433 O O   . HOH C 3 .   ? -15.64573 13.20953  1.51054   1.000 26.89877 ? 673 HOH A O   1 
HETATM 1434 O O   . HOH C 3 .   ? 16.64438  7.44305   -6.18638  1.000 38.51057 ? 674 HOH A O   1 
HETATM 1435 O O   . HOH C 3 .   ? 1.85060   -6.61607  -14.16384 1.000 40.60846 ? 675 HOH A O   1 
HETATM 1436 O O   . HOH C 3 .   ? -12.23332 9.93995   14.40886  1.000 34.43570 ? 676 HOH A O   1 
HETATM 1437 O O   . HOH C 3 .   ? -6.90907  -4.77614  -14.49070 1.000 34.72398 ? 677 HOH A O   1 
HETATM 1438 O O   . HOH C 3 .   ? -3.65048  -2.27175  16.35976  1.000 34.54914 ? 678 HOH A O   1 
HETATM 1439 O O   . HOH C 3 .   ? 1.93319   -9.69673  -14.69648 1.000 41.48155 ? 679 HOH A O   1 
HETATM 1440 O O   . HOH C 3 .   ? -14.23000 -5.62940  11.97486  1.000 36.97012 ? 680 HOH A O   1 
HETATM 1441 O O   . HOH C 3 .   ? 2.06711   16.62643  -8.44310  1.000 38.56296 ? 681 HOH A O   1 
HETATM 1442 O O   . HOH C 3 .   ? 10.03805  -12.48813 -2.29205  1.000 38.62782 ? 682 HOH A O   1 
HETATM 1443 O O   . HOH C 3 .   ? -13.01132 -4.88706  -7.10185  1.000 28.44971 ? 683 HOH A O   1 
HETATM 1444 O O   . HOH C 3 .   ? -10.10692 -15.58065 -12.52716 1.000 38.45095 ? 684 HOH A O   1 
HETATM 1445 O O   . HOH C 3 .   ? 8.15437   9.65390   -15.59703 1.000 35.95024 ? 685 HOH A O   1 
HETATM 1446 O O   . HOH C 3 .   ? -0.13570  12.53640  7.10386   1.000 42.81411 ? 686 HOH A O   1 
HETATM 1447 O O   . HOH C 3 .   ? 4.11001   -15.08849 6.20857   1.000 42.61022 ? 687 HOH A O   1 
HETATM 1448 O O   . HOH C 3 .   ? -11.88573 1.67973   -14.54895 1.000 29.44827 ? 688 HOH A O   1 
HETATM 1449 O O   . HOH C 3 .   ? -6.28566  17.38326  5.08106   1.000 29.19697 ? 689 HOH A O   1 
HETATM 1450 O O   . HOH C 3 .   ? -14.52619 3.52703   14.74593  1.000 29.69777 ? 690 HOH A O   1 
HETATM 1451 O O   . HOH C 3 .   ? 15.45656  -7.79032  1.70652   1.000 33.19182 ? 691 HOH A O   1 
HETATM 1452 O O   . HOH C 3 .   ? -17.72108 9.05818   8.37748   1.000 25.41517 ? 692 HOH A O   1 
HETATM 1453 O O   . HOH C 3 .   ? -6.98084  -21.00366 8.64659   1.000 36.28511 ? 693 HOH A O   1 
HETATM 1454 O O   . HOH C 3 .   ? 8.59998   11.04043  -18.37478 1.000 36.93273 ? 694 HOH A O   1 
HETATM 1455 O O   . HOH C 3 .   ? -15.59739 -4.73181  -7.95344  1.000 41.16323 ? 695 HOH A O   1 
HETATM 1456 O O   . HOH C 3 .   ? -8.50719  17.99926  6.51369   1.000 46.71614 ? 696 HOH A O   1 
HETATM 1457 O O   . HOH C 3 .   ? -11.36908 12.75729  13.30829  1.000 43.39543 ? 697 HOH A O   1 
HETATM 1458 O O   . HOH C 3 .   ? 17.48822  3.82456   -10.19130 1.000 32.22693 ? 698 HOH A O   1 
HETATM 1459 O O   . HOH C 3 .   ? -15.17288 -8.36503  11.29154  1.000 39.08558 ? 699 HOH A O   1 
HETATM 1460 O O   . HOH C 3 .   ? -11.39992 -0.73771  -16.06794 1.000 30.05976 ? 700 HOH A O   1 
HETATM 1461 O O   . HOH C 3 .   ? 10.25148  10.65974  -13.77111 1.000 40.63894 ? 701 HOH A O   1 
HETATM 1462 O O   . HOH C 3 .   ? -7.34730  -6.87336  -16.14328 1.000 40.80360 ? 702 HOH A O   1 
HETATM 1463 O O   . HOH C 3 .   ? -13.69595 1.10657   16.27813  1.000 35.55313 ? 703 HOH A O   1 
HETATM 1464 O O   . HOH C 3 .   ? 18.83607  6.07728   -10.68121 1.000 42.84823 ? 704 HOH A O   1 
HETATM 1465 O O   . HOH C 3 .   ? 19.47657  1.44844   -10.32611 1.000 38.14907 ? 705 HOH A O   1 
# 
loop_
_pdbx_poly_seq_scheme.asym_id 
_pdbx_poly_seq_scheme.entity_id 
_pdbx_poly_seq_scheme.seq_id 
_pdbx_poly_seq_scheme.mon_id 
_pdbx_poly_seq_scheme.ndb_seq_num 
_pdbx_poly_seq_scheme.pdb_seq_num 
_pdbx_poly_seq_scheme.auth_seq_num 
_pdbx_poly_seq_scheme.pdb_mon_id 
_pdbx_poly_seq_scheme.auth_mon_id 
_pdbx_poly_seq_scheme.pdb_strand_id 
_pdbx_poly_seq_scheme.pdb_ins_code 
_pdbx_poly_seq_scheme.hetero 
A 1 1   GLY 1   -1  ?   ?   ?   A . n 
A 1 2   HIS 2   0   ?   ?   ?   A . n 
A 1 3   MET 3   1   ?   ?   ?   A . n 
A 1 4   VAL 4   2   2   VAL VAL A . n 
A 1 5   ASN 5   3   3   ASN ASN A . n 
A 1 6   PRO 6   4   4   PRO PRO A . n 
A 1 7   THR 7   5   5   THR THR A . n 
A 1 8   VAL 8   6   6   VAL VAL A . n 
A 1 9   PHE 9   7   7   PHE PHE A . n 
A 1 10  PHE 10  8   8   PHE PHE A . n 
A 1 11  ASP 11  9   9   ASP ASP A . n 
A 1 12  ILE 12  10  10  ILE ILE A . n 
A 1 13  ALA 13  11  11  ALA ALA A . n 
A 1 14  VAL 14  12  12  VAL VAL A . n 
A 1 15  ASP 15  13  13  ASP ASP A . n 
A 1 16  GLY 16  14  14  GLY GLY A . n 
A 1 17  GLU 17  15  15  GLU GLU A . n 
A 1 18  PRO 18  16  16  PRO PRO A . n 
A 1 19  LEU 19  17  17  LEU LEU A . n 
A 1 20  GLY 20  18  18  GLY GLY A . n 
A 1 21  ARG 21  19  19  ARG ARG A . n 
A 1 22  VAL 22  20  20  VAL VAL A . n 
A 1 23  SER 23  21  21  SER SER A . n 
A 1 24  PHE 24  22  22  PHE PHE A . n 
A 1 25  GLU 25  23  23  GLU GLU A . n 
A 1 26  LEU 26  24  24  LEU LEU A . n 
A 1 27  PHE 27  25  25  PHE PHE A . n 
A 1 28  ALA 28  26  26  ALA ALA A . n 
A 1 29  ASP 29  27  27  ASP ASP A . n 
A 1 30  LYS 30  28  28  LYS LYS A . n 
A 1 31  VAL 31  29  29  VAL VAL A . n 
A 1 32  PRO 32  30  30  PRO PRO A . n 
A 1 33  LYS 33  31  31  LYS LYS A . n 
A 1 34  THR 34  32  32  THR THR A . n 
A 1 35  ALA 35  33  33  ALA ALA A . n 
A 1 36  GLU 36  34  34  GLU GLU A . n 
A 1 37  ASN 37  35  35  ASN ASN A . n 
A 1 38  PHE 38  36  36  PHE PHE A . n 
A 1 39  ARG 39  37  37  ARG ARG A . n 
A 1 40  ALA 40  38  38  ALA ALA A . n 
A 1 41  LEU 41  39  39  LEU LEU A . n 
A 1 42  SER 42  40  40  SER SER A . n 
A 1 43  THR 43  41  41  THR THR A . n 
A 1 44  GLY 44  42  42  GLY GLY A . n 
A 1 45  GLU 45  43  43  GLU GLU A . n 
A 1 46  LYS 46  44  44  LYS LYS A . n 
A 1 47  GLY 47  45  45  GLY GLY A . n 
A 1 48  PHE 48  46  46  PHE PHE A . n 
A 1 49  GLY 49  47  47  GLY GLY A . n 
A 1 50  TYR 50  48  48  TYR TYR A . n 
A 1 51  LYS 51  49  49  LYS LYS A . n 
A 1 52  GLY 52  50  50  GLY GLY A . n 
A 1 53  SER 53  51  51  SER SER A . n 
A 1 54  CYS 54  52  52  CYS CYS A . n 
A 1 55  PHE 55  53  53  PHE PHE A . n 
A 1 56  HIS 56  54  54  HIS HIS A . n 
A 1 57  ARG 57  55  55  ARG ARG A . n 
A 1 58  ILE 58  56  56  ILE ILE A . n 
A 1 59  ILE 59  57  57  ILE ILE A . n 
A 1 60  PRO 60  58  58  PRO PRO A . n 
A 1 61  GLY 61  59  59  GLY GLY A . n 
A 1 62  PHE 62  60  60  PHE PHE A . n 
A 1 63  MET 63  61  61  MET MET A . n 
A 1 64  CYS 64  62  62  CYS CYS A . n 
A 1 65  GLN 65  63  63  GLN GLN A . n 
A 1 66  GLY 66  64  64  GLY GLY A . n 
A 1 67  GLY 67  65  65  GLY GLY A . n 
A 1 68  ASP 68  66  66  ASP ASP A . n 
A 1 69  PHE 69  67  67  PHE PHE A . n 
A 1 70  THR 70  68  68  THR THR A . n 
A 1 71  ARG 71  69  69  ARG ARG A . n 
A 1 72  HIS 72  70  70  HIS HIS A . n 
A 1 73  ASN 73  71  71  ASN ASN A . n 
A 1 74  GLY 74  72  72  GLY GLY A . n 
A 1 75  THR 75  73  73  THR THR A . n 
A 1 76  GLY 76  74  74  GLY GLY A . n 
A 1 77  GLY 77  75  75  GLY GLY A . n 
A 1 78  LYS 78  76  76  LYS LYS A . n 
A 1 79  SER 79  77  77  SER SER A . n 
A 1 80  ILE 80  78  78  ILE ILE A . n 
A 1 81  TYR 81  79  79  TYR TYR A . n 
A 1 82  GLY 82  80  80  GLY GLY A . n 
A 1 83  GLU 83  81  81  GLU GLU A . n 
A 1 84  LYS 84  82  82  LYS LYS A . n 
A 1 85  PHE 85  83  83  PHE PHE A . n 
A 1 86  GLU 86  84  84  GLU GLU A . n 
A 1 87  ASP 87  85  85  ASP ASP A . n 
A 1 88  GLU 88  86  86  GLU GLU A . n 
A 1 89  ASN 89  87  87  ASN ASN A . n 
A 1 90  PHE 90  88  88  PHE PHE A . n 
A 1 91  ILE 91  89  89  ILE ILE A . n 
A 1 92  LEU 92  90  90  LEU LEU A . n 
A 1 93  LYS 93  91  91  LYS LYS A . n 
A 1 94  HIS 94  92  92  HIS HIS A . n 
A 1 95  THR 95  93  93  THR THR A . n 
A 1 96  GLY 96  94  94  GLY GLY A . n 
A 1 97  PRO 97  95  95  PRO PRO A . n 
A 1 98  GLY 98  96  96  GLY GLY A . n 
A 1 99  ILE 99  97  97  ILE ILE A . n 
A 1 100 LEU 100 98  98  LEU LEU A . n 
A 1 101 SER 101 99  99  SER SER A . n 
A 1 102 MET 102 100 100 MET MET A . n 
A 1 103 ALA 103 101 101 ALA ALA A . n 
A 1 104 ASN 104 102 102 ASN ASN A . n 
A 1 105 ALA 105 103 103 ALA ALA A . n 
A 1 106 GLY 106 104 104 GLY GLY A . n 
A 1 107 PRO 107 105 105 PRO PRO A . n 
A 1 108 ASN 108 106 106 ASN ASN A . n 
A 1 109 THR 109 107 107 THR THR A . n 
A 1 110 ASN 110 108 108 ASN ASN A . n 
A 1 111 GLY 111 109 109 GLY GLY A . n 
A 1 112 SER 112 110 110 SER SER A . n 
A 1 113 GLN 113 111 111 GLN GLN A . n 
A 1 114 PHE 114 112 112 PHE PHE A . n 
A 1 115 PHE 115 113 113 PHE PHE A . n 
A 1 116 ILE 116 114 114 ILE ILE A . n 
A 1 117 CYS 117 115 115 CYS CYS A . n 
A 1 118 THR 118 116 116 THR THR A . n 
A 1 119 ALA 119 117 117 ALA ALA A . n 
A 1 120 LYS 120 118 118 LYS LYS A . n 
A 1 121 THR 121 119 119 THR THR A . n 
A 1 122 GLU 122 120 120 GLU GLU A . n 
A 1 123 TRP 123 121 121 TRP TRP A . n 
A 1 124 LEU 124 122 122 LEU LEU A . n 
A 1 125 ASP 125 123 123 ASP ASP A . n 
A 1 126 GLY 126 124 124 GLY GLY A . n 
A 1 127 LYS 127 125 125 LYS LYS A . n 
A 1 128 HIS 128 126 126 HIS HIS A . n 
A 1 129 VAL 129 127 127 VAL VAL A . n 
A 1 130 VAL 130 128 128 VAL VAL A . n 
A 1 131 PHE 131 129 129 PHE PHE A . n 
A 1 132 GLY 132 130 130 GLY GLY A . n 
A 1 133 LYS 133 131 131 LYS LYS A . n 
A 1 134 VAL 134 132 132 VAL VAL A . n 
A 1 135 LYS 135 133 133 LYS LYS A . n 
A 1 136 GLU 136 134 134 GLU GLU A . n 
A 1 137 GLY 137 135 135 GLY GLY A . n 
A 1 138 MET 138 136 136 MET MET A . n 
A 1 139 ASN 139 137 137 ASN ASN A . n 
A 1 140 ILE 140 138 138 ILE ILE A . n 
A 1 141 VAL 141 139 139 VAL VAL A . n 
A 1 142 GLU 142 140 140 GLU GLU A . n 
A 1 143 ALA 143 141 141 ALA ALA A . n 
A 1 144 MET 144 142 142 MET MET A . n 
A 1 145 GLU 145 143 143 GLU GLU A . n 
A 1 146 ARG 146 144 144 ARG ARG A . n 
A 1 147 PHE 147 145 145 PHE PHE A . n 
A 1 148 GLY 148 146 146 GLY GLY A . n 
A 1 149 SER 149 147 147 SER SER A . n 
A 1 150 ARG 150 148 148 ARG ARG A . n 
A 1 151 ASN 151 149 149 ASN ASN A . n 
A 1 152 GLY 152 150 150 GLY GLY A . n 
A 1 153 LYS 153 151 151 LYS LYS A . n 
A 1 154 THR 154 152 152 THR THR A . n 
A 1 155 SER 155 153 153 SER SER A . n 
A 1 156 LYS 156 154 154 LYS LYS A . n 
A 1 157 LYS 157 155 155 LYS LYS A . n 
A 1 158 ILE 158 156 156 ILE ILE A . n 
A 1 159 THR 159 157 157 THR THR A . n 
A 1 160 ILE 160 158 158 ILE ILE A . n 
A 1 161 ALA 161 159 159 ALA ALA A . n 
A 1 162 ASP 162 160 160 ASP ASP A . n 
A 1 163 CYS 163 161 161 CYS CYS A . n 
A 1 164 GLY 164 162 162 GLY GLY A . n 
A 1 165 GLN 165 163 163 GLN GLN A . n 
A 1 166 LEU 166 164 164 LEU LEU A . n 
A 1 167 GLU 167 165 ?   ?   ?   A . n 
# 
loop_
_pdbx_nonpoly_scheme.asym_id 
_pdbx_nonpoly_scheme.entity_id 
_pdbx_nonpoly_scheme.mon_id 
_pdbx_nonpoly_scheme.ndb_seq_num 
_pdbx_nonpoly_scheme.pdb_seq_num 
_pdbx_nonpoly_scheme.auth_seq_num 
_pdbx_nonpoly_scheme.pdb_mon_id 
_pdbx_nonpoly_scheme.auth_mon_id 
_pdbx_nonpoly_scheme.pdb_strand_id 
_pdbx_nonpoly_scheme.pdb_ins_code 
B 2 UO7 1   400 400 UO7 781 A . 
C 3 HOH 1   501 175 HOH HOH A . 
C 3 HOH 2   502 92  HOH HOH A . 
C 3 HOH 3   503 101 HOH HOH A . 
C 3 HOH 4   504 179 HOH HOH A . 
C 3 HOH 5   505 121 HOH HOH A . 
C 3 HOH 6   506 157 HOH HOH A . 
C 3 HOH 7   507 74  HOH HOH A . 
C 3 HOH 8   508 132 HOH HOH A . 
C 3 HOH 9   509 174 HOH HOH A . 
C 3 HOH 10  510 106 HOH HOH A . 
C 3 HOH 11  511 167 HOH HOH A . 
C 3 HOH 12  512 120 HOH HOH A . 
C 3 HOH 13  513 32  HOH HOH A . 
C 3 HOH 14  514 64  HOH HOH A . 
C 3 HOH 15  515 14  HOH HOH A . 
C 3 HOH 16  516 61  HOH HOH A . 
C 3 HOH 17  517 38  HOH HOH A . 
C 3 HOH 18  518 26  HOH HOH A . 
C 3 HOH 19  519 54  HOH HOH A . 
C 3 HOH 20  520 17  HOH HOH A . 
C 3 HOH 21  521 137 HOH HOH A . 
C 3 HOH 22  522 72  HOH HOH A . 
C 3 HOH 23  523 122 HOH HOH A . 
C 3 HOH 24  524 192 HOH HOH A . 
C 3 HOH 25  525 128 HOH HOH A . 
C 3 HOH 26  526 23  HOH HOH A . 
C 3 HOH 27  527 155 HOH HOH A . 
C 3 HOH 28  528 113 HOH HOH A . 
C 3 HOH 29  529 8   HOH HOH A . 
C 3 HOH 30  530 21  HOH HOH A . 
C 3 HOH 31  531 10  HOH HOH A . 
C 3 HOH 32  532 154 HOH HOH A . 
C 3 HOH 33  533 31  HOH HOH A . 
C 3 HOH 34  534 69  HOH HOH A . 
C 3 HOH 35  535 235 HOH HOH A . 
C 3 HOH 36  536 27  HOH HOH A . 
C 3 HOH 37  537 11  HOH HOH A . 
C 3 HOH 38  538 165 HOH HOH A . 
C 3 HOH 39  539 136 HOH HOH A . 
C 3 HOH 40  540 112 HOH HOH A . 
C 3 HOH 41  541 218 HOH HOH A . 
C 3 HOH 42  542 142 HOH HOH A . 
C 3 HOH 43  543 57  HOH HOH A . 
C 3 HOH 44  544 59  HOH HOH A . 
C 3 HOH 45  545 40  HOH HOH A . 
C 3 HOH 46  546 161 HOH HOH A . 
C 3 HOH 47  547 12  HOH HOH A . 
C 3 HOH 48  548 13  HOH HOH A . 
C 3 HOH 49  549 148 HOH HOH A . 
C 3 HOH 50  550 39  HOH HOH A . 
C 3 HOH 51  551 222 HOH HOH A . 
C 3 HOH 52  552 5   HOH HOH A . 
C 3 HOH 53  553 33  HOH HOH A . 
C 3 HOH 54  554 76  HOH HOH A . 
C 3 HOH 55  555 81  HOH HOH A . 
C 3 HOH 56  556 63  HOH HOH A . 
C 3 HOH 57  557 127 HOH HOH A . 
C 3 HOH 58  558 104 HOH HOH A . 
C 3 HOH 59  559 143 HOH HOH A . 
C 3 HOH 60  560 7   HOH HOH A . 
C 3 HOH 61  561 107 HOH HOH A . 
C 3 HOH 62  562 34  HOH HOH A . 
C 3 HOH 63  563 115 HOH HOH A . 
C 3 HOH 64  564 22  HOH HOH A . 
C 3 HOH 65  565 29  HOH HOH A . 
C 3 HOH 66  566 6   HOH HOH A . 
C 3 HOH 67  567 42  HOH HOH A . 
C 3 HOH 68  568 18  HOH HOH A . 
C 3 HOH 69  569 35  HOH HOH A . 
C 3 HOH 70  570 139 HOH HOH A . 
C 3 HOH 71  571 47  HOH HOH A . 
C 3 HOH 72  572 221 HOH HOH A . 
C 3 HOH 73  573 50  HOH HOH A . 
C 3 HOH 74  574 110 HOH HOH A . 
C 3 HOH 75  575 206 HOH HOH A . 
C 3 HOH 76  576 48  HOH HOH A . 
C 3 HOH 77  577 140 HOH HOH A . 
C 3 HOH 78  578 55  HOH HOH A . 
C 3 HOH 79  579 71  HOH HOH A . 
C 3 HOH 80  580 4   HOH HOH A . 
C 3 HOH 81  581 62  HOH HOH A . 
C 3 HOH 82  582 44  HOH HOH A . 
C 3 HOH 83  583 89  HOH HOH A . 
C 3 HOH 84  584 1   HOH HOH A . 
C 3 HOH 85  585 52  HOH HOH A . 
C 3 HOH 86  586 111 HOH HOH A . 
C 3 HOH 87  587 25  HOH HOH A . 
C 3 HOH 88  588 49  HOH HOH A . 
C 3 HOH 89  589 114 HOH HOH A . 
C 3 HOH 90  590 153 HOH HOH A . 
C 3 HOH 91  591 82  HOH HOH A . 
C 3 HOH 92  592 36  HOH HOH A . 
C 3 HOH 93  593 30  HOH HOH A . 
C 3 HOH 94  594 100 HOH HOH A . 
C 3 HOH 95  595 119 HOH HOH A . 
C 3 HOH 96  596 80  HOH HOH A . 
C 3 HOH 97  597 24  HOH HOH A . 
C 3 HOH 98  598 3   HOH HOH A . 
C 3 HOH 99  599 68  HOH HOH A . 
C 3 HOH 100 600 67  HOH HOH A . 
C 3 HOH 101 601 37  HOH HOH A . 
C 3 HOH 102 602 213 HOH HOH A . 
C 3 HOH 103 603 15  HOH HOH A . 
C 3 HOH 104 604 9   HOH HOH A . 
C 3 HOH 105 605 2   HOH HOH A . 
C 3 HOH 106 606 126 HOH HOH A . 
C 3 HOH 107 607 20  HOH HOH A . 
C 3 HOH 108 608 65  HOH HOH A . 
C 3 HOH 109 609 229 HOH HOH A . 
C 3 HOH 110 610 53  HOH HOH A . 
C 3 HOH 111 611 219 HOH HOH A . 
C 3 HOH 112 612 45  HOH HOH A . 
C 3 HOH 113 613 84  HOH HOH A . 
C 3 HOH 114 614 19  HOH HOH A . 
C 3 HOH 115 615 203 HOH HOH A . 
C 3 HOH 116 616 41  HOH HOH A . 
C 3 HOH 117 617 95  HOH HOH A . 
C 3 HOH 118 618 195 HOH HOH A . 
C 3 HOH 119 619 189 HOH HOH A . 
C 3 HOH 120 620 168 HOH HOH A . 
C 3 HOH 121 621 79  HOH HOH A . 
C 3 HOH 122 622 152 HOH HOH A . 
C 3 HOH 123 623 28  HOH HOH A . 
C 3 HOH 124 624 66  HOH HOH A . 
C 3 HOH 125 625 265 HOH HOH A . 
C 3 HOH 126 626 96  HOH HOH A . 
C 3 HOH 127 627 51  HOH HOH A . 
C 3 HOH 128 628 145 HOH HOH A . 
C 3 HOH 129 629 109 HOH HOH A . 
C 3 HOH 130 630 105 HOH HOH A . 
C 3 HOH 131 631 94  HOH HOH A . 
C 3 HOH 132 632 194 HOH HOH A . 
C 3 HOH 133 633 83  HOH HOH A . 
C 3 HOH 134 634 275 HOH HOH A . 
C 3 HOH 135 635 232 HOH HOH A . 
C 3 HOH 136 636 124 HOH HOH A . 
C 3 HOH 137 637 78  HOH HOH A . 
C 3 HOH 138 638 230 HOH HOH A . 
C 3 HOH 139 639 151 HOH HOH A . 
C 3 HOH 140 640 162 HOH HOH A . 
C 3 HOH 141 641 16  HOH HOH A . 
C 3 HOH 142 642 181 HOH HOH A . 
C 3 HOH 143 643 156 HOH HOH A . 
C 3 HOH 144 644 70  HOH HOH A . 
C 3 HOH 145 645 88  HOH HOH A . 
C 3 HOH 146 646 173 HOH HOH A . 
C 3 HOH 147 647 176 HOH HOH A . 
C 3 HOH 148 648 99  HOH HOH A . 
C 3 HOH 149 649 123 HOH HOH A . 
C 3 HOH 150 650 73  HOH HOH A . 
C 3 HOH 151 651 130 HOH HOH A . 
C 3 HOH 152 652 216 HOH HOH A . 
C 3 HOH 153 653 237 HOH HOH A . 
C 3 HOH 154 654 86  HOH HOH A . 
C 3 HOH 155 655 177 HOH HOH A . 
C 3 HOH 156 656 197 HOH HOH A . 
C 3 HOH 157 657 170 HOH HOH A . 
C 3 HOH 158 658 223 HOH HOH A . 
C 3 HOH 159 659 77  HOH HOH A . 
C 3 HOH 160 660 169 HOH HOH A . 
C 3 HOH 161 661 214 HOH HOH A . 
C 3 HOH 162 662 185 HOH HOH A . 
C 3 HOH 163 663 209 HOH HOH A . 
C 3 HOH 164 664 267 HOH HOH A . 
C 3 HOH 165 665 184 HOH HOH A . 
C 3 HOH 166 666 171 HOH HOH A . 
C 3 HOH 167 667 261 HOH HOH A . 
C 3 HOH 168 668 102 HOH HOH A . 
C 3 HOH 169 669 149 HOH HOH A . 
C 3 HOH 170 670 146 HOH HOH A . 
C 3 HOH 171 671 234 HOH HOH A . 
C 3 HOH 172 672 43  HOH HOH A . 
C 3 HOH 173 673 46  HOH HOH A . 
C 3 HOH 174 674 260 HOH HOH A . 
C 3 HOH 175 675 172 HOH HOH A . 
C 3 HOH 176 676 131 HOH HOH A . 
C 3 HOH 177 677 116 HOH HOH A . 
C 3 HOH 178 678 103 HOH HOH A . 
C 3 HOH 179 679 259 HOH HOH A . 
C 3 HOH 180 680 118 HOH HOH A . 
C 3 HOH 181 681 198 HOH HOH A . 
C 3 HOH 182 682 164 HOH HOH A . 
C 3 HOH 183 683 85  HOH HOH A . 
C 3 HOH 184 684 125 HOH HOH A . 
C 3 HOH 185 685 75  HOH HOH A . 
C 3 HOH 186 686 251 HOH HOH A . 
C 3 HOH 187 687 212 HOH HOH A . 
C 3 HOH 188 688 58  HOH HOH A . 
C 3 HOH 189 689 97  HOH HOH A . 
C 3 HOH 190 690 98  HOH HOH A . 
C 3 HOH 191 691 60  HOH HOH A . 
C 3 HOH 192 692 150 HOH HOH A . 
C 3 HOH 193 693 263 HOH HOH A . 
C 3 HOH 194 694 117 HOH HOH A . 
C 3 HOH 195 695 190 HOH HOH A . 
C 3 HOH 196 696 245 HOH HOH A . 
C 3 HOH 197 697 200 HOH HOH A . 
C 3 HOH 198 698 183 HOH HOH A . 
C 3 HOH 199 699 87  HOH HOH A . 
C 3 HOH 200 700 56  HOH HOH A . 
C 3 HOH 201 701 241 HOH HOH A . 
C 3 HOH 202 702 202 HOH HOH A . 
C 3 HOH 203 703 188 HOH HOH A . 
C 3 HOH 204 704 231 HOH HOH A . 
C 3 HOH 205 705 262 HOH HOH A . 
# 
_pdbx_struct_assembly.id                   1 
_pdbx_struct_assembly.details              author_and_software_defined_assembly 
_pdbx_struct_assembly.method_details       PISA 
_pdbx_struct_assembly.oligomeric_details   monomeric 
_pdbx_struct_assembly.oligomeric_count     1 
# 
_pdbx_struct_assembly_gen.assembly_id       1 
_pdbx_struct_assembly_gen.oper_expression   1 
_pdbx_struct_assembly_gen.asym_id_list      A,B,C 
# 
loop_
_pdbx_struct_assembly_prop.biol_id 
_pdbx_struct_assembly_prop.type 
_pdbx_struct_assembly_prop.value 
_pdbx_struct_assembly_prop.details 
1 'ABSA (A^2)' 0    ? 
1 MORE         0    ? 
1 'SSA (A^2)'  7080 ? 
# 
_pdbx_struct_oper_list.id                   1 
_pdbx_struct_oper_list.type                 'identity operation' 
_pdbx_struct_oper_list.name                 1_555 
_pdbx_struct_oper_list.symmetry_operation   x,y,z 
_pdbx_struct_oper_list.matrix[1][1]         1.0000000000 
_pdbx_struct_oper_list.matrix[1][2]         0.0000000000 
_pdbx_struct_oper_list.matrix[1][3]         0.0000000000 
_pdbx_struct_oper_list.vector[1]            0.0000000000 
_pdbx_struct_oper_list.matrix[2][1]         0.0000000000 
_pdbx_struct_oper_list.matrix[2][2]         1.0000000000 
_pdbx_struct_oper_list.matrix[2][3]         0.0000000000 
_pdbx_struct_oper_list.vector[2]            0.0000000000 
_pdbx_struct_oper_list.matrix[3][1]         0.0000000000 
_pdbx_struct_oper_list.matrix[3][2]         0.0000000000 
_pdbx_struct_oper_list.matrix[3][3]         1.0000000000 
_pdbx_struct_oper_list.vector[3]            0.0000000000 
# 
loop_
_pdbx_audit_revision_history.ordinal 
_pdbx_audit_revision_history.data_content_type 
_pdbx_audit_revision_history.major_revision 
_pdbx_audit_revision_history.minor_revision 
_pdbx_audit_revision_history.revision_date 
1 'Structure model' 1 0 2020-06-24 
2 'Structure model' 1 1 2020-07-01 
3 'Structure model' 1 2 2020-08-26 
4 'Structure model' 1 3 2023-10-18 
# 
_pdbx_audit_revision_details.ordinal             1 
_pdbx_audit_revision_details.revision_ordinal    1 
_pdbx_audit_revision_details.data_content_type   'Structure model' 
_pdbx_audit_revision_details.provider            repository 
_pdbx_audit_revision_details.type                'Initial release' 
_pdbx_audit_revision_details.description         ? 
_pdbx_audit_revision_details.details             ? 
# 
loop_
_pdbx_audit_revision_group.ordinal 
_pdbx_audit_revision_group.revision_ordinal 
_pdbx_audit_revision_group.data_content_type 
_pdbx_audit_revision_group.group 
1 2 'Structure model' 'Database references'    
2 3 'Structure model' 'Database references'    
3 4 'Structure model' 'Data collection'        
4 4 'Structure model' 'Database references'    
5 4 'Structure model' 'Refinement description' 
# 
loop_
_pdbx_audit_revision_category.ordinal 
_pdbx_audit_revision_category.revision_ordinal 
_pdbx_audit_revision_category.data_content_type 
_pdbx_audit_revision_category.category 
1 2 'Structure model' citation                      
2 3 'Structure model' citation                      
3 3 'Structure model' citation_author               
4 4 'Structure model' chem_comp_atom                
5 4 'Structure model' chem_comp_bond                
6 4 'Structure model' database_2                    
7 4 'Structure model' pdbx_initial_refinement_model 
# 
loop_
_pdbx_audit_revision_item.ordinal 
_pdbx_audit_revision_item.revision_ordinal 
_pdbx_audit_revision_item.data_content_type 
_pdbx_audit_revision_item.item 
1  2 'Structure model' '_citation.country'                   
2  2 'Structure model' '_citation.journal_abbrev'            
3  2 'Structure model' '_citation.journal_id_CSD'            
4  2 'Structure model' '_citation.journal_id_ISSN'           
5  2 'Structure model' '_citation.pdbx_database_id_DOI'      
6  2 'Structure model' '_citation.pdbx_database_id_PubMed'   
7  2 'Structure model' '_citation.title'                     
8  2 'Structure model' '_citation.year'                      
9  3 'Structure model' '_citation.journal_volume'            
10 3 'Structure model' '_citation.page_first'                
11 3 'Structure model' '_citation.page_last'                 
12 3 'Structure model' '_citation_author.identifier_ORCID'   
13 3 'Structure model' '_citation_author.name'               
14 4 'Structure model' '_database_2.pdbx_DOI'                
15 4 'Structure model' '_database_2.pdbx_database_accession' 
# 
loop_
_space_group_symop.id 
_space_group_symop.operation_xyz 
1 x,y,z           
2 x+1/2,-y+1/2,-z 
3 -x,y+1/2,-z+1/2 
4 -x+1/2,-y,z+1/2 
# 
loop_
_software.citation_id 
_software.classification 
_software.compiler_name 
_software.compiler_version 
_software.contact_author 
_software.contact_author_email 
_software.date 
_software.description 
_software.dependencies 
_software.hardware 
_software.language 
_software.location 
_software.mods 
_software.name 
_software.os 
_software.os_version 
_software.type 
_software.version 
_software.pdbx_ordinal 
? refinement       ? ? ? ? ? ? ? ? ? ? ? PHENIX    ? ? ? 1.17.1_3660 1 
? refinement       ? ? ? ? ? ? ? ? ? ? ? PHENIX    ? ? ? 1.17.1_3660 2 
? 'data reduction' ? ? ? ? ? ? ? ? ? ? ? HKL-2000  ? ? ? .           3 
? 'data scaling'   ? ? ? ? ? ? ? ? ? ? ? SCALEPACK ? ? ? .           4 
? phasing          ? ? ? ? ? ? ? ? ? ? ? PHASER    ? ? ? .           5 
# 
_pdbx_entry_details.entry_id                 6X4O 
_pdbx_entry_details.has_ligand_of_interest   Y 
_pdbx_entry_details.compound_details         ? 
_pdbx_entry_details.source_details           ? 
_pdbx_entry_details.nonpolymer_details       ? 
_pdbx_entry_details.sequence_details         ? 
# 
loop_
_pdbx_validate_torsion.id 
_pdbx_validate_torsion.PDB_model_num 
_pdbx_validate_torsion.auth_comp_id 
_pdbx_validate_torsion.auth_asym_id 
_pdbx_validate_torsion.auth_seq_id 
_pdbx_validate_torsion.PDB_ins_code 
_pdbx_validate_torsion.label_alt_id 
_pdbx_validate_torsion.phi 
_pdbx_validate_torsion.psi 
1 1 PHE A 60  ? ? -146.60 -81.17 
2 1 HIS A 70  ? ? 59.47   17.75  
3 1 LYS A 133 ? ? -98.19  -68.97 
# 
_pdbx_validate_chiral.id              1 
_pdbx_validate_chiral.PDB_model_num   1 
_pdbx_validate_chiral.auth_atom_id    N03 
_pdbx_validate_chiral.label_alt_id    ? 
_pdbx_validate_chiral.auth_asym_id    A 
_pdbx_validate_chiral.auth_comp_id    UO7 
_pdbx_validate_chiral.auth_seq_id     400 
_pdbx_validate_chiral.PDB_ins_code    ? 
_pdbx_validate_chiral.details         PLANAR 
_pdbx_validate_chiral.omega           . 
# 
loop_
_pdbx_distant_solvent_atoms.id 
_pdbx_distant_solvent_atoms.PDB_model_num 
_pdbx_distant_solvent_atoms.auth_atom_id 
_pdbx_distant_solvent_atoms.label_alt_id 
_pdbx_distant_solvent_atoms.auth_asym_id 
_pdbx_distant_solvent_atoms.auth_comp_id 
_pdbx_distant_solvent_atoms.auth_seq_id 
_pdbx_distant_solvent_atoms.PDB_ins_code 
_pdbx_distant_solvent_atoms.neighbor_macromolecule_distance 
_pdbx_distant_solvent_atoms.neighbor_ligand_distance 
1 1 O ? A HOH 704 ? 6.32 . 
2 1 O ? A HOH 705 ? 7.14 . 
# 
loop_
_pdbx_unobs_or_zero_occ_atoms.id 
_pdbx_unobs_or_zero_occ_atoms.PDB_model_num 
_pdbx_unobs_or_zero_occ_atoms.polymer_flag 
_pdbx_unobs_or_zero_occ_atoms.occupancy_flag 
_pdbx_unobs_or_zero_occ_atoms.auth_asym_id 
_pdbx_unobs_or_zero_occ_atoms.auth_comp_id 
_pdbx_unobs_or_zero_occ_atoms.auth_seq_id 
_pdbx_unobs_or_zero_occ_atoms.PDB_ins_code 
_pdbx_unobs_or_zero_occ_atoms.auth_atom_id 
_pdbx_unobs_or_zero_occ_atoms.label_alt_id 
_pdbx_unobs_or_zero_occ_atoms.label_asym_id 
_pdbx_unobs_or_zero_occ_atoms.label_comp_id 
_pdbx_unobs_or_zero_occ_atoms.label_seq_id 
_pdbx_unobs_or_zero_occ_atoms.label_atom_id 
1  1 Y 1 A GLU 15  ? CG  ? A GLU 17  CG  
2  1 Y 1 A GLU 15  ? CD  ? A GLU 17  CD  
3  1 Y 1 A GLU 15  ? OE1 ? A GLU 17  OE1 
4  1 Y 1 A GLU 15  ? OE2 ? A GLU 17  OE2 
5  1 Y 1 A GLU 81  ? CG  ? A GLU 83  CG  
6  1 Y 1 A GLU 81  ? CD  ? A GLU 83  CD  
7  1 Y 1 A GLU 81  ? OE1 ? A GLU 83  OE1 
8  1 Y 1 A GLU 81  ? OE2 ? A GLU 83  OE2 
9  1 Y 1 A LYS 82  ? CE  ? A LYS 84  CE  
10 1 Y 1 A LYS 82  ? NZ  ? A LYS 84  NZ  
11 1 Y 1 A LYS 131 ? CE  ? A LYS 133 CE  
12 1 Y 1 A LYS 131 ? NZ  ? A LYS 133 NZ  
13 1 Y 1 A LYS 133 ? CD  ? A LYS 135 CD  
14 1 Y 1 A LYS 133 ? CE  ? A LYS 135 CE  
15 1 Y 1 A LYS 133 ? NZ  ? A LYS 135 NZ  
16 1 Y 1 A ARG 144 ? NE  ? A ARG 146 NE  
17 1 Y 1 A ARG 144 ? CZ  ? A ARG 146 CZ  
18 1 Y 1 A ARG 144 ? NH1 ? A ARG 146 NH1 
19 1 Y 1 A ARG 144 ? NH2 ? A ARG 146 NH2 
20 1 Y 1 A LYS 151 ? CD  ? A LYS 153 CD  
21 1 Y 1 A LYS 151 ? CE  ? A LYS 153 CE  
22 1 Y 1 A LYS 151 ? NZ  ? A LYS 153 NZ  
23 1 Y 1 A LYS 154 ? CE  ? A LYS 156 CE  
24 1 Y 1 A LYS 154 ? NZ  ? A LYS 156 NZ  
25 1 Y 1 A LYS 155 ? CE  ? A LYS 157 CE  
26 1 Y 1 A LYS 155 ? NZ  ? A LYS 157 NZ  
# 
loop_
_pdbx_unobs_or_zero_occ_residues.id 
_pdbx_unobs_or_zero_occ_residues.PDB_model_num 
_pdbx_unobs_or_zero_occ_residues.polymer_flag 
_pdbx_unobs_or_zero_occ_residues.occupancy_flag 
_pdbx_unobs_or_zero_occ_residues.auth_asym_id 
_pdbx_unobs_or_zero_occ_residues.auth_comp_id 
_pdbx_unobs_or_zero_occ_residues.auth_seq_id 
_pdbx_unobs_or_zero_occ_residues.PDB_ins_code 
_pdbx_unobs_or_zero_occ_residues.label_asym_id 
_pdbx_unobs_or_zero_occ_residues.label_comp_id 
_pdbx_unobs_or_zero_occ_residues.label_seq_id 
1 1 Y 1 A GLY -1  ? A GLY 1   
2 1 Y 1 A HIS 0   ? A HIS 2   
3 1 Y 1 A MET 1   ? A MET 3   
4 1 Y 1 A GLU 165 ? A GLU 167 
# 
loop_
_chem_comp_atom.comp_id 
_chem_comp_atom.atom_id 
_chem_comp_atom.type_symbol 
_chem_comp_atom.pdbx_aromatic_flag 
_chem_comp_atom.pdbx_stereo_config 
_chem_comp_atom.pdbx_ordinal 
ALA N    N N N 1   
ALA CA   C N S 2   
ALA C    C N N 3   
ALA O    O N N 4   
ALA CB   C N N 5   
ALA OXT  O N N 6   
ALA H    H N N 7   
ALA H2   H N N 8   
ALA HA   H N N 9   
ALA HB1  H N N 10  
ALA HB2  H N N 11  
ALA HB3  H N N 12  
ALA HXT  H N N 13  
ARG N    N N N 14  
ARG CA   C N S 15  
ARG C    C N N 16  
ARG O    O N N 17  
ARG CB   C N N 18  
ARG CG   C N N 19  
ARG CD   C N N 20  
ARG NE   N N N 21  
ARG CZ   C N N 22  
ARG NH1  N N N 23  
ARG NH2  N N N 24  
ARG OXT  O N N 25  
ARG H    H N N 26  
ARG H2   H N N 27  
ARG HA   H N N 28  
ARG HB2  H N N 29  
ARG HB3  H N N 30  
ARG HG2  H N N 31  
ARG HG3  H N N 32  
ARG HD2  H N N 33  
ARG HD3  H N N 34  
ARG HE   H N N 35  
ARG HH11 H N N 36  
ARG HH12 H N N 37  
ARG HH21 H N N 38  
ARG HH22 H N N 39  
ARG HXT  H N N 40  
ASN N    N N N 41  
ASN CA   C N S 42  
ASN C    C N N 43  
ASN O    O N N 44  
ASN CB   C N N 45  
ASN CG   C N N 46  
ASN OD1  O N N 47  
ASN ND2  N N N 48  
ASN OXT  O N N 49  
ASN H    H N N 50  
ASN H2   H N N 51  
ASN HA   H N N 52  
ASN HB2  H N N 53  
ASN HB3  H N N 54  
ASN HD21 H N N 55  
ASN HD22 H N N 56  
ASN HXT  H N N 57  
ASP N    N N N 58  
ASP CA   C N S 59  
ASP C    C N N 60  
ASP O    O N N 61  
ASP CB   C N N 62  
ASP CG   C N N 63  
ASP OD1  O N N 64  
ASP OD2  O N N 65  
ASP OXT  O N N 66  
ASP H    H N N 67  
ASP H2   H N N 68  
ASP HA   H N N 69  
ASP HB2  H N N 70  
ASP HB3  H N N 71  
ASP HD2  H N N 72  
ASP HXT  H N N 73  
CYS N    N N N 74  
CYS CA   C N R 75  
CYS C    C N N 76  
CYS O    O N N 77  
CYS CB   C N N 78  
CYS SG   S N N 79  
CYS OXT  O N N 80  
CYS H    H N N 81  
CYS H2   H N N 82  
CYS HA   H N N 83  
CYS HB2  H N N 84  
CYS HB3  H N N 85  
CYS HG   H N N 86  
CYS HXT  H N N 87  
GLN N    N N N 88  
GLN CA   C N S 89  
GLN C    C N N 90  
GLN O    O N N 91  
GLN CB   C N N 92  
GLN CG   C N N 93  
GLN CD   C N N 94  
GLN OE1  O N N 95  
GLN NE2  N N N 96  
GLN OXT  O N N 97  
GLN H    H N N 98  
GLN H2   H N N 99  
GLN HA   H N N 100 
GLN HB2  H N N 101 
GLN HB3  H N N 102 
GLN HG2  H N N 103 
GLN HG3  H N N 104 
GLN HE21 H N N 105 
GLN HE22 H N N 106 
GLN HXT  H N N 107 
GLU N    N N N 108 
GLU CA   C N S 109 
GLU C    C N N 110 
GLU O    O N N 111 
GLU CB   C N N 112 
GLU CG   C N N 113 
GLU CD   C N N 114 
GLU OE1  O N N 115 
GLU OE2  O N N 116 
GLU OXT  O N N 117 
GLU H    H N N 118 
GLU H2   H N N 119 
GLU HA   H N N 120 
GLU HB2  H N N 121 
GLU HB3  H N N 122 
GLU HG2  H N N 123 
GLU HG3  H N N 124 
GLU HE2  H N N 125 
GLU HXT  H N N 126 
GLY N    N N N 127 
GLY CA   C N N 128 
GLY C    C N N 129 
GLY O    O N N 130 
GLY OXT  O N N 131 
GLY H    H N N 132 
GLY H2   H N N 133 
GLY HA2  H N N 134 
GLY HA3  H N N 135 
GLY HXT  H N N 136 
HIS N    N N N 137 
HIS CA   C N S 138 
HIS C    C N N 139 
HIS O    O N N 140 
HIS CB   C N N 141 
HIS CG   C Y N 142 
HIS ND1  N Y N 143 
HIS CD2  C Y N 144 
HIS CE1  C Y N 145 
HIS NE2  N Y N 146 
HIS OXT  O N N 147 
HIS H    H N N 148 
HIS H2   H N N 149 
HIS HA   H N N 150 
HIS HB2  H N N 151 
HIS HB3  H N N 152 
HIS HD1  H N N 153 
HIS HD2  H N N 154 
HIS HE1  H N N 155 
HIS HE2  H N N 156 
HIS HXT  H N N 157 
HOH O    O N N 158 
HOH H1   H N N 159 
HOH H2   H N N 160 
ILE N    N N N 161 
ILE CA   C N S 162 
ILE C    C N N 163 
ILE O    O N N 164 
ILE CB   C N S 165 
ILE CG1  C N N 166 
ILE CG2  C N N 167 
ILE CD1  C N N 168 
ILE OXT  O N N 169 
ILE H    H N N 170 
ILE H2   H N N 171 
ILE HA   H N N 172 
ILE HB   H N N 173 
ILE HG12 H N N 174 
ILE HG13 H N N 175 
ILE HG21 H N N 176 
ILE HG22 H N N 177 
ILE HG23 H N N 178 
ILE HD11 H N N 179 
ILE HD12 H N N 180 
ILE HD13 H N N 181 
ILE HXT  H N N 182 
LEU N    N N N 183 
LEU CA   C N S 184 
LEU C    C N N 185 
LEU O    O N N 186 
LEU CB   C N N 187 
LEU CG   C N N 188 
LEU CD1  C N N 189 
LEU CD2  C N N 190 
LEU OXT  O N N 191 
LEU H    H N N 192 
LEU H2   H N N 193 
LEU HA   H N N 194 
LEU HB2  H N N 195 
LEU HB3  H N N 196 
LEU HG   H N N 197 
LEU HD11 H N N 198 
LEU HD12 H N N 199 
LEU HD13 H N N 200 
LEU HD21 H N N 201 
LEU HD22 H N N 202 
LEU HD23 H N N 203 
LEU HXT  H N N 204 
LYS N    N N N 205 
LYS CA   C N S 206 
LYS C    C N N 207 
LYS O    O N N 208 
LYS CB   C N N 209 
LYS CG   C N N 210 
LYS CD   C N N 211 
LYS CE   C N N 212 
LYS NZ   N N N 213 
LYS OXT  O N N 214 
LYS H    H N N 215 
LYS H2   H N N 216 
LYS HA   H N N 217 
LYS HB2  H N N 218 
LYS HB3  H N N 219 
LYS HG2  H N N 220 
LYS HG3  H N N 221 
LYS HD2  H N N 222 
LYS HD3  H N N 223 
LYS HE2  H N N 224 
LYS HE3  H N N 225 
LYS HZ1  H N N 226 
LYS HZ2  H N N 227 
LYS HZ3  H N N 228 
LYS HXT  H N N 229 
MET N    N N N 230 
MET CA   C N S 231 
MET C    C N N 232 
MET O    O N N 233 
MET CB   C N N 234 
MET CG   C N N 235 
MET SD   S N N 236 
MET CE   C N N 237 
MET OXT  O N N 238 
MET H    H N N 239 
MET H2   H N N 240 
MET HA   H N N 241 
MET HB2  H N N 242 
MET HB3  H N N 243 
MET HG2  H N N 244 
MET HG3  H N N 245 
MET HE1  H N N 246 
MET HE2  H N N 247 
MET HE3  H N N 248 
MET HXT  H N N 249 
PHE N    N N N 250 
PHE CA   C N S 251 
PHE C    C N N 252 
PHE O    O N N 253 
PHE CB   C N N 254 
PHE CG   C Y N 255 
PHE CD1  C Y N 256 
PHE CD2  C Y N 257 
PHE CE1  C Y N 258 
PHE CE2  C Y N 259 
PHE CZ   C Y N 260 
PHE OXT  O N N 261 
PHE H    H N N 262 
PHE H2   H N N 263 
PHE HA   H N N 264 
PHE HB2  H N N 265 
PHE HB3  H N N 266 
PHE HD1  H N N 267 
PHE HD2  H N N 268 
PHE HE1  H N N 269 
PHE HE2  H N N 270 
PHE HZ   H N N 271 
PHE HXT  H N N 272 
PRO N    N N N 273 
PRO CA   C N S 274 
PRO C    C N N 275 
PRO O    O N N 276 
PRO CB   C N N 277 
PRO CG   C N N 278 
PRO CD   C N N 279 
PRO OXT  O N N 280 
PRO H    H N N 281 
PRO HA   H N N 282 
PRO HB2  H N N 283 
PRO HB3  H N N 284 
PRO HG2  H N N 285 
PRO HG3  H N N 286 
PRO HD2  H N N 287 
PRO HD3  H N N 288 
PRO HXT  H N N 289 
SER N    N N N 290 
SER CA   C N S 291 
SER C    C N N 292 
SER O    O N N 293 
SER CB   C N N 294 
SER OG   O N N 295 
SER OXT  O N N 296 
SER H    H N N 297 
SER H2   H N N 298 
SER HA   H N N 299 
SER HB2  H N N 300 
SER HB3  H N N 301 
SER HG   H N N 302 
SER HXT  H N N 303 
THR N    N N N 304 
THR CA   C N S 305 
THR C    C N N 306 
THR O    O N N 307 
THR CB   C N R 308 
THR OG1  O N N 309 
THR CG2  C N N 310 
THR OXT  O N N 311 
THR H    H N N 312 
THR H2   H N N 313 
THR HA   H N N 314 
THR HB   H N N 315 
THR HG1  H N N 316 
THR HG21 H N N 317 
THR HG22 H N N 318 
THR HG23 H N N 319 
THR HXT  H N N 320 
TRP N    N N N 321 
TRP CA   C N S 322 
TRP C    C N N 323 
TRP O    O N N 324 
TRP CB   C N N 325 
TRP CG   C Y N 326 
TRP CD1  C Y N 327 
TRP CD2  C Y N 328 
TRP NE1  N Y N 329 
TRP CE2  C Y N 330 
TRP CE3  C Y N 331 
TRP CZ2  C Y N 332 
TRP CZ3  C Y N 333 
TRP CH2  C Y N 334 
TRP OXT  O N N 335 
TRP H    H N N 336 
TRP H2   H N N 337 
TRP HA   H N N 338 
TRP HB2  H N N 339 
TRP HB3  H N N 340 
TRP HD1  H N N 341 
TRP HE1  H N N 342 
TRP HE3  H N N 343 
TRP HZ2  H N N 344 
TRP HZ3  H N N 345 
TRP HH2  H N N 346 
TRP HXT  H N N 347 
TYR N    N N N 348 
TYR CA   C N S 349 
TYR C    C N N 350 
TYR O    O N N 351 
TYR CB   C N N 352 
TYR CG   C Y N 353 
TYR CD1  C Y N 354 
TYR CD2  C Y N 355 
TYR CE1  C Y N 356 
TYR CE2  C Y N 357 
TYR CZ   C Y N 358 
TYR OH   O N N 359 
TYR OXT  O N N 360 
TYR H    H N N 361 
TYR H2   H N N 362 
TYR HA   H N N 363 
TYR HB2  H N N 364 
TYR HB3  H N N 365 
TYR HD1  H N N 366 
TYR HD2  H N N 367 
TYR HE1  H N N 368 
TYR HE2  H N N 369 
TYR HH   H N N 370 
TYR HXT  H N N 371 
UO7 C12  C N N 372 
UO7 C11  C N N 373 
UO7 C01  C N N 374 
UO7 C02  C N N 375 
UO7 C05  C N S 376 
UO7 C06  C N N 377 
UO7 C07  C N N 378 
UO7 C08  C N S 379 
UO7 C13  C N S 380 
UO7 C14  C N N 381 
UO7 C16  C N N 382 
UO7 C17  C N N 383 
UO7 C19  C N N 384 
UO7 C21  C N N 385 
UO7 C23  C Y N 386 
UO7 C24  C Y N 387 
UO7 C25  C Y N 388 
UO7 C26  C N R 389 
UO7 C27  C Y N 390 
UO7 C28  C Y N 391 
UO7 C29  C Y N 392 
UO7 C31  C N N 393 
UO7 C32  C Y N 394 
UO7 C33  C Y N 395 
UO7 C35  C Y N 396 
UO7 C36  C N N 397 
UO7 C37  C N N 398 
UO7 C38  C N N 399 
UO7 N03  N N R 400 
UO7 N04  N N N 401 
UO7 N09  N N N 402 
UO7 N15  N N N 403 
UO7 N34  N Y N 404 
UO7 O10  O N N 405 
UO7 O18  O N N 406 
UO7 O20  O N N 407 
UO7 O22  O N N 408 
UO7 O30  O N N 409 
UO7 H1   H N N 410 
UO7 H2   H N N 411 
UO7 H3   H N N 412 
UO7 H4   H N N 413 
UO7 H5   H N N 414 
UO7 H6   H N N 415 
UO7 H7   H N N 416 
UO7 H8   H N N 417 
UO7 H9   H N N 418 
UO7 H10  H N N 419 
UO7 H11  H N N 420 
UO7 H12  H N N 421 
UO7 H13  H N N 422 
UO7 H14  H N N 423 
UO7 H15  H N N 424 
UO7 H16  H N N 425 
UO7 H17  H N N 426 
UO7 H18  H N N 427 
UO7 H19  H N N 428 
UO7 H20  H N N 429 
UO7 H21  H N N 430 
UO7 H22  H N N 431 
UO7 H23  H N N 432 
UO7 H24  H N N 433 
UO7 H25  H N N 434 
UO7 H26  H N N 435 
UO7 H27  H N N 436 
UO7 H28  H N N 437 
UO7 H29  H N N 438 
UO7 H30  H N N 439 
UO7 H31  H N N 440 
UO7 H32  H N N 441 
UO7 H33  H N N 442 
UO7 H34  H N N 443 
UO7 H35  H N N 444 
VAL N    N N N 445 
VAL CA   C N S 446 
VAL C    C N N 447 
VAL O    O N N 448 
VAL CB   C N N 449 
VAL CG1  C N N 450 
VAL CG2  C N N 451 
VAL OXT  O N N 452 
VAL H    H N N 453 
VAL H2   H N N 454 
VAL HA   H N N 455 
VAL HB   H N N 456 
VAL HG11 H N N 457 
VAL HG12 H N N 458 
VAL HG13 H N N 459 
VAL HG21 H N N 460 
VAL HG22 H N N 461 
VAL HG23 H N N 462 
VAL HXT  H N N 463 
# 
loop_
_chem_comp_bond.comp_id 
_chem_comp_bond.atom_id_1 
_chem_comp_bond.atom_id_2 
_chem_comp_bond.value_order 
_chem_comp_bond.pdbx_aromatic_flag 
_chem_comp_bond.pdbx_stereo_config 
_chem_comp_bond.pdbx_ordinal 
ALA N   CA   sing N N 1   
ALA N   H    sing N N 2   
ALA N   H2   sing N N 3   
ALA CA  C    sing N N 4   
ALA CA  CB   sing N N 5   
ALA CA  HA   sing N N 6   
ALA C   O    doub N N 7   
ALA C   OXT  sing N N 8   
ALA CB  HB1  sing N N 9   
ALA CB  HB2  sing N N 10  
ALA CB  HB3  sing N N 11  
ALA OXT HXT  sing N N 12  
ARG N   CA   sing N N 13  
ARG N   H    sing N N 14  
ARG N   H2   sing N N 15  
ARG CA  C    sing N N 16  
ARG CA  CB   sing N N 17  
ARG CA  HA   sing N N 18  
ARG C   O    doub N N 19  
ARG C   OXT  sing N N 20  
ARG CB  CG   sing N N 21  
ARG CB  HB2  sing N N 22  
ARG CB  HB3  sing N N 23  
ARG CG  CD   sing N N 24  
ARG CG  HG2  sing N N 25  
ARG CG  HG3  sing N N 26  
ARG CD  NE   sing N N 27  
ARG CD  HD2  sing N N 28  
ARG CD  HD3  sing N N 29  
ARG NE  CZ   sing N N 30  
ARG NE  HE   sing N N 31  
ARG CZ  NH1  sing N N 32  
ARG CZ  NH2  doub N N 33  
ARG NH1 HH11 sing N N 34  
ARG NH1 HH12 sing N N 35  
ARG NH2 HH21 sing N N 36  
ARG NH2 HH22 sing N N 37  
ARG OXT HXT  sing N N 38  
ASN N   CA   sing N N 39  
ASN N   H    sing N N 40  
ASN N   H2   sing N N 41  
ASN CA  C    sing N N 42  
ASN CA  CB   sing N N 43  
ASN CA  HA   sing N N 44  
ASN C   O    doub N N 45  
ASN C   OXT  sing N N 46  
ASN CB  CG   sing N N 47  
ASN CB  HB2  sing N N 48  
ASN CB  HB3  sing N N 49  
ASN CG  OD1  doub N N 50  
ASN CG  ND2  sing N N 51  
ASN ND2 HD21 sing N N 52  
ASN ND2 HD22 sing N N 53  
ASN OXT HXT  sing N N 54  
ASP N   CA   sing N N 55  
ASP N   H    sing N N 56  
ASP N   H2   sing N N 57  
ASP CA  C    sing N N 58  
ASP CA  CB   sing N N 59  
ASP CA  HA   sing N N 60  
ASP C   O    doub N N 61  
ASP C   OXT  sing N N 62  
ASP CB  CG   sing N N 63  
ASP CB  HB2  sing N N 64  
ASP CB  HB3  sing N N 65  
ASP CG  OD1  doub N N 66  
ASP CG  OD2  sing N N 67  
ASP OD2 HD2  sing N N 68  
ASP OXT HXT  sing N N 69  
CYS N   CA   sing N N 70  
CYS N   H    sing N N 71  
CYS N   H2   sing N N 72  
CYS CA  C    sing N N 73  
CYS CA  CB   sing N N 74  
CYS CA  HA   sing N N 75  
CYS C   O    doub N N 76  
CYS C   OXT  sing N N 77  
CYS CB  SG   sing N N 78  
CYS CB  HB2  sing N N 79  
CYS CB  HB3  sing N N 80  
CYS SG  HG   sing N N 81  
CYS OXT HXT  sing N N 82  
GLN N   CA   sing N N 83  
GLN N   H    sing N N 84  
GLN N   H2   sing N N 85  
GLN CA  C    sing N N 86  
GLN CA  CB   sing N N 87  
GLN CA  HA   sing N N 88  
GLN C   O    doub N N 89  
GLN C   OXT  sing N N 90  
GLN CB  CG   sing N N 91  
GLN CB  HB2  sing N N 92  
GLN CB  HB3  sing N N 93  
GLN CG  CD   sing N N 94  
GLN CG  HG2  sing N N 95  
GLN CG  HG3  sing N N 96  
GLN CD  OE1  doub N N 97  
GLN CD  NE2  sing N N 98  
GLN NE2 HE21 sing N N 99  
GLN NE2 HE22 sing N N 100 
GLN OXT HXT  sing N N 101 
GLU N   CA   sing N N 102 
GLU N   H    sing N N 103 
GLU N   H2   sing N N 104 
GLU CA  C    sing N N 105 
GLU CA  CB   sing N N 106 
GLU CA  HA   sing N N 107 
GLU C   O    doub N N 108 
GLU C   OXT  sing N N 109 
GLU CB  CG   sing N N 110 
GLU CB  HB2  sing N N 111 
GLU CB  HB3  sing N N 112 
GLU CG  CD   sing N N 113 
GLU CG  HG2  sing N N 114 
GLU CG  HG3  sing N N 115 
GLU CD  OE1  doub N N 116 
GLU CD  OE2  sing N N 117 
GLU OE2 HE2  sing N N 118 
GLU OXT HXT  sing N N 119 
GLY N   CA   sing N N 120 
GLY N   H    sing N N 121 
GLY N   H2   sing N N 122 
GLY CA  C    sing N N 123 
GLY CA  HA2  sing N N 124 
GLY CA  HA3  sing N N 125 
GLY C   O    doub N N 126 
GLY C   OXT  sing N N 127 
GLY OXT HXT  sing N N 128 
HIS N   CA   sing N N 129 
HIS N   H    sing N N 130 
HIS N   H2   sing N N 131 
HIS CA  C    sing N N 132 
HIS CA  CB   sing N N 133 
HIS CA  HA   sing N N 134 
HIS C   O    doub N N 135 
HIS C   OXT  sing N N 136 
HIS CB  CG   sing N N 137 
HIS CB  HB2  sing N N 138 
HIS CB  HB3  sing N N 139 
HIS CG  ND1  sing Y N 140 
HIS CG  CD2  doub Y N 141 
HIS ND1 CE1  doub Y N 142 
HIS ND1 HD1  sing N N 143 
HIS CD2 NE2  sing Y N 144 
HIS CD2 HD2  sing N N 145 
HIS CE1 NE2  sing Y N 146 
HIS CE1 HE1  sing N N 147 
HIS NE2 HE2  sing N N 148 
HIS OXT HXT  sing N N 149 
HOH O   H1   sing N N 150 
HOH O   H2   sing N N 151 
ILE N   CA   sing N N 152 
ILE N   H    sing N N 153 
ILE N   H2   sing N N 154 
ILE CA  C    sing N N 155 
ILE CA  CB   sing N N 156 
ILE CA  HA   sing N N 157 
ILE C   O    doub N N 158 
ILE C   OXT  sing N N 159 
ILE CB  CG1  sing N N 160 
ILE CB  CG2  sing N N 161 
ILE CB  HB   sing N N 162 
ILE CG1 CD1  sing N N 163 
ILE CG1 HG12 sing N N 164 
ILE CG1 HG13 sing N N 165 
ILE CG2 HG21 sing N N 166 
ILE CG2 HG22 sing N N 167 
ILE CG2 HG23 sing N N 168 
ILE CD1 HD11 sing N N 169 
ILE CD1 HD12 sing N N 170 
ILE CD1 HD13 sing N N 171 
ILE OXT HXT  sing N N 172 
LEU N   CA   sing N N 173 
LEU N   H    sing N N 174 
LEU N   H2   sing N N 175 
LEU CA  C    sing N N 176 
LEU CA  CB   sing N N 177 
LEU CA  HA   sing N N 178 
LEU C   O    doub N N 179 
LEU C   OXT  sing N N 180 
LEU CB  CG   sing N N 181 
LEU CB  HB2  sing N N 182 
LEU CB  HB3  sing N N 183 
LEU CG  CD1  sing N N 184 
LEU CG  CD2  sing N N 185 
LEU CG  HG   sing N N 186 
LEU CD1 HD11 sing N N 187 
LEU CD1 HD12 sing N N 188 
LEU CD1 HD13 sing N N 189 
LEU CD2 HD21 sing N N 190 
LEU CD2 HD22 sing N N 191 
LEU CD2 HD23 sing N N 192 
LEU OXT HXT  sing N N 193 
LYS N   CA   sing N N 194 
LYS N   H    sing N N 195 
LYS N   H2   sing N N 196 
LYS CA  C    sing N N 197 
LYS CA  CB   sing N N 198 
LYS CA  HA   sing N N 199 
LYS C   O    doub N N 200 
LYS C   OXT  sing N N 201 
LYS CB  CG   sing N N 202 
LYS CB  HB2  sing N N 203 
LYS CB  HB3  sing N N 204 
LYS CG  CD   sing N N 205 
LYS CG  HG2  sing N N 206 
LYS CG  HG3  sing N N 207 
LYS CD  CE   sing N N 208 
LYS CD  HD2  sing N N 209 
LYS CD  HD3  sing N N 210 
LYS CE  NZ   sing N N 211 
LYS CE  HE2  sing N N 212 
LYS CE  HE3  sing N N 213 
LYS NZ  HZ1  sing N N 214 
LYS NZ  HZ2  sing N N 215 
LYS NZ  HZ3  sing N N 216 
LYS OXT HXT  sing N N 217 
MET N   CA   sing N N 218 
MET N   H    sing N N 219 
MET N   H2   sing N N 220 
MET CA  C    sing N N 221 
MET CA  CB   sing N N 222 
MET CA  HA   sing N N 223 
MET C   O    doub N N 224 
MET C   OXT  sing N N 225 
MET CB  CG   sing N N 226 
MET CB  HB2  sing N N 227 
MET CB  HB3  sing N N 228 
MET CG  SD   sing N N 229 
MET CG  HG2  sing N N 230 
MET CG  HG3  sing N N 231 
MET SD  CE   sing N N 232 
MET CE  HE1  sing N N 233 
MET CE  HE2  sing N N 234 
MET CE  HE3  sing N N 235 
MET OXT HXT  sing N N 236 
PHE N   CA   sing N N 237 
PHE N   H    sing N N 238 
PHE N   H2   sing N N 239 
PHE CA  C    sing N N 240 
PHE CA  CB   sing N N 241 
PHE CA  HA   sing N N 242 
PHE C   O    doub N N 243 
PHE C   OXT  sing N N 244 
PHE CB  CG   sing N N 245 
PHE CB  HB2  sing N N 246 
PHE CB  HB3  sing N N 247 
PHE CG  CD1  doub Y N 248 
PHE CG  CD2  sing Y N 249 
PHE CD1 CE1  sing Y N 250 
PHE CD1 HD1  sing N N 251 
PHE CD2 CE2  doub Y N 252 
PHE CD2 HD2  sing N N 253 
PHE CE1 CZ   doub Y N 254 
PHE CE1 HE1  sing N N 255 
PHE CE2 CZ   sing Y N 256 
PHE CE2 HE2  sing N N 257 
PHE CZ  HZ   sing N N 258 
PHE OXT HXT  sing N N 259 
PRO N   CA   sing N N 260 
PRO N   CD   sing N N 261 
PRO N   H    sing N N 262 
PRO CA  C    sing N N 263 
PRO CA  CB   sing N N 264 
PRO CA  HA   sing N N 265 
PRO C   O    doub N N 266 
PRO C   OXT  sing N N 267 
PRO CB  CG   sing N N 268 
PRO CB  HB2  sing N N 269 
PRO CB  HB3  sing N N 270 
PRO CG  CD   sing N N 271 
PRO CG  HG2  sing N N 272 
PRO CG  HG3  sing N N 273 
PRO CD  HD2  sing N N 274 
PRO CD  HD3  sing N N 275 
PRO OXT HXT  sing N N 276 
SER N   CA   sing N N 277 
SER N   H    sing N N 278 
SER N   H2   sing N N 279 
SER CA  C    sing N N 280 
SER CA  CB   sing N N 281 
SER CA  HA   sing N N 282 
SER C   O    doub N N 283 
SER C   OXT  sing N N 284 
SER CB  OG   sing N N 285 
SER CB  HB2  sing N N 286 
SER CB  HB3  sing N N 287 
SER OG  HG   sing N N 288 
SER OXT HXT  sing N N 289 
THR N   CA   sing N N 290 
THR N   H    sing N N 291 
THR N   H2   sing N N 292 
THR CA  C    sing N N 293 
THR CA  CB   sing N N 294 
THR CA  HA   sing N N 295 
THR C   O    doub N N 296 
THR C   OXT  sing N N 297 
THR CB  OG1  sing N N 298 
THR CB  CG2  sing N N 299 
THR CB  HB   sing N N 300 
THR OG1 HG1  sing N N 301 
THR CG2 HG21 sing N N 302 
THR CG2 HG22 sing N N 303 
THR CG2 HG23 sing N N 304 
THR OXT HXT  sing N N 305 
TRP N   CA   sing N N 306 
TRP N   H    sing N N 307 
TRP N   H2   sing N N 308 
TRP CA  C    sing N N 309 
TRP CA  CB   sing N N 310 
TRP CA  HA   sing N N 311 
TRP C   O    doub N N 312 
TRP C   OXT  sing N N 313 
TRP CB  CG   sing N N 314 
TRP CB  HB2  sing N N 315 
TRP CB  HB3  sing N N 316 
TRP CG  CD1  doub Y N 317 
TRP CG  CD2  sing Y N 318 
TRP CD1 NE1  sing Y N 319 
TRP CD1 HD1  sing N N 320 
TRP CD2 CE2  doub Y N 321 
TRP CD2 CE3  sing Y N 322 
TRP NE1 CE2  sing Y N 323 
TRP NE1 HE1  sing N N 324 
TRP CE2 CZ2  sing Y N 325 
TRP CE3 CZ3  doub Y N 326 
TRP CE3 HE3  sing N N 327 
TRP CZ2 CH2  doub Y N 328 
TRP CZ2 HZ2  sing N N 329 
TRP CZ3 CH2  sing Y N 330 
TRP CZ3 HZ3  sing N N 331 
TRP CH2 HH2  sing N N 332 
TRP OXT HXT  sing N N 333 
TYR N   CA   sing N N 334 
TYR N   H    sing N N 335 
TYR N   H2   sing N N 336 
TYR CA  C    sing N N 337 
TYR CA  CB   sing N N 338 
TYR CA  HA   sing N N 339 
TYR C   O    doub N N 340 
TYR C   OXT  sing N N 341 
TYR CB  CG   sing N N 342 
TYR CB  HB2  sing N N 343 
TYR CB  HB3  sing N N 344 
TYR CG  CD1  doub Y N 345 
TYR CG  CD2  sing Y N 346 
TYR CD1 CE1  sing Y N 347 
TYR CD1 HD1  sing N N 348 
TYR CD2 CE2  doub Y N 349 
TYR CD2 HD2  sing N N 350 
TYR CE1 CZ   doub Y N 351 
TYR CE1 HE1  sing N N 352 
TYR CE2 CZ   sing Y N 353 
TYR CE2 HE2  sing N N 354 
TYR CZ  OH   sing N N 355 
TYR OH  HH   sing N N 356 
TYR OXT HXT  sing N N 357 
UO7 C31 C26  sing N N 358 
UO7 C26 O18  sing N N 359 
UO7 C26 C23  sing N N 360 
UO7 O18 C17  sing N N 361 
UO7 C19 C08  sing N N 362 
UO7 O22 C16  doub N N 363 
UO7 C23 C24  doub Y N 364 
UO7 C23 C29  sing Y N 365 
UO7 C24 C25  sing Y N 366 
UO7 C37 C38  sing N N 367 
UO7 C37 C36  doub N E 368 
UO7 C38 C16  sing N N 369 
UO7 C29 C28  doub Y N 370 
UO7 C25 C32  doub Y N 371 
UO7 C25 C27  sing Y N 372 
UO7 C32 C33  sing Y N 373 
UO7 C16 N15  sing N N 374 
UO7 C05 C17  sing N N 375 
UO7 C05 C06  sing N N 376 
UO7 C05 N04  sing N N 377 
UO7 C17 O30  doub N N 378 
UO7 C08 N09  sing N N 379 
UO7 C08 C07  sing N N 380 
UO7 C28 C27  sing Y N 381 
UO7 C27 C35  doub Y N 382 
UO7 C33 C36  sing N N 383 
UO7 C33 N34  doub Y N 384 
UO7 C06 C01  sing N N 385 
UO7 N09 C14  sing N N 386 
UO7 C01 C02  sing N N 387 
UO7 C07 O10  doub N N 388 
UO7 C07 N03  sing N N 389 
UO7 C35 N34  sing Y N 390 
UO7 N04 N03  sing N N 391 
UO7 N03 C02  sing N N 392 
UO7 N15 C13  sing N N 393 
UO7 C14 C13  sing N N 394 
UO7 C14 O20  doub N N 395 
UO7 C13 C12  sing N N 396 
UO7 C12 C21  sing N N 397 
UO7 C12 C11  sing N N 398 
UO7 C12 H1   sing N N 399 
UO7 C11 H2   sing N N 400 
UO7 C11 H3   sing N N 401 
UO7 C11 H4   sing N N 402 
UO7 C01 H5   sing N N 403 
UO7 C01 H6   sing N N 404 
UO7 C02 H7   sing N N 405 
UO7 C02 H8   sing N N 406 
UO7 C05 H9   sing N N 407 
UO7 C06 H10  sing N N 408 
UO7 C06 H11  sing N N 409 
UO7 C08 H12  sing N N 410 
UO7 C13 H13  sing N N 411 
UO7 C19 H14  sing N N 412 
UO7 C19 H15  sing N N 413 
UO7 C19 H16  sing N N 414 
UO7 C21 H17  sing N N 415 
UO7 C21 H18  sing N N 416 
UO7 C21 H19  sing N N 417 
UO7 C24 H20  sing N N 418 
UO7 C26 H21  sing N N 419 
UO7 C28 H22  sing N N 420 
UO7 C29 H23  sing N N 421 
UO7 C31 H24  sing N N 422 
UO7 C31 H25  sing N N 423 
UO7 C31 H26  sing N N 424 
UO7 C32 H27  sing N N 425 
UO7 C35 H28  sing N N 426 
UO7 C36 H29  sing N N 427 
UO7 C37 H30  sing N N 428 
UO7 C38 H31  sing N N 429 
UO7 C38 H32  sing N N 430 
UO7 N04 H33  sing N N 431 
UO7 N09 H34  sing N N 432 
UO7 N15 H35  sing N N 433 
VAL N   CA   sing N N 434 
VAL N   H    sing N N 435 
VAL N   H2   sing N N 436 
VAL CA  C    sing N N 437 
VAL CA  CB   sing N N 438 
VAL CA  HA   sing N N 439 
VAL C   O    doub N N 440 
VAL C   OXT  sing N N 441 
VAL CB  CG1  sing N N 442 
VAL CB  CG2  sing N N 443 
VAL CB  HB   sing N N 444 
VAL CG1 HG11 sing N N 445 
VAL CG1 HG12 sing N N 446 
VAL CG1 HG13 sing N N 447 
VAL CG2 HG21 sing N N 448 
VAL CG2 HG22 sing N N 449 
VAL CG2 HG23 sing N N 450 
VAL OXT HXT  sing N N 451 
# 
_pdbx_entity_instance_feature.ordinal        1 
_pdbx_entity_instance_feature.comp_id        UO7 
_pdbx_entity_instance_feature.asym_id        ? 
_pdbx_entity_instance_feature.seq_num        ? 
_pdbx_entity_instance_feature.auth_comp_id   UO7 
_pdbx_entity_instance_feature.auth_asym_id   ? 
_pdbx_entity_instance_feature.auth_seq_num   ? 
_pdbx_entity_instance_feature.feature_type   'SUBJECT OF INVESTIGATION' 
_pdbx_entity_instance_feature.details        ? 
# 
loop_
_pdbx_entity_nonpoly.entity_id 
_pdbx_entity_nonpoly.name 
_pdbx_entity_nonpoly.comp_id 
2 
;(2R,5S,11S,14S,18E)-2,11-dimethyl-14-(propan-2-yl)-3-oxa-9,12,15,21,29-pentaazatetracyclo[18.5.3.1~5,9~.0~23,27~]nonacosa-1(26),18,20,22,24,27-hexaene-4,10,13,16-tetrone
;
UO7 
3 water HOH 
# 
_pdbx_initial_refinement_model.id               1 
_pdbx_initial_refinement_model.entity_id_list   ? 
_pdbx_initial_refinement_model.type             'experimental model' 
_pdbx_initial_refinement_model.source_name      PDB 
_pdbx_initial_refinement_model.accession_code   2CPL 
_pdbx_initial_refinement_model.details          'PDB entry 2CPL' 
# 
_pdbx_struct_assembly_auth_evidence.id                     1 
_pdbx_struct_assembly_auth_evidence.assembly_id            1 
_pdbx_struct_assembly_auth_evidence.experimental_support   'gel filtration' 
_pdbx_struct_assembly_auth_evidence.details                ? 
# 
_space_group.name_H-M_alt     'P 21 21 21' 
_space_group.name_Hall        'P 2ac 2ab' 
_space_group.IT_number        19 
_space_group.crystal_system   orthorhombic 
_space_group.id               1 
# 
